data_9HMP
#
_entry.id   9HMP
#
_cell.length_a   259.440
_cell.length_b   259.440
_cell.length_c   236.110
_cell.angle_alpha   90.00
_cell.angle_beta   90.00
_cell.angle_gamma   120.00
#
_symmetry.space_group_name_H-M   'P 65 2 2'
#
loop_
_entity.id
_entity.type
_entity.pdbx_description
1 polymer 'tRNA threonylcarbamoyladenosine dehydratase 1'
2 non-polymer 'ADENOSINE MONOPHOSPHATE'
3 non-polymer 'CHLORIDE ION'
4 non-polymer 'SODIUM ION'
5 non-polymer GLYCEROL
6 water water
#
_entity_poly.entity_id   1
_entity_poly.type   'polypeptide(L)'
_entity_poly.pdbx_seq_one_letter_code
;GSDHLFREQLARNYAFLGEEGMRKIKEQYIVIVGAGEVGSWVCTMLIRSGCQKIMIIDPENISIDSLNTHCCAVLSDIGK
PKVQCLKEHLSKIAPWSEIKARAKAWTKENSHDLIFADGESPTFIVDCLDNLESKVDLLEYAHHNKIDVISSMGVATKSD
PTRVSINDISMTEFDPISRCVRRKLRKRGIATGISVVFSNEMLDPRRDDILSPIDCEHRAINAVRDEALRHLPELGTMPG
IFGLSIATWILTKVSGYPMKENEVKNRLKFYDSILETFQKQMARLNENKERSSLLGLEEVGYIVEEMFRGKSPISGYSTK
LALTKWEANKEISLTNVVLMTKEEQEIHEKRILLDGEKLTAVYSEEVLDFIERLFKEEEYYS
;
_entity_poly.pdbx_strand_id   A,B,C,D
#
# COMPACT_ATOMS: atom_id res chain seq x y z
N ASP A 3 -34.09 -17.72 -0.04
CA ASP A 3 -34.79 -18.60 -1.03
C ASP A 3 -35.42 -17.73 -2.12
N HIS A 4 -36.51 -17.01 -1.79
CA HIS A 4 -37.33 -16.17 -2.70
C HIS A 4 -36.84 -14.71 -2.65
N LEU A 5 -35.83 -14.42 -1.81
CA LEU A 5 -35.19 -13.07 -1.68
C LEU A 5 -34.04 -12.96 -2.70
N PHE A 6 -33.38 -14.09 -3.01
CA PHE A 6 -32.31 -14.22 -4.03
C PHE A 6 -32.85 -13.85 -5.42
N ARG A 7 -34.03 -14.37 -5.78
CA ARG A 7 -34.64 -14.23 -7.13
C ARG A 7 -34.93 -12.76 -7.45
N GLU A 8 -35.22 -11.94 -6.44
CA GLU A 8 -35.58 -10.50 -6.63
C GLU A 8 -34.30 -9.69 -6.88
N GLN A 9 -33.13 -10.19 -6.46
CA GLN A 9 -31.82 -9.50 -6.66
C GLN A 9 -31.40 -9.59 -8.13
N LEU A 10 -31.71 -10.69 -8.80
CA LEU A 10 -31.31 -10.95 -10.21
C LEU A 10 -32.52 -10.86 -11.14
N ALA A 11 -33.65 -10.34 -10.65
CA ALA A 11 -34.96 -10.28 -11.35
C ALA A 11 -34.73 -9.91 -12.83
N ARG A 12 -33.76 -9.02 -13.09
CA ARG A 12 -33.45 -8.49 -14.45
C ARG A 12 -33.06 -9.65 -15.37
N ASN A 13 -32.10 -10.47 -14.93
CA ASN A 13 -31.54 -11.60 -15.72
C ASN A 13 -32.61 -12.72 -15.83
N TYR A 14 -33.42 -12.90 -14.79
CA TYR A 14 -34.55 -13.88 -14.81
C TYR A 14 -35.52 -13.51 -15.94
N ALA A 15 -35.81 -12.22 -16.10
CA ALA A 15 -36.75 -11.67 -17.12
C ALA A 15 -36.15 -11.80 -18.53
N PHE A 16 -34.82 -11.74 -18.65
CA PHE A 16 -34.09 -11.70 -19.95
C PHE A 16 -33.85 -13.13 -20.47
N LEU A 17 -33.03 -13.90 -19.76
CA LEU A 17 -32.58 -15.27 -20.18
C LEU A 17 -33.71 -16.28 -19.99
N GLY A 18 -34.63 -16.02 -19.05
CA GLY A 18 -35.79 -16.89 -18.75
C GLY A 18 -35.49 -17.83 -17.60
N GLU A 19 -36.49 -18.62 -17.18
CA GLU A 19 -36.37 -19.58 -16.05
C GLU A 19 -35.39 -20.69 -16.43
N GLU A 20 -35.57 -21.30 -17.61
CA GLU A 20 -34.78 -22.45 -18.12
C GLU A 20 -33.30 -22.05 -18.22
N GLY A 21 -33.02 -20.88 -18.83
CA GLY A 21 -31.67 -20.35 -19.00
C GLY A 21 -30.97 -20.16 -17.67
N MET A 22 -31.59 -19.40 -16.76
CA MET A 22 -31.00 -18.96 -15.47
C MET A 22 -30.71 -20.18 -14.58
N ARG A 23 -31.67 -21.11 -14.52
CA ARG A 23 -31.55 -22.40 -13.77
C ARG A 23 -30.22 -23.08 -14.14
N LYS A 24 -29.80 -22.99 -15.41
CA LYS A 24 -28.60 -23.67 -15.96
C LYS A 24 -27.32 -23.04 -15.42
N ILE A 25 -27.34 -21.73 -15.11
CA ILE A 25 -26.14 -20.95 -14.67
C ILE A 25 -25.81 -21.33 -13.22
N LYS A 26 -26.82 -21.38 -12.36
CA LYS A 26 -26.66 -21.67 -10.90
C LYS A 26 -25.84 -22.95 -10.72
N GLU A 27 -26.22 -24.03 -11.42
CA GLU A 27 -25.68 -25.41 -11.26
C GLU A 27 -24.21 -25.50 -11.66
N GLN A 28 -23.71 -24.51 -12.42
CA GLN A 28 -22.32 -24.51 -12.96
C GLN A 28 -21.29 -24.21 -11.86
N TYR A 29 -20.02 -24.48 -12.17
CA TYR A 29 -18.83 -24.28 -11.31
C TYR A 29 -17.70 -23.76 -12.21
N ILE A 30 -17.23 -22.54 -11.96
CA ILE A 30 -16.25 -21.83 -12.83
C ILE A 30 -14.93 -21.69 -12.08
N VAL A 31 -13.81 -21.80 -12.82
CA VAL A 31 -12.42 -21.64 -12.29
C VAL A 31 -11.79 -20.42 -12.95
N ILE A 32 -11.47 -19.41 -12.15
CA ILE A 32 -10.78 -18.17 -12.60
C ILE A 32 -9.31 -18.32 -12.21
N VAL A 33 -8.43 -18.39 -13.20
CA VAL A 33 -6.95 -18.44 -12.99
C VAL A 33 -6.40 -17.05 -13.29
N GLY A 34 -6.09 -16.29 -12.23
CA GLY A 34 -5.74 -14.86 -12.32
C GLY A 34 -6.84 -14.00 -11.72
N ALA A 35 -6.59 -13.44 -10.54
CA ALA A 35 -7.48 -12.50 -9.81
C ALA A 35 -7.00 -11.06 -10.06
N GLY A 36 -6.40 -10.82 -11.23
CA GLY A 36 -5.73 -9.56 -11.57
C GLY A 36 -6.71 -8.51 -12.05
N GLU A 37 -6.19 -7.50 -12.74
CA GLU A 37 -6.96 -6.30 -13.18
C GLU A 37 -8.06 -6.72 -14.17
N VAL A 38 -7.92 -7.87 -14.85
CA VAL A 38 -8.92 -8.37 -15.86
C VAL A 38 -9.78 -9.46 -15.23
N GLY A 39 -9.20 -10.35 -14.43
CA GLY A 39 -9.92 -11.45 -13.77
C GLY A 39 -10.87 -10.94 -12.71
N SER A 40 -10.39 -10.01 -11.88
CA SER A 40 -11.17 -9.29 -10.85
C SER A 40 -12.63 -9.19 -11.27
N TRP A 41 -12.86 -8.61 -12.46
CA TRP A 41 -14.19 -8.26 -13.00
C TRP A 41 -15.02 -9.53 -13.22
N VAL A 42 -14.47 -10.50 -13.94
CA VAL A 42 -15.15 -11.80 -14.22
C VAL A 42 -15.77 -12.28 -12.91
N CYS A 43 -14.92 -12.61 -11.92
CA CYS A 43 -15.32 -13.12 -10.58
C CYS A 43 -16.52 -12.35 -10.05
N THR A 44 -16.42 -11.01 -10.04
CA THR A 44 -17.49 -10.11 -9.57
C THR A 44 -18.73 -10.36 -10.44
N MET A 45 -18.65 -9.96 -11.72
CA MET A 45 -19.80 -9.96 -12.68
C MET A 45 -20.51 -11.32 -12.67
N LEU A 46 -19.76 -12.42 -12.80
CA LEU A 46 -20.28 -13.82 -12.70
C LEU A 46 -21.16 -13.96 -11.45
N ILE A 47 -20.65 -13.49 -10.30
CA ILE A 47 -21.31 -13.60 -8.97
C ILE A 47 -22.47 -12.61 -8.89
N ARG A 48 -22.25 -11.37 -9.34
CA ARG A 48 -23.31 -10.33 -9.35
C ARG A 48 -24.48 -10.84 -10.20
N SER A 49 -24.18 -11.40 -11.37
CA SER A 49 -25.18 -11.98 -12.32
C SER A 49 -25.66 -13.35 -11.82
N GLY A 50 -24.94 -13.98 -10.88
CA GLY A 50 -25.49 -14.96 -9.93
C GLY A 50 -25.10 -16.40 -10.20
N CYS A 51 -23.79 -16.71 -10.17
CA CYS A 51 -23.27 -18.09 -10.08
C CYS A 51 -23.01 -18.40 -8.60
N GLN A 52 -23.44 -19.57 -8.11
CA GLN A 52 -23.32 -19.95 -6.68
C GLN A 52 -21.85 -20.29 -6.36
N LYS A 53 -21.18 -21.05 -7.24
CA LYS A 53 -19.81 -21.60 -6.99
C LYS A 53 -18.84 -21.13 -8.07
N ILE A 54 -17.77 -20.43 -7.68
CA ILE A 54 -16.58 -20.13 -8.54
C ILE A 54 -15.31 -20.29 -7.69
N MET A 55 -14.17 -20.49 -8.34
CA MET A 55 -12.84 -20.59 -7.68
C MET A 55 -11.88 -19.55 -8.28
N ILE A 56 -11.13 -18.85 -7.42
CA ILE A 56 -10.07 -17.88 -7.82
C ILE A 56 -8.71 -18.43 -7.41
N ILE A 57 -7.77 -18.46 -8.36
CA ILE A 57 -6.40 -18.98 -8.19
C ILE A 57 -5.43 -17.85 -8.54
N ASP A 58 -4.76 -17.29 -7.54
CA ASP A 58 -3.77 -16.19 -7.71
C ASP A 58 -2.95 -16.06 -6.43
N PRO A 59 -1.60 -16.15 -6.51
CA PRO A 59 -0.75 -16.04 -5.32
C PRO A 59 -0.56 -14.60 -4.84
N GLU A 60 -0.24 -13.68 -5.75
CA GLU A 60 0.30 -12.32 -5.41
C GLU A 60 -0.75 -11.51 -4.62
N ASN A 61 -0.29 -10.46 -3.94
CA ASN A 61 -1.09 -9.50 -3.15
C ASN A 61 -1.39 -8.24 -3.98
N ILE A 62 -2.44 -7.51 -3.60
CA ILE A 62 -2.86 -6.25 -4.28
C ILE A 62 -1.82 -5.17 -3.98
N SER A 63 -1.00 -4.84 -4.99
CA SER A 63 -0.04 -3.72 -4.96
C SER A 63 -0.79 -2.40 -5.21
N ILE A 64 -0.33 -1.32 -4.57
CA ILE A 64 -0.90 0.07 -4.66
C ILE A 64 -1.25 0.40 -6.13
N ASP A 65 -0.51 -0.16 -7.09
CA ASP A 65 -0.73 0.00 -8.57
C ASP A 65 -2.18 -0.32 -8.93
N SER A 66 -2.72 -1.44 -8.42
CA SER A 66 -3.92 -2.13 -8.95
C SER A 66 -5.21 -1.35 -8.63
N LEU A 67 -5.14 -0.33 -7.78
CA LEU A 67 -6.32 0.45 -7.32
C LEU A 67 -6.80 1.40 -8.43
N ASN A 68 -6.11 1.36 -9.56
CA ASN A 68 -6.46 2.19 -10.73
C ASN A 68 -7.49 1.42 -11.54
N THR A 69 -7.33 0.10 -11.57
CA THR A 69 -8.16 -0.80 -12.39
C THR A 69 -9.12 -1.64 -11.56
N HIS A 70 -8.57 -2.52 -10.72
CA HIS A 70 -9.32 -3.48 -9.86
C HIS A 70 -10.64 -2.88 -9.39
N CYS A 71 -11.75 -3.48 -9.82
CA CYS A 71 -13.12 -2.99 -9.55
C CYS A 71 -13.45 -2.91 -8.05
N CYS A 72 -13.08 -3.93 -7.28
CA CYS A 72 -13.53 -4.06 -5.88
C CYS A 72 -12.50 -3.68 -4.82
N ALA A 73 -11.28 -3.33 -5.21
CA ALA A 73 -10.25 -3.06 -4.17
C ALA A 73 -10.32 -1.64 -3.62
N VAL A 74 -9.51 -1.34 -2.61
CA VAL A 74 -9.49 0.02 -2.01
C VAL A 74 -8.24 0.16 -1.12
N LEU A 75 -7.75 1.40 -0.95
CA LEU A 75 -6.55 1.72 -0.12
C LEU A 75 -6.41 0.70 1.01
N SER A 76 -7.50 0.43 1.73
CA SER A 76 -7.57 -0.47 2.91
C SER A 76 -7.20 -1.92 2.54
N ASP A 77 -7.15 -2.29 1.25
CA ASP A 77 -6.89 -3.68 0.79
C ASP A 77 -5.49 -3.80 0.17
N ILE A 78 -4.63 -2.80 0.33
CA ILE A 78 -3.21 -2.85 -0.15
C ILE A 78 -2.49 -3.92 0.68
N GLY A 79 -1.91 -4.93 0.02
CA GLY A 79 -1.16 -6.03 0.65
C GLY A 79 -2.07 -7.16 1.09
N LYS A 80 -3.26 -7.25 0.50
CA LYS A 80 -4.24 -8.35 0.68
C LYS A 80 -4.08 -9.32 -0.48
N PRO A 81 -3.91 -10.64 -0.27
CA PRO A 81 -3.82 -11.59 -1.38
C PRO A 81 -5.02 -11.43 -2.33
N LYS A 82 -4.75 -11.20 -3.62
CA LYS A 82 -5.74 -10.74 -4.62
C LYS A 82 -7.03 -11.57 -4.48
N VAL A 83 -6.91 -12.90 -4.32
CA VAL A 83 -8.05 -13.82 -4.13
C VAL A 83 -8.75 -13.49 -2.80
N GLN A 84 -7.98 -13.29 -1.73
CA GLN A 84 -8.51 -13.05 -0.37
C GLN A 84 -9.40 -11.80 -0.41
N CYS A 85 -8.99 -10.77 -1.14
CA CYS A 85 -9.74 -9.49 -1.27
C CYS A 85 -11.10 -9.73 -1.95
N LEU A 86 -11.14 -10.51 -3.02
CA LEU A 86 -12.38 -10.81 -3.78
C LEU A 86 -13.41 -11.41 -2.83
N LYS A 87 -13.14 -12.61 -2.30
CA LYS A 87 -14.06 -13.35 -1.40
C LYS A 87 -14.59 -12.40 -0.31
N GLU A 88 -13.76 -11.46 0.15
CA GLU A 88 -14.13 -10.46 1.18
C GLU A 88 -15.10 -9.43 0.60
N HIS A 89 -14.87 -8.97 -0.64
CA HIS A 89 -15.65 -7.87 -1.30
C HIS A 89 -16.81 -8.45 -2.13
N LEU A 90 -17.00 -9.77 -2.13
CA LEU A 90 -18.14 -10.46 -2.79
C LEU A 90 -19.06 -11.11 -1.75
N SER A 91 -18.55 -11.39 -0.54
CA SER A 91 -19.34 -11.92 0.60
C SER A 91 -20.27 -10.83 1.17
N LYS A 92 -20.20 -9.61 0.64
CA LYS A 92 -21.14 -8.50 0.97
C LYS A 92 -22.15 -8.31 -0.18
N ILE A 93 -21.95 -8.99 -1.31
CA ILE A 93 -22.90 -8.99 -2.48
C ILE A 93 -23.80 -10.23 -2.38
N ALA A 94 -23.22 -11.38 -2.05
CA ALA A 94 -23.87 -12.70 -2.06
C ALA A 94 -23.32 -13.58 -0.93
N PRO A 95 -23.95 -13.58 0.26
CA PRO A 95 -23.58 -14.52 1.32
C PRO A 95 -23.85 -15.98 0.94
N TRP A 96 -24.84 -16.21 0.07
CA TRP A 96 -25.24 -17.55 -0.46
C TRP A 96 -24.09 -18.18 -1.23
N SER A 97 -23.31 -17.36 -1.95
CA SER A 97 -22.29 -17.79 -2.96
C SER A 97 -21.06 -18.39 -2.27
N GLU A 98 -20.76 -19.66 -2.57
CA GLU A 98 -19.49 -20.35 -2.23
C GLU A 98 -18.41 -19.82 -3.18
N ILE A 99 -17.31 -19.29 -2.63
CA ILE A 99 -16.20 -18.67 -3.41
C ILE A 99 -14.88 -19.26 -2.90
N LYS A 100 -14.40 -20.32 -3.56
CA LYS A 100 -13.14 -21.04 -3.20
C LYS A 100 -11.95 -20.15 -3.54
N ALA A 101 -11.28 -19.59 -2.52
CA ALA A 101 -10.13 -18.68 -2.66
C ALA A 101 -8.83 -19.46 -2.43
N ARG A 102 -7.94 -19.46 -3.42
CA ARG A 102 -6.67 -20.22 -3.40
C ARG A 102 -5.48 -19.25 -3.59
N ALA A 103 -4.80 -18.92 -2.48
CA ALA A 103 -3.59 -18.07 -2.43
C ALA A 103 -2.35 -18.90 -2.75
N LYS A 104 -2.36 -19.56 -3.91
CA LYS A 104 -1.28 -20.46 -4.41
C LYS A 104 -1.17 -20.27 -5.93
N ALA A 105 -0.03 -20.65 -6.50
CA ALA A 105 0.23 -20.63 -7.96
C ALA A 105 -0.40 -21.87 -8.61
N TRP A 106 -0.85 -21.75 -9.87
CA TRP A 106 -1.35 -22.89 -10.69
C TRP A 106 -0.19 -23.47 -11.50
N THR A 107 -0.12 -24.79 -11.63
CA THR A 107 0.88 -25.53 -12.45
C THR A 107 0.19 -26.69 -13.18
N LYS A 108 0.93 -27.39 -14.05
CA LYS A 108 0.46 -28.58 -14.81
C LYS A 108 0.25 -29.77 -13.85
N GLU A 109 0.99 -29.79 -12.74
CA GLU A 109 1.15 -30.98 -11.85
C GLU A 109 0.13 -30.92 -10.70
N ASN A 110 -0.18 -29.71 -10.21
CA ASN A 110 -1.07 -29.48 -9.04
C ASN A 110 -2.53 -29.32 -9.49
N SER A 111 -2.75 -29.06 -10.79
CA SER A 111 -4.08 -28.79 -11.39
C SER A 111 -5.05 -29.94 -11.09
N HIS A 112 -4.64 -31.18 -11.35
CA HIS A 112 -5.43 -32.42 -11.14
C HIS A 112 -6.03 -32.42 -9.72
N ASP A 113 -5.24 -32.06 -8.70
CA ASP A 113 -5.57 -32.20 -7.26
C ASP A 113 -6.17 -30.90 -6.69
N LEU A 114 -6.24 -29.82 -7.48
CA LEU A 114 -6.67 -28.46 -7.01
C LEU A 114 -8.05 -28.10 -7.56
N ILE A 115 -8.31 -28.36 -8.85
CA ILE A 115 -9.56 -27.95 -9.56
C ILE A 115 -10.68 -28.97 -9.27
N PHE A 116 -10.33 -30.26 -9.20
CA PHE A 116 -11.26 -31.39 -8.88
C PHE A 116 -11.57 -31.45 -7.38
N ALA A 117 -10.99 -30.54 -6.57
CA ALA A 117 -11.11 -30.50 -5.09
C ALA A 117 -12.58 -30.66 -4.68
N ASP A 118 -12.84 -31.53 -3.69
CA ASP A 118 -14.19 -31.93 -3.22
C ASP A 118 -14.92 -32.72 -4.31
N GLY A 119 -14.16 -33.37 -5.21
CA GLY A 119 -14.63 -34.37 -6.19
C GLY A 119 -15.66 -33.84 -7.18
N GLU A 120 -15.66 -32.52 -7.45
CA GLU A 120 -16.62 -31.85 -8.38
C GLU A 120 -15.85 -31.25 -9.56
N SER A 121 -16.21 -31.66 -10.79
CA SER A 121 -15.62 -31.15 -12.06
C SER A 121 -15.99 -29.68 -12.24
N PRO A 122 -15.20 -28.90 -13.01
CA PRO A 122 -15.58 -27.56 -13.42
C PRO A 122 -16.29 -27.49 -14.79
N THR A 123 -17.24 -26.57 -14.93
CA THR A 123 -17.95 -26.28 -16.20
C THR A 123 -17.04 -25.46 -17.12
N PHE A 124 -16.33 -24.49 -16.53
CA PHE A 124 -15.61 -23.41 -17.25
C PHE A 124 -14.30 -23.06 -16.54
N ILE A 125 -13.22 -22.95 -17.32
CA ILE A 125 -11.92 -22.34 -16.90
C ILE A 125 -11.81 -20.99 -17.60
N VAL A 126 -11.60 -19.92 -16.83
CA VAL A 126 -11.31 -18.56 -17.35
C VAL A 126 -9.83 -18.28 -17.07
N ASP A 127 -8.98 -18.34 -18.10
CA ASP A 127 -7.57 -17.86 -18.08
C ASP A 127 -7.58 -16.33 -18.02
N CYS A 128 -6.97 -15.74 -16.98
CA CYS A 128 -6.71 -14.29 -16.85
C CYS A 128 -5.27 -14.07 -16.36
N LEU A 129 -4.34 -14.87 -16.89
CA LEU A 129 -2.91 -14.89 -16.49
C LEU A 129 -2.13 -13.85 -17.30
N ASP A 130 -0.87 -13.62 -16.91
CA ASP A 130 0.08 -12.70 -17.58
C ASP A 130 1.27 -13.49 -18.13
N ASN A 131 1.80 -14.44 -17.35
CA ASN A 131 3.04 -15.21 -17.60
C ASN A 131 2.81 -16.21 -18.75
N LEU A 132 3.29 -15.85 -19.95
CA LEU A 132 3.17 -16.66 -21.20
C LEU A 132 3.32 -18.15 -20.87
N GLU A 133 4.44 -18.52 -20.25
CA GLU A 133 4.83 -19.92 -19.97
C GLU A 133 3.70 -20.65 -19.24
N SER A 134 3.00 -19.96 -18.33
CA SER A 134 1.94 -20.53 -17.46
C SER A 134 0.62 -20.66 -18.23
N LYS A 135 0.26 -19.65 -19.04
CA LYS A 135 -1.01 -19.61 -19.82
C LYS A 135 -1.08 -20.82 -20.74
N VAL A 136 -0.19 -20.87 -21.72
CA VAL A 136 -0.13 -21.94 -22.76
C VAL A 136 -0.37 -23.30 -22.07
N ASP A 137 0.31 -23.54 -20.93
CA ASP A 137 0.20 -24.79 -20.13
C ASP A 137 -1.25 -24.98 -19.68
N LEU A 138 -1.88 -23.93 -19.16
CA LEU A 138 -3.30 -23.93 -18.70
C LEU A 138 -4.21 -24.32 -19.87
N LEU A 139 -4.04 -23.67 -21.02
CA LEU A 139 -4.90 -23.87 -22.22
C LEU A 139 -4.72 -25.29 -22.76
N GLU A 140 -3.47 -25.76 -22.86
CA GLU A 140 -3.15 -27.16 -23.21
C GLU A 140 -4.00 -28.08 -22.33
N TYR A 141 -3.93 -27.90 -21.01
CA TYR A 141 -4.64 -28.70 -19.98
C TYR A 141 -6.15 -28.47 -20.10
N ALA A 142 -6.56 -27.25 -20.41
CA ALA A 142 -7.98 -26.86 -20.57
C ALA A 142 -8.59 -27.59 -21.76
N HIS A 143 -7.88 -27.62 -22.89
CA HIS A 143 -8.32 -28.24 -24.16
C HIS A 143 -8.32 -29.77 -24.02
N HIS A 144 -7.17 -30.34 -23.66
CA HIS A 144 -6.91 -31.81 -23.70
C HIS A 144 -7.89 -32.56 -22.79
N ASN A 145 -8.43 -31.90 -21.75
CA ASN A 145 -9.44 -32.49 -20.82
C ASN A 145 -10.87 -32.17 -21.28
N LYS A 146 -11.00 -31.49 -22.43
CA LYS A 146 -12.29 -31.08 -23.07
C LYS A 146 -13.18 -30.39 -22.02
N ILE A 147 -12.83 -29.15 -21.67
CA ILE A 147 -13.67 -28.23 -20.84
C ILE A 147 -14.00 -26.99 -21.71
N ASP A 148 -15.24 -26.50 -21.61
CA ASP A 148 -15.65 -25.18 -22.16
C ASP A 148 -14.77 -24.11 -21.52
N VAL A 149 -13.91 -23.44 -22.29
CA VAL A 149 -12.83 -22.56 -21.77
C VAL A 149 -12.69 -21.29 -22.63
N ILE A 150 -12.54 -20.13 -21.99
CA ILE A 150 -12.24 -18.81 -22.62
C ILE A 150 -10.97 -18.23 -21.99
N SER A 151 -10.04 -17.76 -22.83
CA SER A 151 -8.76 -17.12 -22.42
C SER A 151 -8.80 -15.63 -22.74
N SER A 152 -8.46 -14.80 -21.76
CA SER A 152 -8.09 -13.38 -21.98
C SER A 152 -6.67 -13.36 -22.57
N MET A 153 -6.49 -12.59 -23.64
CA MET A 153 -5.16 -12.11 -24.09
C MET A 153 -4.85 -10.88 -23.24
N GLY A 154 -3.64 -10.33 -23.38
CA GLY A 154 -3.28 -9.05 -22.75
C GLY A 154 -4.20 -7.92 -23.20
N VAL A 155 -4.21 -6.82 -22.44
CA VAL A 155 -5.09 -5.63 -22.67
C VAL A 155 -4.19 -4.40 -22.86
N ALA A 156 -2.91 -4.63 -23.12
CA ALA A 156 -1.85 -3.59 -23.18
C ALA A 156 -1.92 -2.86 -24.52
N THR A 157 -1.74 -1.53 -24.49
CA THR A 157 -1.72 -0.61 -25.66
C THR A 157 -3.15 -0.36 -26.17
N LYS A 158 -4.16 -0.93 -25.51
CA LYS A 158 -5.58 -0.91 -25.98
C LYS A 158 -6.29 0.29 -25.37
N SER A 159 -7.08 1.01 -26.18
CA SER A 159 -7.58 2.39 -25.88
C SER A 159 -8.89 2.70 -26.60
N ASP A 160 -9.65 1.70 -27.04
CA ASP A 160 -10.95 1.90 -27.75
C ASP A 160 -11.79 0.66 -27.50
N PRO A 161 -12.96 0.79 -26.81
CA PRO A 161 -13.76 -0.36 -26.43
C PRO A 161 -14.62 -0.95 -27.56
N THR A 162 -14.63 -0.31 -28.72
CA THR A 162 -15.41 -0.74 -29.92
C THR A 162 -14.69 -1.90 -30.61
N ARG A 163 -13.34 -1.89 -30.57
CA ARG A 163 -12.46 -2.82 -31.32
C ARG A 163 -12.33 -4.17 -30.59
N VAL A 164 -12.60 -4.23 -29.29
CA VAL A 164 -12.55 -5.48 -28.48
C VAL A 164 -13.42 -6.55 -29.15
N SER A 165 -13.08 -7.83 -28.97
CA SER A 165 -13.77 -8.96 -29.67
C SER A 165 -13.53 -10.28 -28.93
N ILE A 166 -14.38 -11.27 -29.22
CA ILE A 166 -14.29 -12.70 -28.77
C ILE A 166 -14.34 -13.57 -30.02
N ASN A 167 -13.24 -14.23 -30.36
CA ASN A 167 -13.13 -15.12 -31.55
C ASN A 167 -12.10 -16.21 -31.27
N ASP A 168 -12.01 -17.21 -32.15
CA ASP A 168 -11.11 -18.38 -31.94
C ASP A 168 -9.67 -17.88 -32.04
N ILE A 169 -8.85 -18.24 -31.05
CA ILE A 169 -7.42 -17.83 -30.90
C ILE A 169 -6.73 -17.79 -32.27
N SER A 170 -7.07 -18.72 -33.16
CA SER A 170 -6.53 -18.85 -34.53
C SER A 170 -6.61 -17.51 -35.29
N MET A 171 -7.65 -16.70 -35.03
CA MET A 171 -7.98 -15.50 -35.83
C MET A 171 -7.60 -14.21 -35.08
N THR A 172 -6.45 -14.21 -34.42
CA THR A 172 -5.89 -13.03 -33.69
C THR A 172 -4.68 -12.49 -34.46
N GLU A 173 -4.59 -12.80 -35.76
CA GLU A 173 -3.40 -12.54 -36.62
C GLU A 173 -2.74 -11.21 -36.23
N PHE A 174 -3.54 -10.14 -36.13
CA PHE A 174 -3.08 -8.73 -36.20
C PHE A 174 -2.95 -8.12 -34.81
N ASP A 175 -3.25 -8.87 -33.75
CA ASP A 175 -3.06 -8.45 -32.33
C ASP A 175 -1.68 -8.89 -31.88
N PRO A 176 -0.69 -7.98 -31.78
CA PRO A 176 0.69 -8.37 -31.46
C PRO A 176 0.79 -9.05 -30.09
N ILE A 177 -0.16 -8.78 -29.20
CA ILE A 177 -0.16 -9.28 -27.80
C ILE A 177 -0.44 -10.79 -27.82
N SER A 178 -1.43 -11.21 -28.62
CA SER A 178 -1.88 -12.63 -28.76
C SER A 178 -0.76 -13.47 -29.41
N ARG A 179 -0.12 -12.93 -30.46
CA ARG A 179 0.92 -13.63 -31.26
C ARG A 179 1.77 -14.53 -30.35
N CYS A 180 2.35 -13.95 -29.28
CA CYS A 180 3.33 -14.61 -28.38
C CYS A 180 2.77 -15.95 -27.87
N VAL A 181 1.48 -16.02 -27.53
CA VAL A 181 0.87 -17.24 -26.90
C VAL A 181 0.42 -18.22 -27.99
N ARG A 182 -0.43 -17.79 -28.95
CA ARG A 182 -1.11 -18.71 -29.89
C ARG A 182 -0.07 -19.50 -30.69
N ARG A 183 1.05 -18.84 -31.03
CA ARG A 183 2.20 -19.48 -31.73
C ARG A 183 2.75 -20.58 -30.83
N LYS A 184 3.09 -20.25 -29.57
CA LYS A 184 3.61 -21.23 -28.59
C LYS A 184 2.56 -22.31 -28.36
N LEU A 185 1.27 -21.96 -28.40
CA LEU A 185 0.15 -22.91 -28.19
C LEU A 185 -0.08 -23.74 -29.45
N ARG A 186 0.11 -23.15 -30.63
CA ARG A 186 0.11 -23.89 -31.94
C ARG A 186 1.22 -24.93 -31.91
N LYS A 187 2.40 -24.56 -31.42
CA LYS A 187 3.62 -25.40 -31.39
C LYS A 187 3.33 -26.73 -30.68
N ARG A 188 2.34 -26.75 -29.77
CA ARG A 188 1.93 -27.95 -28.98
C ARG A 188 0.76 -28.68 -29.66
N GLY A 189 0.35 -28.23 -30.85
CA GLY A 189 -0.64 -28.91 -31.71
C GLY A 189 -1.97 -28.19 -31.72
N ILE A 190 -2.26 -27.36 -30.71
CA ILE A 190 -3.57 -26.67 -30.53
C ILE A 190 -3.63 -25.47 -31.48
N ALA A 191 -4.50 -25.54 -32.49
CA ALA A 191 -4.62 -24.57 -33.59
C ALA A 191 -5.90 -23.74 -33.44
N THR A 192 -7.05 -24.42 -33.34
CA THR A 192 -8.42 -23.82 -33.37
C THR A 192 -9.34 -24.53 -32.39
N GLY A 193 -9.01 -24.56 -31.10
CA GLY A 193 -9.85 -25.13 -30.04
C GLY A 193 -10.43 -24.07 -29.12
N ILE A 194 -9.78 -22.91 -29.01
CA ILE A 194 -9.94 -21.92 -27.92
C ILE A 194 -10.60 -20.65 -28.47
N SER A 195 -11.61 -20.14 -27.76
CA SER A 195 -12.21 -18.79 -27.97
C SER A 195 -11.58 -17.81 -26.98
N VAL A 196 -11.21 -16.60 -27.43
CA VAL A 196 -10.40 -15.63 -26.63
C VAL A 196 -10.87 -14.18 -26.89
N VAL A 197 -10.63 -13.28 -25.94
CA VAL A 197 -10.84 -11.81 -26.10
C VAL A 197 -9.53 -11.19 -26.56
N PHE A 198 -9.60 -9.99 -27.17
CA PHE A 198 -8.47 -9.22 -27.74
C PHE A 198 -9.04 -8.07 -28.57
N SER A 199 -8.18 -7.17 -29.06
CA SER A 199 -8.55 -6.14 -30.07
C SER A 199 -7.39 -5.94 -31.03
N ASN A 200 -7.69 -5.74 -32.32
CA ASN A 200 -6.69 -5.56 -33.41
C ASN A 200 -6.27 -4.08 -33.43
N GLU A 201 -5.94 -3.50 -32.28
CA GLU A 201 -5.54 -2.07 -32.14
C GLU A 201 -4.02 -2.00 -32.10
N MET A 202 -3.43 -1.32 -33.09
CA MET A 202 -1.96 -1.10 -33.24
C MET A 202 -1.64 0.35 -32.88
N LEU A 203 -0.67 0.56 -32.00
CA LEU A 203 -0.07 1.88 -31.69
C LEU A 203 1.46 1.76 -31.76
N ASP A 204 2.00 1.84 -32.98
CA ASP A 204 3.45 1.86 -33.31
C ASP A 204 3.98 3.30 -33.33
N PRO A 205 3.17 4.37 -33.51
CA PRO A 205 3.72 5.74 -33.57
C PRO A 205 4.07 6.33 -32.19
N ARG A 206 3.65 5.67 -31.11
CA ARG A 206 3.94 6.07 -29.69
C ARG A 206 5.43 5.89 -29.42
N ARG A 207 5.93 6.47 -28.33
CA ARG A 207 7.35 6.39 -27.90
C ARG A 207 7.61 4.99 -27.31
N ASP A 208 6.79 4.57 -26.34
CA ASP A 208 6.77 3.22 -25.69
C ASP A 208 8.20 2.71 -25.49
N ASP A 209 8.45 1.40 -25.70
CA ASP A 209 9.78 0.74 -25.60
C ASP A 209 10.34 0.92 -24.18
N GLU A 227 13.47 -10.65 -32.26
CA GLU A 227 12.31 -9.76 -32.00
C GLU A 227 11.49 -10.35 -30.84
N ALA A 228 11.78 -9.92 -29.60
CA ALA A 228 11.09 -10.30 -28.34
C ALA A 228 10.06 -9.23 -27.98
N LEU A 229 8.78 -9.52 -28.21
CA LEU A 229 7.62 -8.62 -27.95
C LEU A 229 7.11 -8.85 -26.51
N ARG A 230 6.77 -7.79 -25.79
CA ARG A 230 6.42 -7.82 -24.34
C ARG A 230 5.19 -6.94 -24.03
N HIS A 231 4.58 -7.17 -22.86
CA HIS A 231 3.46 -6.39 -22.26
C HIS A 231 4.00 -5.08 -21.68
N LEU A 232 3.45 -3.92 -22.10
CA LEU A 232 3.94 -2.57 -21.72
C LEU A 232 2.87 -1.88 -20.88
N PRO A 233 2.32 -0.67 -21.20
CA PRO A 233 1.32 -0.06 -20.33
C PRO A 233 -0.10 -0.48 -20.72
N GLU A 234 -1.12 0.09 -20.09
CA GLU A 234 -2.55 -0.22 -20.37
C GLU A 234 -3.45 0.89 -19.79
N LEU A 235 -4.61 1.12 -20.42
CA LEU A 235 -5.60 2.12 -19.94
C LEU A 235 -6.50 1.46 -18.88
N GLY A 236 -6.66 2.12 -17.73
CA GLY A 236 -7.17 1.54 -16.48
C GLY A 236 -8.64 1.15 -16.54
N THR A 237 -9.33 1.46 -17.63
CA THR A 237 -10.74 1.05 -17.86
C THR A 237 -10.75 -0.28 -18.60
N MET A 238 -10.00 -0.36 -19.71
CA MET A 238 -10.05 -1.47 -20.70
C MET A 238 -10.15 -2.82 -19.99
N PRO A 239 -9.26 -3.16 -19.03
CA PRO A 239 -9.31 -4.47 -18.38
C PRO A 239 -10.74 -4.78 -17.95
N GLY A 240 -11.41 -3.79 -17.34
CA GLY A 240 -12.86 -3.83 -17.08
C GLY A 240 -13.61 -4.37 -18.29
N ILE A 241 -13.52 -3.68 -19.42
CA ILE A 241 -14.24 -4.02 -20.69
C ILE A 241 -14.09 -5.53 -20.92
N PHE A 242 -12.85 -6.01 -20.92
CA PHE A 242 -12.48 -7.43 -21.17
C PHE A 242 -13.23 -8.34 -20.21
N GLY A 243 -12.97 -8.16 -18.91
CA GLY A 243 -13.61 -8.93 -17.83
C GLY A 243 -15.10 -9.08 -18.08
N LEU A 244 -15.82 -7.96 -18.21
CA LEU A 244 -17.28 -7.96 -18.44
C LEU A 244 -17.58 -8.73 -19.73
N SER A 245 -16.99 -8.31 -20.83
CA SER A 245 -17.21 -8.91 -22.18
C SER A 245 -17.03 -10.44 -22.09
N ILE A 246 -16.08 -10.91 -21.28
CA ILE A 246 -15.91 -12.37 -20.98
C ILE A 246 -17.17 -12.84 -20.24
N ALA A 247 -17.41 -12.30 -19.05
CA ALA A 247 -18.59 -12.63 -18.21
C ALA A 247 -19.82 -12.68 -19.11
N THR A 248 -20.13 -11.57 -19.80
CA THR A 248 -21.24 -11.49 -20.78
C THR A 248 -21.24 -12.79 -21.59
N TRP A 249 -20.12 -13.06 -22.29
CA TRP A 249 -19.96 -14.19 -23.22
C TRP A 249 -20.19 -15.52 -22.49
N ILE A 250 -19.66 -15.67 -21.27
CA ILE A 250 -19.94 -16.84 -20.39
C ILE A 250 -21.46 -16.95 -20.24
N LEU A 251 -22.06 -15.90 -19.67
CA LEU A 251 -23.50 -15.82 -19.26
C LEU A 251 -24.40 -16.22 -20.43
N THR A 252 -24.09 -15.76 -21.65
CA THR A 252 -24.87 -16.04 -22.87
C THR A 252 -24.63 -17.50 -23.31
N LYS A 253 -23.37 -17.94 -23.35
CA LYS A 253 -22.98 -19.32 -23.78
C LYS A 253 -23.62 -20.33 -22.83
N VAL A 254 -23.44 -20.14 -21.53
CA VAL A 254 -24.02 -21.01 -20.46
C VAL A 254 -25.54 -21.10 -20.64
N SER A 255 -26.21 -19.94 -20.71
CA SER A 255 -27.69 -19.81 -20.73
C SER A 255 -28.29 -20.53 -21.95
N GLY A 256 -27.61 -20.44 -23.10
CA GLY A 256 -28.10 -20.96 -24.39
C GLY A 256 -28.81 -19.89 -25.21
N TYR A 257 -28.68 -18.62 -24.80
CA TYR A 257 -29.10 -17.43 -25.57
C TYR A 257 -28.37 -17.46 -26.91
N PRO A 258 -28.98 -17.02 -28.03
CA PRO A 258 -28.30 -17.01 -29.32
C PRO A 258 -27.13 -16.02 -29.36
N MET A 259 -25.96 -16.48 -29.81
CA MET A 259 -24.74 -15.66 -30.07
C MET A 259 -24.21 -16.01 -31.47
N LYS A 260 -23.07 -15.43 -31.85
CA LYS A 260 -22.28 -15.85 -33.04
C LYS A 260 -21.43 -17.06 -32.65
N GLU A 261 -21.19 -17.97 -33.59
CA GLU A 261 -20.12 -19.01 -33.48
C GLU A 261 -18.80 -18.35 -33.91
N ASN A 262 -17.67 -18.89 -33.44
CA ASN A 262 -16.31 -18.39 -33.77
C ASN A 262 -15.89 -18.94 -35.13
N GLU A 263 -15.56 -18.07 -36.08
CA GLU A 263 -14.95 -18.46 -37.38
C GLU A 263 -13.50 -18.88 -37.09
N VAL A 264 -12.97 -19.85 -37.87
CA VAL A 264 -11.62 -20.47 -37.65
C VAL A 264 -10.74 -20.20 -38.89
N LYS A 265 -9.43 -20.02 -38.65
CA LYS A 265 -8.39 -19.85 -39.70
C LYS A 265 -7.58 -21.14 -39.81
N ASN A 266 -8.19 -22.19 -40.35
CA ASN A 266 -7.52 -23.43 -40.80
C ASN A 266 -7.78 -23.59 -42.31
N ARG A 267 -6.80 -23.20 -43.13
CA ARG A 267 -6.82 -23.33 -44.62
C ARG A 267 -6.18 -24.67 -44.99
N LEU A 268 -6.70 -25.76 -44.44
CA LEU A 268 -6.13 -27.13 -44.56
C LEU A 268 -5.84 -27.43 -46.03
N LYS A 269 -6.78 -27.09 -46.91
CA LYS A 269 -6.68 -27.29 -48.39
C LYS A 269 -5.39 -26.63 -48.89
N PHE A 270 -5.07 -25.44 -48.38
CA PHE A 270 -3.89 -24.62 -48.79
C PHE A 270 -2.59 -25.21 -48.23
N TYR A 271 -2.63 -25.72 -46.99
CA TYR A 271 -1.45 -26.33 -46.31
C TYR A 271 -1.09 -27.62 -47.05
N ASP A 272 -2.10 -28.41 -47.46
CA ASP A 272 -1.92 -29.69 -48.19
C ASP A 272 -1.23 -29.40 -49.53
N SER A 273 -1.79 -28.49 -50.33
CA SER A 273 -1.27 -28.08 -51.67
C SER A 273 0.21 -27.67 -51.55
N ILE A 274 0.57 -26.95 -50.48
CA ILE A 274 1.98 -26.55 -50.16
C ILE A 274 2.79 -27.82 -49.86
N LEU A 275 2.38 -28.59 -48.85
CA LEU A 275 3.09 -29.83 -48.44
C LEU A 275 3.46 -30.63 -49.68
N GLU A 276 2.51 -30.80 -50.61
CA GLU A 276 2.71 -31.59 -51.86
C GLU A 276 3.89 -30.99 -52.65
N THR A 277 4.04 -29.67 -52.66
CA THR A 277 5.13 -28.95 -53.36
C THR A 277 6.47 -29.17 -52.64
N PHE A 278 6.44 -29.56 -51.36
CA PHE A 278 7.63 -29.93 -50.56
C PHE A 278 7.87 -31.43 -50.71
N GLN A 279 6.84 -32.24 -50.47
CA GLN A 279 6.87 -33.73 -50.60
C GLN A 279 7.38 -34.10 -52.00
N LYS A 280 7.12 -33.26 -53.01
CA LYS A 280 7.72 -33.40 -54.37
C LYS A 280 9.23 -33.18 -54.27
N GLN A 281 9.67 -32.05 -53.69
CA GLN A 281 11.10 -31.66 -53.61
C GLN A 281 11.92 -32.81 -53.00
N MET A 282 11.34 -33.58 -52.09
CA MET A 282 12.03 -34.68 -51.36
C MET A 282 12.23 -35.90 -52.28
N ALA A 283 11.38 -36.07 -53.30
CA ALA A 283 11.50 -37.13 -54.33
C ALA A 283 12.48 -36.70 -55.43
N ARG A 284 12.59 -35.38 -55.68
CA ARG A 284 13.54 -34.80 -56.66
C ARG A 284 14.98 -34.98 -56.13
N LEU A 285 15.25 -34.47 -54.92
CA LEU A 285 16.59 -34.56 -54.26
C LEU A 285 16.89 -36.03 -53.88
N ASN A 286 15.85 -36.84 -53.70
CA ASN A 286 15.93 -38.29 -53.36
C ASN A 286 16.58 -38.39 -51.97
N GLU A 287 15.91 -37.80 -50.96
CA GLU A 287 16.37 -37.70 -49.55
C GLU A 287 15.52 -38.61 -48.65
N ASN A 288 16.06 -38.96 -47.48
CA ASN A 288 15.55 -40.00 -46.55
C ASN A 288 14.07 -39.77 -46.22
N LYS A 289 13.34 -40.86 -45.95
CA LYS A 289 11.89 -40.87 -45.61
C LYS A 289 11.69 -40.51 -44.14
N GLU A 290 12.74 -40.62 -43.30
CA GLU A 290 12.70 -40.40 -41.83
C GLU A 290 12.93 -38.90 -41.51
N ARG A 291 13.14 -38.07 -42.54
CA ARG A 291 13.30 -36.59 -42.42
C ARG A 291 12.22 -35.87 -43.23
N SER A 292 11.68 -36.52 -44.28
CA SER A 292 10.67 -35.97 -45.22
C SER A 292 9.28 -35.97 -44.58
N SER A 293 8.98 -37.00 -43.77
CA SER A 293 7.68 -37.20 -43.08
C SER A 293 7.56 -36.27 -41.86
N LEU A 294 8.67 -35.68 -41.40
CA LEU A 294 8.74 -34.73 -40.25
C LEU A 294 7.73 -33.59 -40.48
N LEU A 295 7.64 -33.09 -41.71
CA LEU A 295 6.70 -32.00 -42.08
C LEU A 295 5.36 -32.59 -42.52
N GLY A 296 4.41 -32.66 -41.59
CA GLY A 296 2.99 -33.01 -41.86
C GLY A 296 2.13 -31.76 -41.96
N LEU A 297 0.91 -31.91 -42.48
CA LEU A 297 -0.11 -30.83 -42.61
C LEU A 297 -0.03 -29.91 -41.38
N GLU A 298 -0.09 -30.52 -40.18
CA GLU A 298 -0.01 -29.84 -38.85
C GLU A 298 1.06 -28.74 -38.88
N GLU A 299 2.28 -29.11 -39.32
CA GLU A 299 3.51 -28.28 -39.18
C GLU A 299 3.66 -27.34 -40.38
N VAL A 300 3.15 -27.70 -41.55
CA VAL A 300 3.13 -26.81 -42.76
C VAL A 300 2.32 -25.56 -42.39
N GLY A 301 1.14 -25.75 -41.81
CA GLY A 301 0.29 -24.68 -41.25
C GLY A 301 1.12 -23.72 -40.42
N TYR A 302 1.64 -24.18 -39.28
CA TYR A 302 2.49 -23.39 -38.35
C TYR A 302 3.46 -22.55 -39.18
N ILE A 303 4.23 -23.20 -40.06
CA ILE A 303 5.33 -22.57 -40.85
C ILE A 303 4.76 -21.39 -41.64
N VAL A 304 3.69 -21.62 -42.38
CA VAL A 304 3.14 -20.62 -43.34
C VAL A 304 2.40 -19.51 -42.56
N GLU A 305 1.56 -19.87 -41.59
CA GLU A 305 0.60 -18.95 -40.92
C GLU A 305 1.30 -18.08 -39.86
N GLU A 306 2.18 -18.66 -39.04
CA GLU A 306 2.76 -18.02 -37.83
C GLU A 306 4.15 -17.45 -38.12
N MET A 307 4.91 -18.08 -39.00
CA MET A 307 6.34 -17.76 -39.28
C MET A 307 6.43 -16.71 -40.40
N PHE A 308 5.98 -17.05 -41.61
CA PHE A 308 6.09 -16.19 -42.83
C PHE A 308 4.75 -15.50 -43.14
N ARG A 309 3.69 -15.84 -42.40
CA ARG A 309 2.35 -15.19 -42.44
C ARG A 309 1.82 -15.17 -43.88
N GLY A 310 1.85 -16.32 -44.55
CA GLY A 310 1.28 -16.54 -45.90
C GLY A 310 1.90 -15.63 -46.95
N LYS A 311 3.11 -15.13 -46.70
CA LYS A 311 3.82 -14.12 -47.54
C LYS A 311 5.26 -14.57 -47.77
N SER A 312 5.67 -14.65 -49.04
CA SER A 312 7.06 -14.96 -49.46
C SER A 312 8.00 -13.90 -48.89
N PRO A 313 9.03 -14.28 -48.12
CA PRO A 313 9.91 -13.31 -47.49
C PRO A 313 10.86 -12.59 -48.46
N ILE A 314 10.95 -13.05 -49.72
CA ILE A 314 11.86 -12.46 -50.75
C ILE A 314 11.15 -11.32 -51.48
N SER A 315 9.92 -11.55 -51.96
CA SER A 315 9.10 -10.55 -52.69
C SER A 315 8.02 -9.98 -51.75
N GLY A 316 6.96 -10.75 -51.49
CA GLY A 316 5.76 -10.30 -50.75
C GLY A 316 4.48 -10.88 -51.33
N TYR A 317 4.54 -11.49 -52.52
CA TYR A 317 3.40 -12.21 -53.19
C TYR A 317 2.79 -13.23 -52.22
N SER A 318 1.55 -13.67 -52.51
CA SER A 318 0.80 -14.70 -51.73
C SER A 318 0.07 -15.69 -52.67
N THR A 319 0.30 -15.61 -53.98
CA THR A 319 -0.37 -16.46 -55.01
C THR A 319 0.58 -17.58 -55.43
N LYS A 320 0.12 -18.84 -55.30
CA LYS A 320 0.83 -20.06 -55.80
C LYS A 320 2.24 -20.09 -55.19
N LEU A 321 2.35 -20.51 -53.93
CA LEU A 321 3.63 -20.60 -53.18
C LEU A 321 4.04 -22.06 -53.06
N ALA A 322 5.14 -22.33 -52.35
CA ALA A 322 5.69 -23.68 -52.12
C ALA A 322 6.86 -23.62 -51.13
N LEU A 323 7.15 -24.74 -50.47
CA LEU A 323 8.25 -24.92 -49.49
C LEU A 323 9.53 -25.31 -50.24
N THR A 324 10.68 -25.13 -49.60
CA THR A 324 12.01 -25.54 -50.13
C THR A 324 13.05 -25.56 -49.01
N LYS A 325 13.86 -26.62 -48.96
CA LYS A 325 15.06 -26.76 -48.10
C LYS A 325 15.92 -25.51 -48.32
N TRP A 326 16.21 -24.77 -47.24
CA TRP A 326 16.84 -23.41 -47.30
C TRP A 326 18.33 -23.52 -47.68
N GLU A 327 19.11 -24.33 -46.95
CA GLU A 327 20.58 -24.53 -47.19
C GLU A 327 20.82 -25.97 -47.62
N ALA A 328 21.92 -26.21 -48.34
CA ALA A 328 22.27 -27.51 -48.97
C ALA A 328 22.71 -28.51 -47.91
N ASN A 329 23.72 -28.13 -47.12
CA ASN A 329 24.48 -29.04 -46.19
C ASN A 329 23.63 -29.37 -44.97
N LYS A 330 22.85 -28.42 -44.45
CA LYS A 330 22.14 -28.53 -43.13
C LYS A 330 20.92 -29.46 -43.26
N GLU A 331 20.51 -30.06 -42.13
CA GLU A 331 19.38 -31.02 -42.00
C GLU A 331 18.06 -30.27 -42.21
N ILE A 332 16.98 -30.99 -42.50
CA ILE A 332 15.60 -30.44 -42.65
C ILE A 332 15.02 -30.21 -41.25
N SER A 333 14.64 -28.96 -40.94
CA SER A 333 13.93 -28.54 -39.71
C SER A 333 13.22 -27.20 -39.97
N LEU A 334 12.62 -26.61 -38.93
CA LEU A 334 11.93 -25.29 -39.04
C LEU A 334 12.98 -24.19 -39.19
N THR A 335 14.19 -24.39 -38.67
CA THR A 335 15.31 -23.41 -38.69
C THR A 335 15.92 -23.34 -40.10
N ASN A 336 15.80 -24.42 -40.89
CA ASN A 336 16.41 -24.57 -42.24
C ASN A 336 15.33 -25.00 -43.24
N VAL A 337 14.37 -24.11 -43.48
CA VAL A 337 13.31 -24.26 -44.54
C VAL A 337 12.57 -22.92 -44.64
N VAL A 338 11.85 -22.69 -45.74
CA VAL A 338 11.10 -21.42 -45.98
C VAL A 338 10.19 -21.62 -47.20
N LEU A 339 9.08 -20.88 -47.26
CA LEU A 339 8.16 -20.87 -48.42
C LEU A 339 8.46 -19.64 -49.28
N MET A 340 8.04 -19.68 -50.55
CA MET A 340 8.20 -18.59 -51.54
C MET A 340 7.33 -18.91 -52.76
N THR A 341 7.32 -18.05 -53.79
CA THR A 341 6.61 -18.30 -55.07
C THR A 341 7.29 -19.47 -55.78
N LYS A 342 6.49 -20.35 -56.40
CA LYS A 342 7.02 -21.50 -57.19
C LYS A 342 8.31 -21.06 -57.88
N GLU A 343 8.23 -20.04 -58.73
CA GLU A 343 9.39 -19.53 -59.53
C GLU A 343 10.58 -19.32 -58.58
N GLU A 344 10.36 -18.75 -57.39
CA GLU A 344 11.43 -18.41 -56.42
C GLU A 344 12.09 -19.70 -55.89
N GLN A 345 11.29 -20.75 -55.61
CA GLN A 345 11.81 -22.06 -55.12
C GLN A 345 12.43 -22.84 -56.28
N GLU A 346 11.91 -22.68 -57.50
CA GLU A 346 12.48 -23.28 -58.73
C GLU A 346 13.94 -22.81 -58.85
N ILE A 347 14.15 -21.49 -58.89
CA ILE A 347 15.49 -20.86 -58.93
C ILE A 347 16.30 -21.47 -57.78
N HIS A 348 15.83 -21.25 -56.55
CA HIS A 348 16.48 -21.64 -55.28
C HIS A 348 16.98 -23.08 -55.41
N GLU A 349 16.07 -24.04 -55.63
CA GLU A 349 16.39 -25.48 -55.78
C GLU A 349 17.51 -25.63 -56.81
N LYS A 350 17.33 -25.02 -57.99
CA LYS A 350 18.23 -25.18 -59.17
C LYS A 350 19.61 -24.58 -58.86
N ARG A 351 19.65 -23.41 -58.21
CA ARG A 351 20.87 -22.56 -58.14
C ARG A 351 21.67 -22.87 -56.87
N ILE A 352 21.05 -22.70 -55.69
CA ILE A 352 21.79 -22.61 -54.39
C ILE A 352 22.13 -24.01 -53.87
N LEU A 353 21.29 -25.02 -54.09
CA LEU A 353 21.48 -26.36 -53.46
C LEU A 353 21.82 -27.46 -54.48
N LEU A 354 21.27 -27.42 -55.70
CA LEU A 354 21.56 -28.46 -56.74
C LEU A 354 22.93 -28.18 -57.38
N ASP A 355 23.09 -27.00 -57.98
CA ASP A 355 24.39 -26.50 -58.52
C ASP A 355 25.31 -26.20 -57.33
N GLY A 356 24.72 -25.71 -56.23
CA GLY A 356 25.41 -25.59 -54.93
C GLY A 356 26.36 -24.40 -54.88
N GLU A 357 25.93 -23.23 -55.34
CA GLU A 357 26.71 -21.97 -55.26
C GLU A 357 26.18 -21.13 -54.08
N LYS A 358 27.07 -20.37 -53.43
CA LYS A 358 26.78 -19.55 -52.21
C LYS A 358 25.59 -18.65 -52.50
N LEU A 359 24.72 -18.44 -51.50
CA LEU A 359 23.42 -17.74 -51.66
C LEU A 359 23.62 -16.21 -51.65
N THR A 360 24.85 -15.74 -51.36
CA THR A 360 25.22 -14.30 -51.29
C THR A 360 25.12 -13.63 -52.67
N ALA A 361 25.28 -14.40 -53.76
CA ALA A 361 25.26 -13.90 -55.16
C ALA A 361 23.86 -13.98 -55.77
N VAL A 362 22.96 -14.79 -55.18
CA VAL A 362 21.56 -15.03 -55.65
C VAL A 362 20.59 -14.08 -54.92
N TYR A 363 20.85 -13.79 -53.65
CA TYR A 363 20.01 -12.93 -52.79
C TYR A 363 20.86 -11.79 -52.20
N SER A 364 20.25 -10.61 -52.07
CA SER A 364 20.90 -9.35 -51.62
C SER A 364 21.03 -9.34 -50.08
N GLU A 365 21.77 -8.37 -49.54
CA GLU A 365 21.96 -8.14 -48.08
C GLU A 365 20.58 -8.04 -47.40
N GLU A 366 19.76 -7.08 -47.84
CA GLU A 366 18.46 -6.71 -47.23
C GLU A 366 17.67 -7.98 -46.83
N VAL A 367 17.58 -8.96 -47.73
CA VAL A 367 16.66 -10.12 -47.59
C VAL A 367 17.24 -11.15 -46.60
N LEU A 368 18.54 -11.47 -46.71
CA LEU A 368 19.19 -12.55 -45.92
C LEU A 368 19.19 -12.19 -44.42
N ASP A 369 19.21 -10.90 -44.09
CA ASP A 369 19.06 -10.39 -42.69
C ASP A 369 17.62 -10.62 -42.23
N PHE A 370 16.64 -10.39 -43.12
CA PHE A 370 15.19 -10.60 -42.85
C PHE A 370 14.91 -12.10 -42.61
N ILE A 371 15.65 -12.98 -43.31
CA ILE A 371 15.49 -14.47 -43.21
C ILE A 371 16.14 -14.95 -41.91
N GLU A 372 17.41 -14.56 -41.67
CA GLU A 372 18.24 -15.08 -40.56
C GLU A 372 17.58 -14.75 -39.21
N ARG A 373 17.06 -13.52 -39.06
CA ARG A 373 16.34 -13.06 -37.84
C ARG A 373 15.01 -13.82 -37.72
N LEU A 374 14.36 -14.09 -38.85
CA LEU A 374 13.02 -14.75 -38.92
C LEU A 374 13.13 -16.22 -38.50
N PHE A 375 14.36 -16.77 -38.46
CA PHE A 375 14.68 -18.10 -37.86
C PHE A 375 15.04 -17.91 -36.38
N LYS A 376 15.78 -16.85 -36.03
CA LYS A 376 16.15 -16.54 -34.63
C LYS A 376 14.86 -16.40 -33.80
N GLU A 377 13.82 -15.78 -34.36
CA GLU A 377 12.51 -15.57 -33.67
C GLU A 377 11.82 -16.93 -33.51
N GLU A 378 11.95 -17.82 -34.51
CA GLU A 378 11.37 -19.20 -34.45
C GLU A 378 12.11 -20.02 -33.39
N GLU A 379 13.40 -19.73 -33.16
CA GLU A 379 14.27 -20.48 -32.21
C GLU A 379 13.91 -20.09 -30.76
N TYR A 380 13.23 -18.95 -30.57
CA TYR A 380 12.70 -18.48 -29.26
C TYR A 380 11.57 -19.41 -28.80
N TYR A 381 10.62 -19.70 -29.71
CA TYR A 381 9.38 -20.47 -29.42
C TYR A 381 9.69 -21.97 -29.27
N SER A 382 10.87 -22.41 -29.72
CA SER A 382 11.38 -23.81 -29.60
C SER A 382 11.84 -24.07 -28.16
N SER B 2 -0.87 13.93 0.04
CA SER B 2 0.40 14.04 -0.74
C SER B 2 0.09 13.84 -2.23
N ASP B 3 0.79 14.59 -3.08
CA ASP B 3 0.82 14.38 -4.56
C ASP B 3 1.23 12.92 -4.82
N HIS B 4 2.38 12.52 -4.30
CA HIS B 4 3.02 11.19 -4.52
C HIS B 4 1.96 10.08 -4.50
N LEU B 5 1.04 10.09 -3.53
CA LEU B 5 -0.04 9.07 -3.42
C LEU B 5 -0.70 8.92 -4.80
N PHE B 6 -1.29 10.00 -5.29
CA PHE B 6 -2.03 10.06 -6.59
C PHE B 6 -1.20 9.35 -7.67
N ARG B 7 0.04 9.81 -7.87
CA ARG B 7 0.96 9.34 -8.94
C ARG B 7 1.22 7.84 -8.82
N GLU B 8 1.66 7.38 -7.64
CA GLU B 8 2.06 5.96 -7.42
C GLU B 8 0.82 5.08 -7.55
N GLN B 9 -0.37 5.57 -7.14
CA GLN B 9 -1.67 4.84 -7.26
C GLN B 9 -2.06 4.75 -8.74
N LEU B 10 -1.99 5.87 -9.44
CA LEU B 10 -2.53 6.01 -10.82
C LEU B 10 -1.44 5.74 -11.85
N ALA B 11 -0.24 5.32 -11.42
CA ALA B 11 1.00 5.27 -12.23
C ALA B 11 0.72 4.76 -13.64
N ARG B 12 0.20 3.52 -13.75
CA ARG B 12 0.01 2.82 -15.05
C ARG B 12 -0.67 3.75 -16.06
N ASN B 13 -1.69 4.50 -15.65
CA ASN B 13 -2.37 5.49 -16.51
C ASN B 13 -1.40 6.63 -16.83
N TYR B 14 -0.76 7.21 -15.81
CA TYR B 14 0.25 8.28 -15.97
C TYR B 14 1.21 7.91 -17.11
N ALA B 15 1.70 6.67 -17.10
CA ALA B 15 2.73 6.14 -18.04
C ALA B 15 2.10 5.91 -19.42
N PHE B 16 0.80 5.64 -19.46
CA PHE B 16 0.02 5.37 -20.70
C PHE B 16 -0.22 6.67 -21.47
N LEU B 17 -0.91 7.63 -20.83
CA LEU B 17 -1.44 8.86 -21.48
C LEU B 17 -0.38 9.98 -21.49
N GLY B 18 0.55 9.97 -20.54
CA GLY B 18 1.60 11.00 -20.38
C GLY B 18 1.16 12.08 -19.42
N GLU B 19 2.07 12.62 -18.62
CA GLU B 19 1.75 13.58 -17.53
C GLU B 19 0.94 14.76 -18.09
N GLU B 20 1.30 15.23 -19.29
CA GLU B 20 0.57 16.33 -19.99
C GLU B 20 -0.90 15.91 -20.16
N GLY B 21 -1.15 14.62 -20.41
CA GLY B 21 -2.50 14.03 -20.49
C GLY B 21 -3.24 14.12 -19.17
N MET B 22 -2.60 13.69 -18.08
CA MET B 22 -3.20 13.65 -16.72
C MET B 22 -3.54 15.07 -16.25
N ARG B 23 -2.62 16.02 -16.42
CA ARG B 23 -2.83 17.45 -16.08
C ARG B 23 -4.27 17.83 -16.44
N LYS B 24 -4.70 17.49 -17.66
CA LYS B 24 -6.05 17.83 -18.21
C LYS B 24 -7.13 17.04 -17.46
N ILE B 25 -6.91 15.75 -17.22
CA ILE B 25 -7.90 14.86 -16.51
C ILE B 25 -8.21 15.48 -15.14
N LYS B 26 -7.19 15.98 -14.43
CA LYS B 26 -7.35 16.61 -13.08
C LYS B 26 -8.26 17.85 -13.19
N GLU B 27 -8.03 18.69 -14.21
CA GLU B 27 -8.77 19.97 -14.45
C GLU B 27 -10.28 19.71 -14.60
N GLN B 28 -10.67 18.50 -15.04
CA GLN B 28 -12.06 18.18 -15.46
C GLN B 28 -13.03 18.31 -14.27
N TYR B 29 -14.15 19.01 -14.49
CA TYR B 29 -15.38 18.99 -13.65
C TYR B 29 -16.49 18.31 -14.44
N ILE B 30 -16.78 17.05 -14.09
CA ILE B 30 -17.70 16.14 -14.84
C ILE B 30 -19.01 16.02 -14.07
N VAL B 31 -20.11 16.43 -14.71
CA VAL B 31 -21.51 16.21 -14.22
C VAL B 31 -21.98 14.87 -14.79
N ILE B 32 -22.49 13.98 -13.95
CA ILE B 32 -23.06 12.68 -14.38
C ILE B 32 -24.52 12.65 -13.93
N VAL B 33 -25.44 12.84 -14.86
CA VAL B 33 -26.91 12.88 -14.58
C VAL B 33 -27.43 11.44 -14.61
N GLY B 34 -27.89 10.94 -13.47
CA GLY B 34 -28.34 9.55 -13.27
C GLY B 34 -27.17 8.64 -12.96
N ALA B 35 -27.33 7.77 -11.95
CA ALA B 35 -26.27 6.90 -11.40
C ALA B 35 -26.85 5.54 -11.04
N GLY B 36 -27.60 4.93 -11.96
CA GLY B 36 -28.45 3.75 -11.71
C GLY B 36 -27.73 2.45 -12.01
N GLU B 37 -27.51 2.17 -13.30
CA GLU B 37 -26.65 1.06 -13.79
C GLU B 37 -25.45 1.69 -14.48
N VAL B 38 -25.69 2.34 -15.63
CA VAL B 38 -24.63 2.90 -16.51
C VAL B 38 -23.90 3.99 -15.73
N GLY B 39 -24.64 4.98 -15.22
CA GLY B 39 -24.08 6.14 -14.49
C GLY B 39 -23.10 5.72 -13.42
N SER B 40 -23.51 4.79 -12.55
CA SER B 40 -22.68 4.25 -11.44
C SER B 40 -21.32 3.84 -11.99
N TRP B 41 -21.30 2.91 -12.94
CA TRP B 41 -20.07 2.48 -13.67
C TRP B 41 -19.25 3.73 -14.02
N VAL B 42 -19.76 4.55 -14.93
CA VAL B 42 -19.09 5.79 -15.42
C VAL B 42 -18.39 6.44 -14.23
N CYS B 43 -19.19 7.01 -13.32
CA CYS B 43 -18.73 7.80 -12.16
C CYS B 43 -17.48 7.16 -11.55
N THR B 44 -17.60 5.93 -11.04
CA THR B 44 -16.54 5.15 -10.36
C THR B 44 -15.21 5.27 -11.12
N MET B 45 -15.24 5.01 -12.43
CA MET B 45 -14.04 4.78 -13.27
C MET B 45 -13.24 6.07 -13.47
N LEU B 46 -13.91 7.18 -13.79
CA LEU B 46 -13.25 8.49 -14.01
C LEU B 46 -12.55 8.93 -12.72
N ILE B 47 -13.23 8.80 -11.58
CA ILE B 47 -12.63 9.02 -10.22
C ILE B 47 -11.43 8.07 -10.07
N ARG B 48 -11.68 6.76 -10.25
CA ARG B 48 -10.69 5.68 -10.02
C ARG B 48 -9.51 5.82 -10.99
N SER B 49 -9.76 6.36 -12.18
CA SER B 49 -8.77 6.48 -13.30
C SER B 49 -8.20 7.91 -13.37
N GLY B 50 -8.68 8.84 -12.54
CA GLY B 50 -8.08 10.20 -12.45
C GLY B 50 -9.00 11.24 -11.83
N CYS B 51 -9.88 11.84 -12.65
CA CYS B 51 -10.78 12.99 -12.33
C CYS B 51 -10.95 13.17 -10.83
N GLN B 52 -10.75 14.39 -10.33
CA GLN B 52 -10.84 14.73 -8.89
C GLN B 52 -11.97 15.74 -8.63
N LYS B 53 -13.03 15.73 -9.46
CA LYS B 53 -14.18 16.68 -9.35
C LYS B 53 -15.35 16.17 -10.20
N ILE B 54 -16.32 15.48 -9.59
CA ILE B 54 -17.54 14.94 -10.26
C ILE B 54 -18.78 15.41 -9.48
N MET B 55 -19.84 15.82 -10.19
CA MET B 55 -21.21 15.99 -9.63
C MET B 55 -22.10 14.86 -10.14
N ILE B 56 -22.91 14.28 -9.26
CA ILE B 56 -23.89 13.21 -9.57
C ILE B 56 -25.30 13.71 -9.21
N ILE B 57 -26.29 13.42 -10.06
CA ILE B 57 -27.71 13.87 -9.88
C ILE B 57 -28.63 12.67 -10.15
N ASP B 58 -29.14 12.03 -9.09
CA ASP B 58 -29.97 10.80 -9.16
C ASP B 58 -30.84 10.69 -7.90
N PRO B 59 -32.17 10.92 -8.01
CA PRO B 59 -33.09 10.73 -6.89
C PRO B 59 -33.21 9.30 -6.34
N GLU B 60 -33.70 8.34 -7.15
CA GLU B 60 -34.13 7.00 -6.68
C GLU B 60 -33.03 6.37 -5.81
N ASN B 61 -33.42 5.47 -4.91
CA ASN B 61 -32.52 4.79 -3.94
C ASN B 61 -32.08 3.44 -4.51
N ILE B 62 -30.94 2.92 -4.05
CA ILE B 62 -30.32 1.63 -4.48
C ILE B 62 -31.32 0.50 -4.23
N SER B 63 -32.13 0.17 -5.24
CA SER B 63 -33.14 -0.93 -5.19
C SER B 63 -32.41 -2.27 -5.07
N ILE B 64 -33.03 -3.24 -4.39
CA ILE B 64 -32.48 -4.63 -4.20
C ILE B 64 -32.20 -5.26 -5.56
N ASP B 65 -32.98 -4.92 -6.59
CA ASP B 65 -32.81 -5.47 -7.97
C ASP B 65 -31.51 -4.90 -8.56
N SER B 66 -31.18 -3.64 -8.29
CA SER B 66 -30.00 -2.92 -8.88
C SER B 66 -28.71 -3.35 -8.18
N LEU B 67 -28.46 -4.66 -8.07
CA LEU B 67 -27.24 -5.25 -7.45
C LEU B 67 -26.40 -5.96 -8.51
N ASN B 68 -27.04 -6.73 -9.40
CA ASN B 68 -26.35 -7.39 -10.55
C ASN B 68 -25.94 -6.34 -11.59
N THR B 69 -26.33 -5.07 -11.41
CA THR B 69 -26.05 -3.94 -12.35
C THR B 69 -25.02 -2.99 -11.73
N HIS B 70 -25.34 -2.35 -10.60
CA HIS B 70 -24.54 -1.29 -9.94
C HIS B 70 -23.09 -1.78 -9.76
N CYS B 71 -22.12 -0.87 -9.80
CA CYS B 71 -20.67 -1.18 -9.96
C CYS B 71 -19.99 -1.53 -8.62
N CYS B 72 -20.55 -1.05 -7.50
CA CYS B 72 -19.96 -1.19 -6.14
C CYS B 72 -21.01 -1.62 -5.09
N ALA B 73 -22.27 -1.22 -5.26
CA ALA B 73 -23.35 -1.30 -4.24
C ALA B 73 -23.51 -2.74 -3.73
N VAL B 74 -23.77 -2.89 -2.42
CA VAL B 74 -23.90 -4.21 -1.72
C VAL B 74 -25.18 -4.21 -0.86
N LEU B 75 -25.55 -5.37 -0.34
CA LEU B 75 -26.80 -5.59 0.45
C LEU B 75 -26.88 -4.55 1.58
N SER B 76 -25.75 -4.27 2.24
CA SER B 76 -25.66 -3.37 3.41
C SER B 76 -26.24 -1.98 3.09
N ASP B 77 -26.01 -1.47 1.87
CA ASP B 77 -26.44 -0.10 1.47
C ASP B 77 -27.50 -0.17 0.36
N ILE B 78 -28.49 -1.05 0.51
CA ILE B 78 -29.79 -0.98 -0.22
C ILE B 78 -30.71 -0.04 0.57
N GLY B 79 -31.71 0.57 -0.07
CA GLY B 79 -32.59 1.57 0.55
C GLY B 79 -31.81 2.81 0.99
N LYS B 80 -30.79 3.17 0.21
CA LYS B 80 -29.86 4.32 0.44
C LYS B 80 -29.84 5.16 -0.84
N PRO B 81 -29.76 6.51 -0.76
CA PRO B 81 -29.75 7.34 -1.96
C PRO B 81 -28.59 6.94 -2.90
N LYS B 82 -28.90 6.64 -4.17
CA LYS B 82 -27.94 6.11 -5.16
C LYS B 82 -26.66 6.98 -5.16
N VAL B 83 -26.81 8.29 -5.14
CA VAL B 83 -25.70 9.28 -5.25
C VAL B 83 -24.78 9.15 -4.02
N GLN B 84 -25.35 8.89 -2.85
CA GLN B 84 -24.60 8.78 -1.57
C GLN B 84 -23.74 7.51 -1.61
N CYS B 85 -24.36 6.35 -1.87
CA CYS B 85 -23.70 5.03 -1.97
C CYS B 85 -22.32 5.20 -2.64
N LEU B 86 -22.30 5.85 -3.81
CA LEU B 86 -21.06 6.11 -4.59
C LEU B 86 -20.11 6.96 -3.75
N LYS B 87 -20.50 8.20 -3.41
CA LYS B 87 -19.69 9.16 -2.62
C LYS B 87 -18.88 8.39 -1.58
N GLU B 88 -19.51 7.46 -0.86
CA GLU B 88 -18.88 6.65 0.22
C GLU B 88 -17.77 5.77 -0.38
N HIS B 89 -18.11 4.88 -1.31
CA HIS B 89 -17.18 3.90 -1.95
C HIS B 89 -16.01 4.63 -2.63
N LEU B 90 -16.29 5.77 -3.27
CA LEU B 90 -15.29 6.53 -4.08
C LEU B 90 -14.37 7.33 -3.15
N SER B 91 -14.87 7.81 -2.00
CA SER B 91 -14.09 8.57 -1.01
C SER B 91 -13.21 7.63 -0.17
N LYS B 92 -13.31 6.31 -0.38
CA LYS B 92 -12.43 5.30 0.26
C LYS B 92 -11.28 4.95 -0.71
N ILE B 93 -11.51 5.10 -2.01
CA ILE B 93 -10.54 4.77 -3.10
C ILE B 93 -9.82 6.04 -3.56
N ALA B 94 -10.50 7.19 -3.50
CA ALA B 94 -9.97 8.50 -3.93
C ALA B 94 -10.34 9.58 -2.90
N PRO B 95 -9.63 9.63 -1.74
CA PRO B 95 -9.82 10.70 -0.76
C PRO B 95 -9.49 12.09 -1.33
N TRP B 96 -8.58 12.14 -2.32
CA TRP B 96 -8.16 13.36 -3.07
C TRP B 96 -9.35 13.95 -3.86
N SER B 97 -10.33 13.11 -4.21
CA SER B 97 -11.45 13.42 -5.15
C SER B 97 -12.60 14.10 -4.41
N GLU B 98 -13.17 15.15 -5.04
CA GLU B 98 -14.35 15.94 -4.59
C GLU B 98 -15.57 15.44 -5.37
N ILE B 99 -16.46 14.69 -4.73
CA ILE B 99 -17.65 14.05 -5.38
C ILE B 99 -18.91 14.69 -4.80
N LYS B 100 -19.28 15.87 -5.32
CA LYS B 100 -20.51 16.59 -4.87
C LYS B 100 -21.72 15.84 -5.43
N ALA B 101 -22.22 14.87 -4.64
CA ALA B 101 -23.46 14.11 -4.90
C ALA B 101 -24.66 15.02 -4.66
N ARG B 102 -25.74 14.80 -5.41
CA ARG B 102 -26.99 15.58 -5.33
C ARG B 102 -28.17 14.62 -5.38
N ALA B 103 -28.86 14.41 -4.25
CA ALA B 103 -30.07 13.57 -4.12
C ALA B 103 -31.09 13.97 -5.19
N LYS B 104 -31.30 15.28 -5.38
CA LYS B 104 -32.40 15.91 -6.17
C LYS B 104 -32.50 15.29 -7.59
N ALA B 105 -33.55 15.67 -8.32
CA ALA B 105 -33.84 15.27 -9.73
C ALA B 105 -33.50 16.42 -10.67
N TRP B 106 -33.23 16.11 -11.94
CA TRP B 106 -32.73 17.07 -12.96
C TRP B 106 -33.89 17.64 -13.78
N THR B 107 -33.92 18.97 -13.95
CA THR B 107 -34.90 19.73 -14.76
C THR B 107 -34.15 20.63 -15.73
N LYS B 108 -34.85 21.27 -16.67
CA LYS B 108 -34.27 22.27 -17.60
C LYS B 108 -33.99 23.58 -16.84
N GLU B 109 -34.78 23.84 -15.80
CA GLU B 109 -34.81 25.13 -15.05
C GLU B 109 -33.71 25.14 -13.99
N ASN B 110 -33.59 24.08 -13.21
CA ASN B 110 -32.63 23.97 -12.07
C ASN B 110 -31.22 23.70 -12.60
N SER B 111 -31.11 23.03 -13.74
CA SER B 111 -29.82 22.54 -14.32
C SER B 111 -28.68 23.46 -13.88
N HIS B 112 -28.77 24.74 -14.22
CA HIS B 112 -27.69 25.74 -13.98
C HIS B 112 -27.44 25.88 -12.47
N ASP B 113 -28.51 26.14 -11.71
CA ASP B 113 -28.44 26.45 -10.25
C ASP B 113 -27.90 25.24 -9.47
N LEU B 114 -27.82 24.06 -10.10
CA LEU B 114 -27.20 22.82 -9.55
C LEU B 114 -25.70 22.83 -9.86
N ILE B 115 -25.39 22.85 -11.15
CA ILE B 115 -24.06 22.51 -11.74
C ILE B 115 -23.07 23.65 -11.46
N PHE B 116 -23.46 24.89 -11.76
CA PHE B 116 -22.60 26.08 -11.69
C PHE B 116 -22.55 26.62 -10.27
N ALA B 117 -23.46 26.12 -9.41
CA ALA B 117 -23.64 26.54 -7.99
C ALA B 117 -22.34 27.04 -7.38
N ASP B 118 -21.29 26.21 -7.41
CA ASP B 118 -19.97 26.48 -6.76
C ASP B 118 -19.26 27.60 -7.50
N GLY B 119 -19.40 27.67 -8.84
CA GLY B 119 -18.86 28.74 -9.69
C GLY B 119 -18.02 28.19 -10.83
N GLU B 120 -17.54 26.94 -10.70
CA GLU B 120 -16.73 26.23 -11.73
C GLU B 120 -17.65 25.82 -12.89
N SER B 121 -17.26 26.15 -14.13
CA SER B 121 -17.98 25.76 -15.37
C SER B 121 -17.78 24.27 -15.63
N PRO B 122 -18.84 23.52 -15.98
CA PRO B 122 -18.72 22.08 -16.24
C PRO B 122 -17.99 21.83 -17.57
N THR B 123 -17.01 20.93 -17.56
CA THR B 123 -16.17 20.59 -18.74
C THR B 123 -16.85 19.52 -19.59
N PHE B 124 -17.56 18.58 -18.95
CA PHE B 124 -18.16 17.39 -19.60
C PHE B 124 -19.43 16.95 -18.85
N ILE B 125 -20.52 16.69 -19.59
CA ILE B 125 -21.79 16.11 -19.05
C ILE B 125 -21.94 14.68 -19.58
N VAL B 126 -22.49 13.79 -18.76
CA VAL B 126 -22.78 12.37 -19.10
C VAL B 126 -24.25 12.09 -18.77
N ASP B 127 -25.10 12.00 -19.79
CA ASP B 127 -26.51 11.57 -19.69
C ASP B 127 -26.54 10.05 -19.50
N CYS B 128 -27.14 9.58 -18.40
CA CYS B 128 -27.41 8.15 -18.11
C CYS B 128 -28.86 7.99 -17.65
N LEU B 129 -29.77 8.75 -18.27
CA LEU B 129 -31.21 8.83 -17.92
C LEU B 129 -32.00 7.73 -18.64
N ASP B 130 -33.31 7.66 -18.38
CA ASP B 130 -34.27 6.68 -18.99
C ASP B 130 -35.56 7.41 -19.38
N ASN B 131 -36.05 8.33 -18.54
CA ASN B 131 -37.19 9.24 -18.85
C ASN B 131 -36.82 10.09 -20.08
N LEU B 132 -37.39 9.75 -21.25
CA LEU B 132 -37.08 10.36 -22.56
C LEU B 132 -37.13 11.89 -22.47
N GLU B 133 -38.25 12.43 -21.96
CA GLU B 133 -38.45 13.90 -21.77
C GLU B 133 -37.17 14.49 -21.19
N SER B 134 -36.83 14.11 -19.95
CA SER B 134 -35.66 14.63 -19.18
C SER B 134 -34.37 14.51 -20.03
N LYS B 135 -34.18 13.38 -20.71
CA LYS B 135 -32.95 13.08 -21.50
C LYS B 135 -32.81 14.11 -22.62
N VAL B 136 -33.83 14.25 -23.47
CA VAL B 136 -33.87 15.26 -24.57
C VAL B 136 -33.62 16.63 -23.95
N ASP B 137 -34.46 17.01 -22.97
CA ASP B 137 -34.36 18.28 -22.19
C ASP B 137 -32.89 18.50 -21.80
N LEU B 138 -32.20 17.44 -21.37
CA LEU B 138 -30.76 17.47 -20.92
C LEU B 138 -29.86 17.69 -22.14
N LEU B 139 -29.92 16.78 -23.11
CA LEU B 139 -29.10 16.87 -24.36
C LEU B 139 -29.31 18.26 -24.97
N GLU B 140 -30.57 18.69 -25.10
CA GLU B 140 -30.92 20.07 -25.52
C GLU B 140 -29.99 21.03 -24.77
N TYR B 141 -30.09 21.08 -23.44
CA TYR B 141 -29.34 22.00 -22.54
C TYR B 141 -27.84 21.92 -22.84
N ALA B 142 -27.32 20.69 -22.91
CA ALA B 142 -25.88 20.41 -23.15
C ALA B 142 -25.40 21.23 -24.35
N HIS B 143 -26.13 21.17 -25.46
CA HIS B 143 -25.75 21.79 -26.76
C HIS B 143 -25.86 23.31 -26.69
N HIS B 144 -26.98 23.83 -26.17
CA HIS B 144 -27.25 25.29 -26.09
C HIS B 144 -26.19 25.98 -25.22
N ASN B 145 -25.63 25.26 -24.23
CA ASN B 145 -24.63 25.78 -23.27
C ASN B 145 -23.21 25.33 -23.69
N LYS B 146 -23.03 24.87 -24.94
CA LYS B 146 -21.74 24.40 -25.53
C LYS B 146 -20.91 23.66 -24.48
N ILE B 147 -21.36 22.46 -24.10
CA ILE B 147 -20.69 21.53 -23.15
C ILE B 147 -20.49 20.18 -23.86
N ASP B 148 -19.23 19.80 -24.10
CA ASP B 148 -18.85 18.47 -24.64
C ASP B 148 -19.64 17.42 -23.85
N VAL B 149 -20.56 16.72 -24.50
CA VAL B 149 -21.53 15.80 -23.84
C VAL B 149 -21.54 14.43 -24.57
N ILE B 150 -21.56 13.36 -23.78
CA ILE B 150 -21.77 11.94 -24.20
C ILE B 150 -23.11 11.52 -23.61
N SER B 151 -23.80 10.53 -24.20
CA SER B 151 -25.13 10.05 -23.72
C SER B 151 -25.31 8.55 -24.01
N SER B 152 -25.51 7.74 -22.97
CA SER B 152 -26.02 6.35 -23.09
C SER B 152 -27.35 6.39 -23.85
N MET B 153 -27.60 5.40 -24.70
CA MET B 153 -28.88 5.28 -25.44
C MET B 153 -29.77 4.27 -24.71
N GLY B 154 -29.50 2.97 -24.87
CA GLY B 154 -30.20 1.89 -24.17
C GLY B 154 -29.36 0.64 -24.16
N VAL B 155 -29.61 -0.24 -23.20
CA VAL B 155 -28.89 -1.55 -23.05
C VAL B 155 -29.94 -2.67 -23.18
N ALA B 156 -31.12 -2.33 -23.68
CA ALA B 156 -32.28 -3.23 -23.85
C ALA B 156 -32.01 -4.19 -25.02
N THR B 157 -32.18 -5.49 -24.77
CA THR B 157 -32.11 -6.58 -25.79
C THR B 157 -30.67 -6.71 -26.29
N LYS B 158 -29.69 -6.33 -25.47
CA LYS B 158 -28.25 -6.30 -25.86
C LYS B 158 -27.54 -7.51 -25.26
N SER B 159 -26.80 -8.25 -26.10
CA SER B 159 -26.14 -9.55 -25.81
C SER B 159 -24.64 -9.50 -26.13
N ASP B 160 -24.22 -8.65 -27.08
CA ASP B 160 -22.89 -8.72 -27.74
C ASP B 160 -22.02 -7.56 -27.24
N PRO B 161 -20.93 -7.84 -26.48
CA PRO B 161 -20.04 -6.79 -26.00
C PRO B 161 -19.06 -6.19 -27.04
N THR B 162 -19.14 -6.61 -28.31
CA THR B 162 -18.27 -6.10 -29.41
C THR B 162 -19.01 -5.02 -30.20
N ARG B 163 -20.34 -5.15 -30.32
CA ARG B 163 -21.20 -4.28 -31.16
C ARG B 163 -21.33 -2.88 -30.54
N VAL B 164 -21.09 -2.75 -29.23
CA VAL B 164 -21.08 -1.44 -28.51
C VAL B 164 -20.20 -0.45 -29.29
N SER B 165 -20.81 0.55 -29.93
CA SER B 165 -20.12 1.65 -30.66
C SER B 165 -20.35 2.97 -29.92
N ILE B 166 -19.42 3.92 -30.04
CA ILE B 166 -19.61 5.34 -29.63
C ILE B 166 -19.50 6.20 -30.89
N ASN B 167 -20.49 7.08 -31.10
CA ASN B 167 -20.63 7.89 -32.33
C ASN B 167 -21.69 8.97 -32.11
N ASP B 168 -21.98 9.75 -33.16
CA ASP B 168 -22.93 10.89 -33.12
C ASP B 168 -24.36 10.36 -33.28
N ILE B 169 -25.33 11.05 -32.67
CA ILE B 169 -26.79 10.77 -32.77
C ILE B 169 -27.12 10.44 -34.24
N SER B 170 -26.69 11.29 -35.16
CA SER B 170 -26.95 11.18 -36.61
C SER B 170 -26.78 9.73 -37.09
N MET B 171 -25.66 9.10 -36.72
CA MET B 171 -25.20 7.80 -37.29
C MET B 171 -26.02 6.64 -36.73
N THR B 172 -26.65 6.80 -35.55
CA THR B 172 -27.41 5.72 -34.86
C THR B 172 -28.78 5.54 -35.54
N GLU B 173 -28.80 5.39 -36.86
CA GLU B 173 -30.02 5.13 -37.67
C GLU B 173 -30.59 3.77 -37.27
N PHE B 174 -29.73 2.75 -37.23
CA PHE B 174 -30.10 1.31 -37.08
C PHE B 174 -30.66 1.05 -35.67
N ASP B 175 -29.85 1.19 -34.62
CA ASP B 175 -30.24 0.85 -33.22
C ASP B 175 -31.68 1.29 -32.97
N PRO B 176 -32.64 0.34 -32.80
CA PRO B 176 -34.06 0.70 -32.69
C PRO B 176 -34.33 1.63 -31.50
N ILE B 177 -33.58 1.46 -30.43
CA ILE B 177 -33.76 2.19 -29.13
C ILE B 177 -33.53 3.68 -29.36
N SER B 178 -32.50 4.02 -30.13
CA SER B 178 -32.03 5.41 -30.35
C SER B 178 -33.13 6.28 -30.97
N ARG B 179 -33.97 5.72 -31.85
CA ARG B 179 -34.99 6.47 -32.64
C ARG B 179 -35.70 7.49 -31.74
N CYS B 180 -36.49 7.02 -30.77
CA CYS B 180 -37.33 7.86 -29.87
C CYS B 180 -36.51 9.03 -29.29
N VAL B 181 -35.23 8.79 -28.98
CA VAL B 181 -34.30 9.78 -28.37
C VAL B 181 -33.88 10.79 -29.44
N ARG B 182 -33.39 10.31 -30.58
CA ARG B 182 -32.93 11.16 -31.71
C ARG B 182 -34.11 11.94 -32.28
N ARG B 183 -35.19 11.25 -32.68
CA ARG B 183 -36.37 11.84 -33.34
C ARG B 183 -36.70 13.16 -32.64
N LYS B 184 -37.19 13.07 -31.39
CA LYS B 184 -37.55 14.25 -30.56
C LYS B 184 -36.41 15.27 -30.63
N LEU B 185 -35.19 14.84 -30.30
CA LEU B 185 -33.98 15.70 -30.31
C LEU B 185 -33.93 16.46 -31.64
N ARG B 186 -34.03 15.77 -32.78
CA ARG B 186 -33.96 16.43 -34.12
C ARG B 186 -35.10 17.45 -34.24
N LYS B 187 -36.31 17.10 -33.81
CA LYS B 187 -37.51 17.97 -34.02
C LYS B 187 -37.47 19.16 -33.06
N ARG B 188 -36.63 19.12 -32.01
CA ARG B 188 -36.34 20.29 -31.14
C ARG B 188 -35.41 21.25 -31.89
N GLY B 189 -34.66 20.73 -32.87
CA GLY B 189 -33.82 21.50 -33.81
C GLY B 189 -32.34 21.20 -33.65
N ILE B 190 -31.99 19.92 -33.49
CA ILE B 190 -30.58 19.47 -33.21
C ILE B 190 -30.46 17.96 -33.49
N ALA B 191 -29.66 17.58 -34.49
CA ALA B 191 -29.40 16.17 -34.87
C ALA B 191 -27.90 15.93 -35.11
N THR B 192 -27.02 16.80 -34.62
CA THR B 192 -25.54 16.72 -34.81
C THR B 192 -24.82 17.33 -33.60
N GLY B 193 -23.75 16.68 -33.12
CA GLY B 193 -22.84 17.18 -32.08
C GLY B 193 -22.84 16.32 -30.81
N ILE B 194 -23.93 15.60 -30.57
CA ILE B 194 -24.16 14.81 -29.32
C ILE B 194 -23.58 13.41 -29.54
N SER B 195 -22.43 13.12 -28.93
CA SER B 195 -21.80 11.78 -28.89
C SER B 195 -22.70 10.84 -28.08
N VAL B 196 -22.91 9.62 -28.57
CA VAL B 196 -23.79 8.60 -27.93
C VAL B 196 -23.15 7.21 -28.03
N VAL B 197 -23.15 6.46 -26.93
CA VAL B 197 -22.83 5.01 -26.90
C VAL B 197 -24.15 4.26 -27.12
N PHE B 198 -24.08 3.09 -27.74
CA PHE B 198 -25.23 2.25 -28.15
C PHE B 198 -24.69 1.01 -28.88
N SER B 199 -25.47 -0.07 -28.86
CA SER B 199 -25.23 -1.27 -29.71
C SER B 199 -26.28 -1.25 -30.83
N ASN B 200 -25.84 -1.34 -32.08
CA ASN B 200 -26.73 -1.44 -33.27
C ASN B 200 -27.10 -2.92 -33.47
N GLU B 201 -27.24 -3.67 -32.36
CA GLU B 201 -27.56 -5.13 -32.37
C GLU B 201 -29.01 -5.30 -32.79
N MET B 202 -29.22 -5.99 -33.92
CA MET B 202 -30.56 -6.29 -34.51
C MET B 202 -31.48 -6.80 -33.38
N LEU B 203 -32.77 -6.50 -33.46
CA LEU B 203 -33.80 -6.99 -32.51
C LEU B 203 -33.86 -8.52 -32.60
N ASP B 204 -33.58 -9.22 -31.49
CA ASP B 204 -33.40 -10.70 -31.42
C ASP B 204 -34.72 -11.39 -31.78
N PRO B 205 -34.78 -12.22 -32.85
CA PRO B 205 -36.03 -12.86 -33.27
C PRO B 205 -36.76 -13.66 -32.19
N ARG B 206 -36.08 -14.63 -31.55
CA ARG B 206 -36.66 -15.59 -30.57
C ARG B 206 -36.37 -15.14 -29.13
N ARG B 207 -37.43 -14.99 -28.32
CA ARG B 207 -37.36 -14.54 -26.89
C ARG B 207 -36.78 -15.66 -26.02
N ASN B 222 -43.17 -7.04 -45.45
CA ASN B 222 -42.47 -6.38 -44.31
C ASN B 222 -42.83 -4.89 -44.31
N ALA B 223 -44.02 -4.56 -43.77
CA ALA B 223 -44.57 -3.18 -43.68
C ALA B 223 -45.32 -3.01 -42.36
N VAL B 224 -44.62 -3.17 -41.23
CA VAL B 224 -45.15 -3.02 -39.84
C VAL B 224 -44.16 -2.17 -39.01
N ARG B 225 -44.41 -0.86 -38.90
CA ARG B 225 -43.63 0.09 -38.05
C ARG B 225 -44.58 1.16 -37.48
N ASP B 226 -45.05 0.96 -36.23
CA ASP B 226 -45.84 1.94 -35.43
C ASP B 226 -45.16 2.11 -34.07
N GLU B 227 -44.28 3.12 -33.95
CA GLU B 227 -43.35 3.29 -32.80
C GLU B 227 -44.16 3.61 -31.53
N ALA B 228 -44.69 2.55 -30.91
CA ALA B 228 -45.05 2.46 -29.47
C ALA B 228 -44.10 1.45 -28.81
N LEU B 229 -42.93 1.19 -29.43
CA LEU B 229 -41.88 0.25 -28.96
C LEU B 229 -40.95 0.98 -27.97
N ARG B 230 -40.68 0.38 -26.80
CA ARG B 230 -39.95 0.99 -25.67
C ARG B 230 -38.89 0.01 -25.13
N HIS B 231 -38.32 0.31 -23.95
CA HIS B 231 -37.31 -0.50 -23.21
C HIS B 231 -37.92 -1.82 -22.72
N LEU B 232 -37.17 -2.92 -22.87
CA LEU B 232 -37.53 -4.30 -22.44
C LEU B 232 -36.52 -4.71 -21.35
N PRO B 233 -36.11 -5.99 -21.19
CA PRO B 233 -35.16 -6.34 -20.12
C PRO B 233 -33.68 -6.10 -20.46
N GLU B 234 -32.87 -5.86 -19.41
CA GLU B 234 -31.41 -5.60 -19.49
C GLU B 234 -30.66 -6.94 -19.45
N LEU B 235 -29.33 -6.92 -19.36
CA LEU B 235 -28.48 -8.10 -19.05
C LEU B 235 -27.30 -7.65 -18.15
N GLY B 236 -27.23 -8.20 -16.93
CA GLY B 236 -26.37 -7.75 -15.81
C GLY B 236 -25.08 -7.06 -16.22
N THR B 237 -24.34 -7.64 -17.17
CA THR B 237 -22.96 -7.22 -17.56
C THR B 237 -23.02 -5.92 -18.39
N MET B 238 -23.94 -5.87 -19.36
CA MET B 238 -23.97 -4.90 -20.49
C MET B 238 -23.91 -3.45 -20.00
N PRO B 239 -24.70 -3.02 -18.99
CA PRO B 239 -24.64 -1.64 -18.52
C PRO B 239 -23.17 -1.20 -18.38
N GLY B 240 -22.36 -2.03 -17.72
CA GLY B 240 -20.92 -1.79 -17.47
C GLY B 240 -20.17 -1.50 -18.75
N ILE B 241 -20.31 -2.39 -19.74
CA ILE B 241 -19.71 -2.22 -21.09
C ILE B 241 -19.92 -0.75 -21.51
N PHE B 242 -21.15 -0.27 -21.40
CA PHE B 242 -21.55 1.12 -21.77
C PHE B 242 -20.82 2.10 -20.85
N GLY B 243 -20.98 1.93 -19.55
CA GLY B 243 -20.33 2.78 -18.54
C GLY B 243 -18.84 2.89 -18.80
N LEU B 244 -18.15 1.76 -18.70
CA LEU B 244 -16.69 1.68 -18.92
C LEU B 244 -16.35 2.41 -20.22
N SER B 245 -17.01 2.06 -21.31
CA SER B 245 -16.70 2.59 -22.66
C SER B 245 -16.78 4.12 -22.65
N ILE B 246 -17.86 4.70 -22.12
CA ILE B 246 -18.05 6.19 -22.13
C ILE B 246 -17.06 6.82 -21.15
N ALA B 247 -16.58 6.07 -20.17
CA ALA B 247 -15.45 6.51 -19.29
C ALA B 247 -14.17 6.52 -20.13
N THR B 248 -13.77 5.36 -20.64
CA THR B 248 -12.65 5.19 -21.61
C THR B 248 -12.69 6.39 -22.55
N TRP B 249 -13.83 6.56 -23.24
CA TRP B 249 -14.05 7.64 -24.22
C TRP B 249 -13.65 8.98 -23.60
N ILE B 250 -14.33 9.41 -22.54
CA ILE B 250 -14.12 10.73 -21.89
C ILE B 250 -12.63 10.89 -21.56
N LEU B 251 -12.00 9.84 -21.01
CA LEU B 251 -10.58 9.86 -20.58
C LEU B 251 -9.68 10.09 -21.81
N THR B 252 -9.88 9.32 -22.86
CA THR B 252 -9.06 9.36 -24.10
C THR B 252 -9.26 10.71 -24.80
N LYS B 253 -10.44 11.31 -24.69
CA LYS B 253 -10.75 12.61 -25.35
C LYS B 253 -10.03 13.73 -24.60
N VAL B 254 -10.32 13.86 -23.31
CA VAL B 254 -9.81 14.96 -22.44
C VAL B 254 -8.28 15.01 -22.53
N SER B 255 -7.64 13.85 -22.30
CA SER B 255 -6.18 13.65 -22.41
C SER B 255 -5.77 13.81 -23.87
N GLY B 256 -4.63 14.46 -24.11
CA GLY B 256 -4.09 14.69 -25.47
C GLY B 256 -3.74 13.38 -26.15
N TYR B 257 -4.72 12.46 -26.25
CA TYR B 257 -4.56 11.10 -26.84
C TYR B 257 -5.34 11.06 -28.14
N PRO B 258 -4.89 10.28 -29.14
CA PRO B 258 -5.60 10.17 -30.43
C PRO B 258 -6.86 9.30 -30.33
N MET B 259 -7.78 9.52 -31.27
CA MET B 259 -9.16 8.98 -31.22
C MET B 259 -9.73 8.82 -32.62
N LYS B 260 -10.72 7.94 -32.76
CA LYS B 260 -11.50 7.66 -34.01
C LYS B 260 -12.01 8.98 -34.62
N GLU B 261 -12.50 9.91 -33.80
CA GLU B 261 -13.17 11.18 -34.21
C GLU B 261 -14.47 10.83 -34.94
N ASN B 262 -15.52 10.49 -34.20
CA ASN B 262 -16.86 10.13 -34.73
C ASN B 262 -17.27 11.18 -35.78
N GLU B 263 -17.73 10.72 -36.95
CA GLU B 263 -18.15 11.58 -38.09
C GLU B 263 -19.64 11.33 -38.38
N VAL B 264 -20.34 12.35 -38.87
CA VAL B 264 -21.83 12.50 -38.79
C VAL B 264 -22.44 12.39 -40.19
N LYS B 265 -23.64 11.81 -40.29
CA LYS B 265 -24.41 11.65 -41.56
C LYS B 265 -25.59 12.63 -41.54
N ASN B 266 -25.29 13.91 -41.81
CA ASN B 266 -26.25 15.02 -42.02
C ASN B 266 -26.08 15.51 -43.46
N ARG B 267 -26.86 14.95 -44.40
CA ARG B 267 -26.81 15.29 -45.84
C ARG B 267 -27.50 16.65 -46.07
N LEU B 268 -26.87 17.73 -45.64
CA LEU B 268 -27.45 19.10 -45.71
C LEU B 268 -27.62 19.48 -47.20
N LYS B 269 -26.61 19.17 -48.03
CA LYS B 269 -26.59 19.45 -49.49
C LYS B 269 -27.84 18.84 -50.14
N PHE B 270 -28.13 17.58 -49.81
CA PHE B 270 -29.29 16.79 -50.31
C PHE B 270 -30.59 17.54 -50.00
N TYR B 271 -30.75 18.00 -48.77
CA TYR B 271 -31.99 18.61 -48.24
C TYR B 271 -32.35 19.86 -49.05
N ASP B 272 -31.35 20.70 -49.36
CA ASP B 272 -31.52 21.89 -50.24
C ASP B 272 -32.14 21.41 -51.57
N SER B 273 -31.47 20.46 -52.22
CA SER B 273 -31.79 19.98 -53.59
C SER B 273 -33.19 19.37 -53.65
N ILE B 274 -33.67 18.77 -52.55
CA ILE B 274 -35.03 18.16 -52.47
C ILE B 274 -36.05 19.26 -52.12
N LEU B 275 -35.71 20.15 -51.19
CA LEU B 275 -36.58 21.30 -50.82
C LEU B 275 -36.82 22.13 -52.08
N GLU B 276 -35.76 22.36 -52.87
CA GLU B 276 -35.79 23.12 -54.15
C GLU B 276 -36.97 22.61 -55.00
N THR B 277 -37.17 21.30 -55.06
CA THR B 277 -38.27 20.64 -55.83
C THR B 277 -39.61 21.06 -55.22
N PHE B 278 -39.71 20.99 -53.89
CA PHE B 278 -40.94 21.35 -53.12
C PHE B 278 -41.27 22.83 -53.36
N GLN B 279 -40.34 23.73 -53.04
CA GLN B 279 -40.48 25.19 -53.27
C GLN B 279 -40.93 25.44 -54.71
N LYS B 280 -40.33 24.74 -55.68
CA LYS B 280 -40.63 24.91 -57.13
C LYS B 280 -42.08 24.48 -57.39
N GLN B 281 -42.55 23.40 -56.76
CA GLN B 281 -43.93 22.86 -56.93
C GLN B 281 -44.96 23.93 -56.49
N MET B 282 -44.60 24.76 -55.51
CA MET B 282 -45.52 25.79 -54.93
C MET B 282 -45.71 26.96 -55.92
N ALA B 283 -44.67 27.29 -56.71
CA ALA B 283 -44.66 28.41 -57.69
C ALA B 283 -45.31 27.97 -59.02
N ARG B 284 -45.32 26.67 -59.30
CA ARG B 284 -45.98 26.06 -60.49
C ARG B 284 -47.48 25.87 -60.22
N LEU B 285 -47.90 26.02 -58.95
CA LEU B 285 -49.30 25.84 -58.50
C LEU B 285 -49.98 27.22 -58.35
N ASN B 286 -49.49 28.07 -57.44
CA ASN B 286 -50.06 29.41 -57.13
C ASN B 286 -49.03 30.50 -57.45
N SER B 293 -43.82 27.19 -49.03
CA SER B 293 -42.70 28.16 -48.90
C SER B 293 -42.31 28.36 -47.42
N LEU B 294 -43.21 28.04 -46.48
CA LEU B 294 -42.97 28.15 -45.01
C LEU B 294 -42.08 27.02 -44.50
N LEU B 295 -42.03 25.88 -45.22
CA LEU B 295 -41.31 24.64 -44.79
C LEU B 295 -39.80 24.92 -44.74
N GLY B 296 -39.19 24.68 -43.57
CA GLY B 296 -37.75 24.90 -43.33
C GLY B 296 -36.89 23.81 -43.94
N LEU B 297 -35.59 24.09 -44.11
CA LEU B 297 -34.57 23.16 -44.65
C LEU B 297 -34.31 22.05 -43.64
N GLU B 298 -34.25 22.40 -42.34
CA GLU B 298 -34.06 21.46 -41.21
C GLU B 298 -35.30 20.57 -41.07
N GLU B 299 -36.47 21.11 -41.40
CA GLU B 299 -37.78 20.38 -41.41
C GLU B 299 -37.74 19.30 -42.51
N VAL B 300 -37.24 19.63 -43.70
CA VAL B 300 -37.10 18.66 -44.83
C VAL B 300 -36.20 17.52 -44.37
N GLY B 301 -34.97 17.84 -43.98
CA GLY B 301 -33.98 16.89 -43.43
C GLY B 301 -34.63 15.84 -42.57
N TYR B 302 -35.52 16.27 -41.66
CA TYR B 302 -36.31 15.38 -40.77
C TYR B 302 -37.21 14.48 -41.63
N ILE B 303 -38.09 15.10 -42.44
CA ILE B 303 -39.02 14.39 -43.36
C ILE B 303 -38.24 13.34 -44.15
N VAL B 304 -37.08 13.75 -44.69
CA VAL B 304 -36.22 12.94 -45.58
C VAL B 304 -35.62 11.77 -44.78
N GLU B 305 -34.72 12.08 -43.84
CA GLU B 305 -33.90 11.06 -43.13
C GLU B 305 -34.75 10.28 -42.12
N GLU B 306 -35.59 10.97 -41.34
CA GLU B 306 -36.22 10.38 -40.13
C GLU B 306 -37.48 9.61 -40.49
N MET B 307 -38.34 10.20 -41.33
CA MET B 307 -39.71 9.67 -41.63
C MET B 307 -39.63 8.63 -42.76
N PHE B 308 -39.30 9.06 -43.99
CA PHE B 308 -39.29 8.21 -45.21
C PHE B 308 -37.97 7.42 -45.30
N ARG B 309 -36.97 7.84 -44.53
CA ARG B 309 -35.67 7.13 -44.30
C ARG B 309 -34.85 7.12 -45.60
N GLY B 310 -34.87 8.24 -46.33
CA GLY B 310 -34.04 8.49 -47.53
C GLY B 310 -34.47 7.64 -48.71
N LYS B 311 -35.66 7.03 -48.62
CA LYS B 311 -36.20 6.05 -49.60
C LYS B 311 -37.66 6.42 -49.88
N SER B 312 -38.08 6.39 -51.14
CA SER B 312 -39.49 6.58 -51.53
C SER B 312 -40.32 5.45 -50.93
N PRO B 313 -41.57 5.72 -50.47
CA PRO B 313 -42.45 4.66 -50.01
C PRO B 313 -43.10 3.92 -51.17
N ILE B 314 -43.01 4.49 -52.39
CA ILE B 314 -43.61 3.95 -53.64
C ILE B 314 -42.66 2.90 -54.23
N SER B 315 -41.47 3.33 -54.65
CA SER B 315 -40.43 2.50 -55.33
C SER B 315 -39.45 1.92 -54.30
N GLY B 316 -38.78 2.81 -53.55
CA GLY B 316 -37.73 2.45 -52.59
C GLY B 316 -36.38 3.02 -52.99
N TYR B 317 -36.26 3.54 -54.22
CA TYR B 317 -35.01 4.13 -54.77
C TYR B 317 -34.64 5.37 -53.95
N SER B 318 -33.34 5.68 -53.88
CA SER B 318 -32.76 6.79 -53.10
C SER B 318 -32.33 7.92 -54.04
N THR B 319 -32.60 7.76 -55.35
CA THR B 319 -32.02 8.57 -56.45
C THR B 319 -33.10 9.45 -57.09
N LYS B 320 -32.73 10.67 -57.48
CA LYS B 320 -33.62 11.68 -58.14
C LYS B 320 -34.90 11.83 -57.30
N LEU B 321 -34.75 12.08 -56.01
CA LEU B 321 -35.90 12.21 -55.05
C LEU B 321 -36.44 13.63 -55.09
N ALA B 322 -37.65 13.82 -54.56
CA ALA B 322 -38.34 15.12 -54.42
C ALA B 322 -39.45 15.01 -53.37
N LEU B 323 -39.96 16.16 -52.91
CA LEU B 323 -41.15 16.28 -52.04
C LEU B 323 -42.36 16.61 -52.90
N THR B 324 -43.56 16.49 -52.34
CA THR B 324 -44.85 16.88 -52.99
C THR B 324 -45.99 16.83 -51.96
N LYS B 325 -46.91 17.80 -52.06
CA LYS B 325 -48.16 17.85 -51.24
C LYS B 325 -48.94 16.55 -51.47
N TRP B 326 -49.32 15.87 -50.39
CA TRP B 326 -49.92 14.51 -50.43
C TRP B 326 -51.31 14.58 -51.07
N GLU B 327 -52.27 15.24 -50.43
CA GLU B 327 -53.64 15.45 -50.99
C GLU B 327 -54.00 16.95 -50.93
N ALA B 328 -54.81 17.42 -51.88
CA ALA B 328 -55.14 18.85 -52.13
C ALA B 328 -56.07 19.39 -51.04
N ASN B 329 -56.80 18.51 -50.34
CA ASN B 329 -57.86 18.86 -49.36
C ASN B 329 -57.23 19.40 -48.06
N LYS B 330 -56.19 18.74 -47.54
CA LYS B 330 -55.54 19.08 -46.24
C LYS B 330 -54.58 20.26 -46.45
N GLU B 331 -54.23 20.95 -45.36
CA GLU B 331 -53.18 22.01 -45.33
C GLU B 331 -51.82 21.33 -45.48
N ILE B 332 -50.81 22.08 -45.96
CA ILE B 332 -49.40 21.60 -46.11
C ILE B 332 -48.78 21.51 -44.70
N SER B 333 -48.75 20.30 -44.13
CA SER B 333 -48.16 19.97 -42.81
C SER B 333 -47.18 18.79 -42.97
N LEU B 334 -46.57 18.36 -41.87
CA LEU B 334 -45.63 17.20 -41.85
C LEU B 334 -46.40 15.89 -42.09
N THR B 335 -47.73 15.88 -41.88
CA THR B 335 -48.61 14.69 -42.05
C THR B 335 -49.27 14.70 -43.44
N ASN B 336 -48.88 15.63 -44.32
CA ASN B 336 -49.49 15.78 -45.68
C ASN B 336 -48.44 16.27 -46.69
N VAL B 337 -47.24 15.72 -46.63
CA VAL B 337 -46.21 15.84 -47.71
C VAL B 337 -45.42 14.53 -47.74
N VAL B 338 -45.19 13.99 -48.94
CA VAL B 338 -44.51 12.67 -49.15
C VAL B 338 -43.28 12.87 -50.02
N LEU B 339 -42.20 12.17 -49.69
CA LEU B 339 -40.93 12.14 -50.46
C LEU B 339 -41.06 11.03 -51.51
N MET B 340 -40.52 11.24 -52.71
CA MET B 340 -40.59 10.27 -53.84
C MET B 340 -39.69 10.73 -54.98
N THR B 341 -39.60 9.95 -56.05
CA THR B 341 -38.79 10.26 -57.26
C THR B 341 -39.47 11.39 -58.04
N LYS B 342 -38.69 12.29 -58.66
CA LYS B 342 -39.18 13.37 -59.56
C LYS B 342 -40.10 12.73 -60.62
N GLU B 343 -39.76 11.52 -61.06
CA GLU B 343 -40.63 10.60 -61.85
C GLU B 343 -42.01 10.53 -61.17
N GLU B 344 -42.04 10.17 -59.88
CA GLU B 344 -43.27 9.96 -59.07
C GLU B 344 -43.91 11.32 -58.74
N GLN B 345 -43.10 12.37 -58.54
CA GLN B 345 -43.58 13.76 -58.30
C GLN B 345 -44.51 14.16 -59.45
N GLU B 346 -43.99 14.10 -60.68
CA GLU B 346 -44.70 14.55 -61.92
C GLU B 346 -46.06 13.84 -62.00
N ILE B 347 -46.06 12.51 -61.91
CA ILE B 347 -47.30 11.67 -61.98
C ILE B 347 -48.25 12.14 -60.88
N HIS B 348 -47.80 12.14 -59.63
CA HIS B 348 -48.62 12.54 -58.45
C HIS B 348 -49.20 13.94 -58.65
N GLU B 349 -48.40 14.86 -59.18
CA GLU B 349 -48.76 16.30 -59.36
C GLU B 349 -49.92 16.40 -60.34
N LYS B 350 -49.85 15.72 -61.50
CA LYS B 350 -50.91 15.77 -62.53
C LYS B 350 -52.17 15.07 -62.00
N ARG B 351 -52.03 13.86 -61.45
CA ARG B 351 -53.17 12.93 -61.22
C ARG B 351 -53.95 13.31 -59.97
N ILE B 352 -53.29 13.75 -58.89
CA ILE B 352 -53.94 13.95 -57.55
C ILE B 352 -54.06 15.44 -57.21
N LEU B 353 -53.12 16.29 -57.65
CA LEU B 353 -53.13 17.74 -57.35
C LEU B 353 -53.99 18.47 -58.38
N LEU B 354 -53.79 18.19 -59.68
CA LEU B 354 -54.42 18.92 -60.82
C LEU B 354 -55.69 18.20 -61.30
N ASP B 355 -55.56 16.96 -61.79
CA ASP B 355 -56.68 16.14 -62.36
C ASP B 355 -57.69 15.80 -61.26
N GLY B 356 -57.28 15.82 -59.98
CA GLY B 356 -58.15 15.75 -58.80
C GLY B 356 -58.65 14.34 -58.51
N GLU B 357 -57.95 13.31 -59.00
CA GLU B 357 -58.34 11.87 -58.86
C GLU B 357 -58.25 11.45 -57.39
N LYS B 358 -58.88 10.30 -57.08
CA LYS B 358 -58.82 9.65 -55.75
C LYS B 358 -57.44 9.01 -55.58
N LEU B 359 -57.04 8.73 -54.34
CA LEU B 359 -55.69 8.19 -54.01
C LEU B 359 -55.65 6.69 -54.29
N THR B 360 -56.72 5.96 -53.91
CA THR B 360 -56.91 4.52 -54.16
C THR B 360 -56.83 4.22 -55.67
N ALA B 361 -57.12 5.24 -56.50
CA ALA B 361 -57.18 5.15 -57.98
C ALA B 361 -55.79 5.00 -58.58
N VAL B 362 -54.78 5.66 -58.02
CA VAL B 362 -53.40 5.74 -58.59
C VAL B 362 -52.47 4.74 -57.88
N TYR B 363 -52.37 4.85 -56.54
CA TYR B 363 -51.39 4.11 -55.71
C TYR B 363 -52.00 2.80 -55.21
N SER B 364 -51.16 1.77 -55.10
CA SER B 364 -51.49 0.45 -54.50
C SER B 364 -51.91 0.65 -53.04
N GLU B 365 -52.73 -0.25 -52.51
CA GLU B 365 -53.17 -0.22 -51.09
C GLU B 365 -51.97 -0.58 -50.20
N GLU B 366 -51.04 -1.41 -50.70
CA GLU B 366 -49.77 -1.78 -50.00
C GLU B 366 -49.03 -0.51 -49.62
N VAL B 367 -48.96 0.46 -50.55
CA VAL B 367 -48.27 1.77 -50.37
C VAL B 367 -49.09 2.64 -49.41
N LEU B 368 -50.38 2.84 -49.73
CA LEU B 368 -51.29 3.79 -49.02
C LEU B 368 -51.41 3.43 -47.53
N ASP B 369 -51.25 2.15 -47.17
CA ASP B 369 -51.17 1.69 -45.76
C ASP B 369 -49.85 2.18 -45.17
N PHE B 370 -48.72 1.72 -45.74
CA PHE B 370 -47.34 2.06 -45.32
C PHE B 370 -47.23 3.59 -45.15
N ILE B 371 -47.87 4.37 -46.02
CA ILE B 371 -47.87 5.87 -45.96
C ILE B 371 -48.68 6.32 -44.73
N GLU B 372 -49.86 5.74 -44.52
CA GLU B 372 -50.73 6.07 -43.36
C GLU B 372 -49.93 5.81 -42.08
N ARG B 373 -49.39 4.60 -41.91
CA ARG B 373 -48.61 4.20 -40.71
C ARG B 373 -47.46 5.20 -40.48
N LEU B 374 -46.79 5.64 -41.55
CA LEU B 374 -45.60 6.55 -41.48
C LEU B 374 -46.03 7.94 -40.99
N PHE B 375 -47.31 8.29 -41.16
CA PHE B 375 -47.92 9.52 -40.59
C PHE B 375 -48.30 9.25 -39.14
N LYS B 376 -48.90 8.08 -38.86
CA LYS B 376 -49.32 7.68 -37.49
C LYS B 376 -48.08 7.46 -36.61
N GLU B 377 -46.94 7.14 -37.22
CA GLU B 377 -45.60 7.20 -36.57
C GLU B 377 -45.38 8.66 -36.15
N GLU B 378 -45.23 9.55 -37.14
CA GLU B 378 -44.93 11.00 -36.97
C GLU B 378 -45.96 11.66 -36.05
N GLU B 379 -47.23 11.27 -36.15
CA GLU B 379 -48.36 11.86 -35.38
C GLU B 379 -47.97 11.89 -33.90
N TYR B 380 -47.33 10.82 -33.39
CA TYR B 380 -46.92 10.68 -31.98
C TYR B 380 -45.97 11.82 -31.60
N TYR B 381 -44.88 12.00 -32.34
CA TYR B 381 -43.80 12.97 -32.02
C TYR B 381 -44.29 14.41 -32.26
N SER B 382 -45.18 14.91 -31.40
CA SER B 382 -45.79 16.27 -31.50
C SER B 382 -46.49 16.66 -30.19
N SER C 2 -10.54 17.85 2.29
CA SER C 2 -10.03 16.74 1.43
C SER C 2 -8.58 16.40 1.80
N ASP C 3 -8.26 15.10 1.90
CA ASP C 3 -6.98 14.50 2.38
C ASP C 3 -6.98 14.43 3.92
N HIS C 4 -8.17 14.44 4.55
CA HIS C 4 -8.37 14.18 6.00
C HIS C 4 -7.63 12.90 6.38
N LEU C 5 -7.87 11.81 5.62
CA LEU C 5 -7.24 10.47 5.79
C LEU C 5 -5.82 10.62 6.34
N PHE C 6 -4.98 11.36 5.61
CA PHE C 6 -3.52 11.51 5.88
C PHE C 6 -3.28 11.97 7.33
N ARG C 7 -4.14 12.83 7.87
CA ARG C 7 -3.97 13.44 9.22
C ARG C 7 -4.34 12.40 10.30
N GLU C 8 -5.38 11.61 10.05
CA GLU C 8 -5.94 10.63 11.04
C GLU C 8 -4.98 9.45 11.22
N GLN C 9 -4.08 9.21 10.25
CA GLN C 9 -2.98 8.21 10.36
C GLN C 9 -2.06 8.61 11.53
N LEU C 10 -1.65 9.87 11.58
CA LEU C 10 -0.66 10.40 12.56
C LEU C 10 -1.39 11.10 13.71
N ALA C 11 -2.73 11.06 13.70
CA ALA C 11 -3.63 11.82 14.60
C ALA C 11 -2.91 12.18 15.91
N ARG C 12 -2.34 11.19 16.59
CA ARG C 12 -1.77 11.35 17.95
C ARG C 12 -0.38 12.00 17.87
N ASN C 13 0.37 11.72 16.81
CA ASN C 13 1.70 12.35 16.57
C ASN C 13 1.49 13.85 16.34
N TYR C 14 0.38 14.25 15.71
CA TYR C 14 0.04 15.67 15.46
C TYR C 14 -0.13 16.37 16.83
N ALA C 15 -1.18 16.00 17.58
CA ALA C 15 -1.60 16.66 18.84
C ALA C 15 -0.44 16.75 19.84
N PHE C 16 0.52 15.82 19.76
CA PHE C 16 1.71 15.74 20.68
C PHE C 16 2.71 16.87 20.37
N LEU C 17 2.97 17.14 19.08
CA LEU C 17 4.04 18.06 18.61
C LEU C 17 3.46 19.40 18.14
N GLY C 18 2.43 19.37 17.29
CA GLY C 18 1.71 20.56 16.79
C GLY C 18 1.81 20.71 15.28
N GLU C 19 0.87 21.47 14.68
CA GLU C 19 0.77 21.69 13.21
C GLU C 19 2.16 22.09 12.68
N GLU C 20 2.68 23.23 13.13
CA GLU C 20 4.02 23.75 12.71
C GLU C 20 5.07 22.65 12.90
N GLY C 21 4.99 21.92 14.02
CA GLY C 21 5.88 20.78 14.31
C GLY C 21 5.89 19.77 13.17
N MET C 22 4.71 19.24 12.82
CA MET C 22 4.56 18.10 11.87
C MET C 22 5.06 18.50 10.48
N ARG C 23 4.61 19.63 9.94
CA ARG C 23 4.99 20.10 8.58
C ARG C 23 6.53 20.07 8.50
N LYS C 24 7.20 20.51 9.58
CA LYS C 24 8.68 20.50 9.70
C LYS C 24 9.20 19.07 9.50
N ILE C 25 8.46 18.06 9.95
CA ILE C 25 8.82 16.62 9.72
C ILE C 25 8.51 16.25 8.27
N LYS C 26 7.32 16.60 7.78
CA LYS C 26 6.84 16.21 6.42
C LYS C 26 7.88 16.64 5.38
N GLU C 27 8.39 17.87 5.48
CA GLU C 27 9.38 18.48 4.55
C GLU C 27 10.67 17.66 4.51
N GLN C 28 11.08 17.10 5.66
CA GLN C 28 12.40 16.42 5.83
C GLN C 28 12.57 15.30 4.81
N TYR C 29 13.67 15.35 4.05
CA TYR C 29 14.19 14.24 3.20
C TYR C 29 15.38 13.61 3.93
N ILE C 30 15.10 12.54 4.68
CA ILE C 30 16.13 11.76 5.43
C ILE C 30 16.77 10.76 4.47
N VAL C 31 18.01 10.35 4.72
CA VAL C 31 18.68 9.24 3.98
C VAL C 31 19.25 8.26 5.02
N ILE C 32 18.68 7.05 5.05
CA ILE C 32 19.16 5.90 5.86
C ILE C 32 20.24 5.19 5.04
N VAL C 33 21.46 5.14 5.56
CA VAL C 33 22.58 4.34 5.00
C VAL C 33 22.70 3.07 5.84
N GLY C 34 22.68 1.90 5.16
CA GLY C 34 22.57 0.58 5.81
C GLY C 34 21.12 0.29 6.17
N ALA C 35 20.52 -0.69 5.51
CA ALA C 35 19.14 -1.18 5.75
C ALA C 35 19.21 -2.41 6.66
N GLY C 36 20.12 -2.37 7.64
CA GLY C 36 20.40 -3.49 8.55
C GLY C 36 19.33 -3.65 9.60
N GLU C 37 19.57 -4.55 10.56
CA GLU C 37 18.60 -4.91 11.63
C GLU C 37 18.38 -3.73 12.59
N VAL C 38 19.05 -2.59 12.39
CA VAL C 38 18.80 -1.31 13.13
C VAL C 38 18.20 -0.28 12.17
N GLY C 39 18.69 -0.23 10.93
CA GLY C 39 18.16 0.67 9.89
C GLY C 39 16.67 0.47 9.71
N SER C 40 16.28 -0.74 9.33
CA SER C 40 14.88 -1.17 9.13
C SER C 40 13.96 -0.36 10.04
N TRP C 41 14.33 -0.24 11.32
CA TRP C 41 13.53 0.43 12.37
C TRP C 41 13.44 1.94 12.08
N VAL C 42 14.56 2.67 12.12
CA VAL C 42 14.57 4.14 11.84
C VAL C 42 13.85 4.39 10.51
N CYS C 43 14.08 3.52 9.53
CA CYS C 43 13.44 3.56 8.19
C CYS C 43 11.93 3.43 8.36
N THR C 44 11.48 2.36 9.04
CA THR C 44 10.05 2.07 9.34
C THR C 44 9.46 3.24 10.13
N MET C 45 9.83 3.38 11.40
CA MET C 45 9.21 4.32 12.36
C MET C 45 9.05 5.70 11.73
N LEU C 46 10.10 6.23 11.09
CA LEU C 46 10.07 7.58 10.47
C LEU C 46 8.87 7.69 9.53
N ILE C 47 8.56 6.64 8.75
CA ILE C 47 7.38 6.61 7.83
C ILE C 47 6.11 6.55 8.68
N ARG C 48 6.08 5.64 9.64
CA ARG C 48 4.91 5.43 10.54
C ARG C 48 4.58 6.76 11.22
N SER C 49 5.61 7.46 11.72
CA SER C 49 5.51 8.76 12.44
C SER C 49 5.35 9.92 11.45
N GLY C 50 5.56 9.67 10.15
CA GLY C 50 5.11 10.52 9.03
C GLY C 50 6.23 11.35 8.44
N CYS C 51 7.16 10.70 7.72
CA CYS C 51 8.09 11.34 6.74
C CYS C 51 7.60 10.97 5.34
N GLN C 52 7.61 11.92 4.42
CA GLN C 52 6.98 11.77 3.07
C GLN C 52 8.06 11.46 2.04
N LYS C 53 9.33 11.43 2.46
CA LYS C 53 10.50 11.21 1.57
C LYS C 53 11.66 10.70 2.42
N ILE C 54 12.11 9.46 2.20
CA ILE C 54 13.38 8.93 2.77
C ILE C 54 14.04 8.02 1.72
N MET C 55 15.37 7.92 1.78
CA MET C 55 16.19 7.04 0.90
C MET C 55 16.80 5.94 1.77
N ILE C 56 16.98 4.75 1.18
CA ILE C 56 17.59 3.56 1.84
C ILE C 56 18.71 3.06 0.95
N ILE C 57 19.88 2.79 1.53
CA ILE C 57 21.11 2.37 0.81
C ILE C 57 21.68 1.13 1.49
N ASP C 58 21.87 0.05 0.74
CA ASP C 58 22.41 -1.24 1.23
C ASP C 58 22.44 -2.23 0.08
N PRO C 59 23.62 -2.83 -0.22
CA PRO C 59 23.68 -3.84 -1.26
C PRO C 59 23.06 -5.16 -0.79
N GLU C 60 23.65 -5.77 0.24
CA GLU C 60 23.47 -7.20 0.61
C GLU C 60 21.97 -7.53 0.74
N ASN C 61 21.61 -8.74 0.31
CA ASN C 61 20.22 -9.29 0.35
C ASN C 61 19.94 -9.81 1.75
N ILE C 62 18.67 -9.86 2.14
CA ILE C 62 18.23 -10.19 3.53
C ILE C 62 18.39 -11.70 3.78
N SER C 63 19.19 -12.06 4.78
CA SER C 63 19.56 -13.46 5.14
C SER C 63 18.58 -14.01 6.17
N ILE C 64 18.50 -15.35 6.25
CA ILE C 64 17.63 -16.12 7.19
C ILE C 64 17.85 -15.61 8.62
N ASP C 65 19.10 -15.37 9.01
CA ASP C 65 19.50 -15.11 10.43
C ASP C 65 19.14 -13.67 10.85
N SER C 66 18.49 -12.88 9.99
CA SER C 66 18.05 -11.49 10.29
C SER C 66 16.56 -11.47 10.66
N LEU C 67 15.84 -12.58 10.48
CA LEU C 67 14.38 -12.70 10.74
C LEU C 67 14.06 -12.48 12.23
N ASN C 68 15.04 -12.68 13.11
CA ASN C 68 14.86 -12.65 14.59
C ASN C 68 14.99 -11.21 15.12
N THR C 69 15.29 -10.23 14.25
CA THR C 69 15.58 -8.82 14.65
C THR C 69 14.87 -7.85 13.71
N HIS C 70 15.14 -7.95 12.40
CA HIS C 70 14.64 -7.08 11.31
C HIS C 70 13.11 -6.93 11.41
N CYS C 71 12.60 -5.70 11.30
CA CYS C 71 11.19 -5.29 11.61
C CYS C 71 10.16 -6.13 10.84
N CYS C 72 10.41 -6.34 9.54
CA CYS C 72 9.35 -6.54 8.51
C CYS C 72 9.68 -7.74 7.62
N ALA C 73 10.59 -8.60 8.07
CA ALA C 73 11.11 -9.75 7.30
C ALA C 73 10.27 -10.99 7.59
N VAL C 74 10.23 -11.95 6.66
CA VAL C 74 9.43 -13.20 6.71
C VAL C 74 10.15 -14.27 5.88
N LEU C 75 9.91 -15.55 6.18
CA LEU C 75 10.50 -16.73 5.48
C LEU C 75 10.47 -16.53 3.96
N SER C 76 9.32 -16.11 3.40
CA SER C 76 9.11 -15.89 1.95
C SER C 76 9.94 -14.69 1.44
N ASP C 77 10.35 -13.79 2.34
CA ASP C 77 11.15 -12.57 2.01
C ASP C 77 12.65 -12.84 2.10
N ILE C 78 13.08 -14.10 2.31
CA ILE C 78 14.53 -14.49 2.34
C ILE C 78 15.11 -14.37 0.93
N GLY C 79 16.35 -13.88 0.82
CA GLY C 79 17.09 -13.79 -0.45
C GLY C 79 16.81 -12.51 -1.21
N LYS C 80 15.73 -11.79 -0.88
CA LYS C 80 15.34 -10.50 -1.51
C LYS C 80 16.31 -9.41 -1.05
N PRO C 81 16.48 -8.32 -1.83
CA PRO C 81 17.34 -7.20 -1.42
C PRO C 81 16.80 -6.54 -0.15
N LYS C 82 17.68 -6.32 0.84
CA LYS C 82 17.31 -5.71 2.15
C LYS C 82 16.54 -4.41 1.92
N VAL C 83 16.93 -3.66 0.89
CA VAL C 83 16.35 -2.31 0.59
C VAL C 83 14.94 -2.48 0.02
N GLN C 84 14.74 -3.45 -0.87
CA GLN C 84 13.43 -3.68 -1.55
C GLN C 84 12.42 -4.20 -0.52
N CYS C 85 12.84 -5.14 0.34
CA CYS C 85 12.02 -5.82 1.38
C CYS C 85 11.34 -4.79 2.29
N LEU C 86 12.01 -3.67 2.58
CA LEU C 86 11.43 -2.50 3.29
C LEU C 86 10.34 -1.89 2.40
N LYS C 87 10.74 -1.26 1.29
CA LYS C 87 9.83 -0.54 0.36
C LYS C 87 8.54 -1.36 0.19
N GLU C 88 8.67 -2.68 0.02
CA GLU C 88 7.54 -3.63 -0.19
C GLU C 88 6.60 -3.60 1.02
N HIS C 89 7.15 -3.64 2.24
CA HIS C 89 6.37 -3.63 3.51
C HIS C 89 5.94 -2.19 3.84
N LEU C 90 6.84 -1.21 3.71
CA LEU C 90 6.55 0.23 4.00
C LEU C 90 5.39 0.73 3.13
N SER C 91 5.25 0.21 1.90
CA SER C 91 4.17 0.55 0.94
C SER C 91 2.80 0.22 1.53
N LYS C 92 2.73 -0.79 2.41
CA LYS C 92 1.46 -1.29 3.03
C LYS C 92 1.10 -0.46 4.28
N ILE C 93 2.01 0.41 4.74
CA ILE C 93 1.82 1.27 5.96
C ILE C 93 1.40 2.67 5.51
N ALA C 94 2.13 3.24 4.56
CA ALA C 94 1.97 4.64 4.09
C ALA C 94 2.34 4.72 2.63
N PRO C 95 1.40 4.42 1.70
CA PRO C 95 1.65 4.59 0.27
C PRO C 95 2.11 6.02 -0.01
N TRP C 96 1.40 6.99 0.58
CA TRP C 96 1.67 8.46 0.48
C TRP C 96 3.14 8.80 0.75
N SER C 97 3.89 7.92 1.42
CA SER C 97 5.33 8.11 1.75
C SER C 97 6.21 7.63 0.58
N GLU C 98 7.07 8.53 0.06
CA GLU C 98 8.11 8.23 -0.96
C GLU C 98 9.30 7.57 -0.25
N ILE C 99 9.81 6.49 -0.83
CA ILE C 99 10.72 5.51 -0.15
C ILE C 99 11.74 5.00 -1.18
N LYS C 100 12.57 5.92 -1.70
CA LYS C 100 13.53 5.66 -2.83
C LYS C 100 14.49 4.53 -2.45
N ALA C 101 14.32 3.36 -3.08
CA ALA C 101 15.06 2.11 -2.82
C ALA C 101 16.29 2.05 -3.72
N ARG C 102 17.48 2.23 -3.15
CA ARG C 102 18.80 2.17 -3.86
C ARG C 102 19.59 0.97 -3.35
N ALA C 103 19.61 -0.12 -4.13
CA ALA C 103 20.18 -1.44 -3.77
C ALA C 103 21.67 -1.49 -4.16
N LYS C 104 22.35 -0.35 -4.19
CA LYS C 104 23.83 -0.24 -4.40
C LYS C 104 24.50 -0.07 -3.03
N ALA C 105 25.83 0.02 -3.01
CA ALA C 105 26.66 0.32 -1.83
C ALA C 105 26.95 1.83 -1.78
N TRP C 106 27.23 2.37 -0.59
CA TRP C 106 27.51 3.82 -0.42
C TRP C 106 28.95 4.13 -0.87
N THR C 107 29.08 4.72 -2.07
CA THR C 107 30.37 5.02 -2.76
C THR C 107 30.87 6.40 -2.32
N LYS C 108 31.69 6.46 -1.27
CA LYS C 108 32.30 7.71 -0.74
C LYS C 108 32.60 8.67 -1.90
N GLU C 109 33.24 8.16 -2.95
CA GLU C 109 33.68 8.94 -4.14
C GLU C 109 32.45 9.58 -4.81
N ASN C 110 31.45 8.77 -5.15
CA ASN C 110 30.20 9.22 -5.85
C ASN C 110 29.00 9.02 -4.92
N SER C 111 29.00 9.71 -3.78
CA SER C 111 27.87 9.81 -2.83
C SER C 111 27.01 11.03 -3.21
N HIS C 112 27.64 12.14 -3.58
CA HIS C 112 26.97 13.35 -4.12
C HIS C 112 26.04 12.93 -5.25
N ASP C 113 26.57 12.25 -6.27
CA ASP C 113 25.84 11.79 -7.48
C ASP C 113 24.75 10.79 -7.08
N LEU C 114 24.89 10.11 -5.93
CA LEU C 114 23.96 9.06 -5.44
C LEU C 114 22.72 9.71 -4.79
N ILE C 115 22.90 10.65 -3.87
CA ILE C 115 21.83 11.22 -2.98
C ILE C 115 21.18 12.44 -3.66
N PHE C 116 21.99 13.47 -4.00
CA PHE C 116 21.54 14.82 -4.41
C PHE C 116 20.78 14.77 -5.76
N ALA C 117 21.53 14.51 -6.85
CA ALA C 117 21.16 14.73 -8.27
C ALA C 117 19.64 14.63 -8.49
N ASP C 118 18.99 13.58 -7.98
CA ASP C 118 17.59 13.21 -8.29
C ASP C 118 16.62 14.25 -7.70
N GLY C 119 16.79 14.66 -6.43
CA GLY C 119 15.82 15.50 -5.72
C GLY C 119 16.46 16.49 -4.76
N GLU C 120 17.20 17.47 -5.28
CA GLU C 120 17.86 18.56 -4.49
C GLU C 120 18.62 17.94 -3.32
N SER C 121 18.78 18.65 -2.20
CA SER C 121 19.70 18.30 -1.08
C SER C 121 18.96 17.48 -0.02
N PRO C 122 19.64 16.52 0.65
CA PRO C 122 19.08 15.85 1.82
C PRO C 122 19.21 16.73 3.07
N THR C 123 18.26 16.59 4.00
CA THR C 123 18.11 17.41 5.23
C THR C 123 18.78 16.71 6.42
N PHE C 124 18.80 15.37 6.40
CA PHE C 124 19.22 14.50 7.53
C PHE C 124 19.80 13.17 7.02
N ILE C 125 20.92 12.72 7.60
CA ILE C 125 21.59 11.43 7.23
C ILE C 125 21.68 10.55 8.49
N VAL C 126 20.98 9.42 8.48
CA VAL C 126 21.15 8.31 9.46
C VAL C 126 22.08 7.28 8.84
N ASP C 127 23.05 6.78 9.61
CA ASP C 127 23.99 5.70 9.18
C ASP C 127 23.83 4.52 10.12
N CYS C 128 23.93 3.30 9.58
CA CYS C 128 23.72 2.03 10.31
C CYS C 128 24.76 1.00 9.88
N LEU C 129 25.93 1.45 9.43
CA LEU C 129 26.99 0.60 8.81
C LEU C 129 27.74 -0.17 9.90
N ASP C 130 28.25 -1.36 9.55
CA ASP C 130 29.12 -2.21 10.43
C ASP C 130 30.57 -2.13 9.92
N ASN C 131 30.78 -2.08 8.60
CA ASN C 131 32.10 -1.88 7.96
C ASN C 131 32.60 -0.46 8.29
N LEU C 132 33.38 -0.33 9.36
CA LEU C 132 33.77 0.96 10.00
C LEU C 132 34.49 1.88 9.00
N GLU C 133 35.23 1.32 8.02
CA GLU C 133 35.98 2.12 7.00
C GLU C 133 34.95 2.95 6.22
N SER C 134 33.90 2.30 5.71
CA SER C 134 32.77 2.94 5.00
C SER C 134 32.02 3.89 5.94
N LYS C 135 32.02 3.59 7.24
CA LYS C 135 31.30 4.40 8.28
C LYS C 135 32.04 5.73 8.49
N VAL C 136 33.28 5.66 8.93
CA VAL C 136 34.12 6.88 9.21
C VAL C 136 33.94 7.83 8.03
N ASP C 137 34.28 7.35 6.82
CA ASP C 137 34.21 8.09 5.55
C ASP C 137 32.88 8.85 5.49
N LEU C 138 31.76 8.14 5.71
CA LEU C 138 30.39 8.72 5.70
C LEU C 138 30.33 9.84 6.74
N LEU C 139 30.61 9.53 8.00
CA LEU C 139 30.54 10.49 9.14
C LEU C 139 31.44 11.69 8.88
N GLU C 140 32.58 11.49 8.20
CA GLU C 140 33.42 12.59 7.69
C GLU C 140 32.55 13.43 6.75
N TYR C 141 32.13 12.85 5.62
CA TYR C 141 31.32 13.48 4.55
C TYR C 141 30.10 14.19 5.14
N ALA C 142 29.50 13.57 6.15
CA ALA C 142 28.33 14.10 6.90
C ALA C 142 28.71 15.44 7.54
N HIS C 143 29.92 15.52 8.09
CA HIS C 143 30.43 16.74 8.78
C HIS C 143 31.00 17.72 7.75
N HIS C 144 31.91 17.26 6.89
CA HIS C 144 32.65 18.07 5.88
C HIS C 144 31.64 18.83 4.98
N ASN C 145 30.50 18.23 4.66
CA ASN C 145 29.44 18.83 3.80
C ASN C 145 28.35 19.47 4.67
N LYS C 146 28.48 19.39 5.99
CA LYS C 146 27.72 20.22 6.98
C LYS C 146 26.22 19.85 6.92
N ILE C 147 25.87 18.68 7.46
CA ILE C 147 24.47 18.17 7.54
C ILE C 147 24.21 17.61 8.95
N ASP C 148 23.02 17.84 9.49
CA ASP C 148 22.52 17.26 10.77
C ASP C 148 22.52 15.73 10.62
N VAL C 149 23.29 15.00 11.44
CA VAL C 149 23.41 13.52 11.31
C VAL C 149 23.41 12.89 12.72
N ILE C 150 22.87 11.66 12.79
CA ILE C 150 22.93 10.75 13.96
C ILE C 150 23.58 9.45 13.48
N SER C 151 24.16 8.68 14.41
CA SER C 151 24.94 7.46 14.10
C SER C 151 24.77 6.41 15.19
N SER C 152 24.16 5.27 14.83
CA SER C 152 24.24 4.02 15.62
C SER C 152 25.70 3.59 15.67
N MET C 153 26.21 3.35 16.88
CA MET C 153 27.50 2.65 17.09
C MET C 153 27.25 1.15 16.88
N GLY C 154 27.47 0.31 17.91
CA GLY C 154 27.23 -1.15 17.86
C GLY C 154 26.10 -1.59 18.77
N VAL C 155 25.75 -2.88 18.73
CA VAL C 155 24.68 -3.49 19.55
C VAL C 155 25.19 -4.80 20.18
N ALA C 156 26.51 -4.90 20.33
CA ALA C 156 27.23 -6.14 20.73
C ALA C 156 27.44 -6.14 22.24
N THR C 157 27.07 -7.26 22.88
CA THR C 157 27.25 -7.54 24.34
C THR C 157 26.28 -6.67 25.15
N LYS C 158 25.31 -6.04 24.48
CA LYS C 158 24.38 -5.06 25.08
C LYS C 158 23.04 -5.75 25.34
N SER C 159 22.48 -5.58 26.53
CA SER C 159 21.30 -6.34 27.05
C SER C 159 20.48 -5.52 28.07
N ASP C 160 20.74 -4.23 28.20
CA ASP C 160 20.07 -3.36 29.22
C ASP C 160 19.43 -2.18 28.50
N PRO C 161 18.09 -2.17 28.37
CA PRO C 161 17.39 -1.13 27.61
C PRO C 161 17.24 0.21 28.36
N THR C 162 17.64 0.26 29.64
CA THR C 162 17.58 1.48 30.50
C THR C 162 18.79 2.37 30.22
N ARG C 163 19.91 1.75 29.83
CA ARG C 163 21.26 2.39 29.79
C ARG C 163 21.47 3.12 28.45
N VAL C 164 20.85 2.65 27.36
CA VAL C 164 21.01 3.24 26.00
C VAL C 164 20.95 4.77 26.11
N SER C 165 21.90 5.47 25.49
CA SER C 165 22.05 6.95 25.54
C SER C 165 22.25 7.51 24.13
N ILE C 166 21.86 8.77 23.94
CA ILE C 166 22.14 9.58 22.71
C ILE C 166 22.91 10.83 23.14
N ASN C 167 24.18 10.93 22.72
CA ASN C 167 25.12 12.03 23.06
C ASN C 167 26.08 12.19 21.88
N ASP C 168 26.95 13.21 21.93
CA ASP C 168 27.99 13.43 20.90
C ASP C 168 29.03 12.31 20.99
N ILE C 169 29.60 11.89 19.86
CA ILE C 169 30.62 10.79 19.77
C ILE C 169 31.73 11.02 20.79
N SER C 170 32.01 12.28 21.14
CA SER C 170 33.09 12.72 22.07
C SER C 170 32.87 12.17 23.49
N MET C 171 31.68 11.68 23.82
CA MET C 171 31.26 11.30 25.20
C MET C 171 31.25 9.77 25.36
N THR C 172 31.62 9.02 24.32
CA THR C 172 31.54 7.54 24.28
C THR C 172 32.88 6.92 24.69
N GLU C 173 33.53 7.47 25.71
CA GLU C 173 34.85 7.00 26.20
C GLU C 173 34.78 5.49 26.45
N PHE C 174 33.72 5.05 27.13
CA PHE C 174 33.67 3.76 27.89
C PHE C 174 33.03 2.66 27.03
N ASP C 175 32.14 3.00 26.09
CA ASP C 175 31.56 2.01 25.13
C ASP C 175 32.73 1.43 24.32
N PRO C 176 33.06 0.14 24.49
CA PRO C 176 34.21 -0.46 23.80
C PRO C 176 34.06 -0.49 22.28
N ILE C 177 32.83 -0.61 21.77
CA ILE C 177 32.54 -0.76 20.31
C ILE C 177 32.75 0.59 19.63
N SER C 178 32.53 1.68 20.37
CA SER C 178 32.52 3.08 19.84
C SER C 178 33.94 3.54 19.48
N ARG C 179 34.96 3.19 20.29
CA ARG C 179 36.31 3.80 20.21
C ARG C 179 36.86 3.69 18.78
N CYS C 180 36.77 2.51 18.16
CA CYS C 180 37.23 2.25 16.78
C CYS C 180 36.76 3.35 15.83
N VAL C 181 35.51 3.80 15.99
CA VAL C 181 34.90 4.89 15.18
C VAL C 181 35.51 6.23 15.62
N ARG C 182 35.43 6.54 16.92
CA ARG C 182 35.87 7.85 17.50
C ARG C 182 37.34 8.09 17.17
N ARG C 183 38.21 7.12 17.46
CA ARG C 183 39.66 7.16 17.12
C ARG C 183 39.80 7.57 15.66
N LYS C 184 39.42 6.68 14.73
CA LYS C 184 39.48 6.92 13.27
C LYS C 184 38.97 8.33 12.98
N LEU C 185 37.80 8.68 13.51
CA LEU C 185 37.07 9.93 13.19
C LEU C 185 37.75 11.14 13.83
N ARG C 186 38.47 10.96 14.93
CA ARG C 186 39.32 12.01 15.55
C ARG C 186 40.57 12.19 14.68
N LYS C 187 41.18 11.09 14.22
CA LYS C 187 42.41 11.10 13.38
C LYS C 187 42.15 11.82 12.06
N ARG C 188 40.90 11.88 11.60
CA ARG C 188 40.47 12.65 10.39
C ARG C 188 40.30 14.13 10.76
N GLY C 189 40.14 14.44 12.06
CA GLY C 189 40.03 15.81 12.59
C GLY C 189 38.74 16.04 13.36
N ILE C 190 37.73 15.19 13.17
CA ILE C 190 36.36 15.36 13.75
C ILE C 190 36.32 14.70 15.14
N ALA C 191 36.30 15.52 16.20
CA ALA C 191 36.19 15.08 17.62
C ALA C 191 34.85 15.53 18.23
N THR C 192 34.15 16.48 17.58
CA THR C 192 32.86 17.07 18.04
C THR C 192 31.91 17.28 16.85
N GLY C 193 30.61 17.35 17.13
CA GLY C 193 29.55 17.67 16.15
C GLY C 193 29.02 16.44 15.43
N ILE C 194 28.87 15.32 16.16
CA ILE C 194 28.37 14.01 15.63
C ILE C 194 27.58 13.33 16.75
N SER C 195 26.25 13.51 16.74
CA SER C 195 25.32 12.84 17.69
C SER C 195 25.28 11.34 17.40
N VAL C 196 25.43 10.50 18.43
CA VAL C 196 25.49 9.01 18.30
C VAL C 196 24.65 8.38 19.41
N VAL C 197 24.14 7.17 19.17
CA VAL C 197 23.50 6.32 20.22
C VAL C 197 24.46 5.19 20.54
N PHE C 198 24.44 4.70 21.78
CA PHE C 198 25.43 3.76 22.37
C PHE C 198 24.95 3.32 23.76
N SER C 199 25.73 2.45 24.41
CA SER C 199 25.50 2.00 25.80
C SER C 199 26.86 1.74 26.47
N ASN C 200 27.01 2.20 27.71
CA ASN C 200 28.23 2.02 28.54
C ASN C 200 28.18 0.66 29.26
N GLU C 201 27.20 -0.19 28.94
CA GLU C 201 27.15 -1.59 29.41
C GLU C 201 28.37 -2.32 28.83
N MET C 202 29.22 -2.84 29.72
CA MET C 202 30.39 -3.68 29.36
C MET C 202 30.21 -5.04 30.02
N LEU C 203 30.55 -6.11 29.31
CA LEU C 203 30.40 -7.51 29.79
C LEU C 203 31.48 -8.38 29.13
N ASP C 204 32.52 -8.75 29.89
CA ASP C 204 33.57 -9.74 29.50
C ASP C 204 33.76 -10.79 30.59
N PRO C 205 32.68 -11.34 31.22
CA PRO C 205 32.75 -12.67 31.83
C PRO C 205 32.88 -13.81 30.80
N ARG C 206 32.07 -13.78 29.73
CA ARG C 206 31.93 -14.84 28.68
C ARG C 206 33.21 -15.67 28.59
N ASP C 226 45.42 -2.79 23.53
CA ASP C 226 45.72 -4.21 23.90
C ASP C 226 45.05 -5.18 22.90
N GLU C 227 43.81 -4.88 22.48
CA GLU C 227 42.95 -5.79 21.67
C GLU C 227 42.47 -5.07 20.39
N ALA C 228 42.54 -5.76 19.25
CA ALA C 228 41.86 -5.40 17.98
C ALA C 228 40.38 -5.76 18.10
N LEU C 229 39.50 -4.75 18.17
CA LEU C 229 38.09 -4.89 18.62
C LEU C 229 37.17 -5.10 17.41
N ARG C 230 36.14 -5.94 17.57
CA ARG C 230 35.12 -6.26 16.53
C ARG C 230 33.75 -6.47 17.18
N HIS C 231 32.72 -6.72 16.36
CA HIS C 231 31.33 -7.05 16.76
C HIS C 231 31.15 -8.57 16.75
N LEU C 232 30.59 -9.16 17.82
CA LEU C 232 30.35 -10.63 17.94
C LEU C 232 28.85 -10.88 18.11
N PRO C 233 28.27 -11.25 19.30
CA PRO C 233 26.84 -11.56 19.36
C PRO C 233 25.93 -10.35 19.66
N GLU C 234 24.62 -10.54 19.49
CA GLU C 234 23.57 -9.49 19.68
C GLU C 234 22.42 -10.07 20.51
N LEU C 235 21.48 -9.21 20.91
CA LEU C 235 20.20 -9.58 21.57
C LEU C 235 19.03 -9.07 20.71
N GLY C 236 18.09 -9.95 20.35
CA GLY C 236 17.05 -9.72 19.33
C GLY C 236 16.37 -8.36 19.42
N THR C 237 16.16 -7.86 20.65
CA THR C 237 15.42 -6.61 20.93
C THR C 237 16.31 -5.40 20.62
N MET C 238 17.47 -5.33 21.27
CA MET C 238 18.36 -4.13 21.34
C MET C 238 18.31 -3.34 20.03
N PRO C 239 18.68 -3.93 18.86
CA PRO C 239 18.75 -3.17 17.62
C PRO C 239 17.53 -2.27 17.44
N GLY C 240 16.33 -2.83 17.66
CA GLY C 240 15.06 -2.09 17.70
C GLY C 240 15.15 -0.85 18.58
N ILE C 241 15.58 -1.04 19.83
CA ILE C 241 15.66 0.05 20.83
C ILE C 241 16.52 1.17 20.24
N PHE C 242 17.68 0.82 19.70
CA PHE C 242 18.59 1.75 19.01
C PHE C 242 17.80 2.49 17.93
N GLY C 243 17.26 1.73 16.97
CA GLY C 243 16.43 2.27 15.87
C GLY C 243 15.38 3.23 16.39
N LEU C 244 14.43 2.72 17.17
CA LEU C 244 13.30 3.52 17.71
C LEU C 244 13.85 4.79 18.36
N SER C 245 14.74 4.63 19.34
CA SER C 245 15.37 5.78 20.06
C SER C 245 15.92 6.76 19.03
N ILE C 246 16.72 6.29 18.06
CA ILE C 246 17.24 7.15 16.95
C ILE C 246 16.05 7.93 16.38
N ALA C 247 15.04 7.20 15.89
CA ALA C 247 13.84 7.78 15.26
C ALA C 247 13.32 8.91 16.15
N THR C 248 12.95 8.57 17.39
CA THR C 248 12.43 9.50 18.42
C THR C 248 13.22 10.80 18.36
N TRP C 249 14.53 10.69 18.59
CA TRP C 249 15.50 11.82 18.62
C TRP C 249 15.33 12.70 17.39
N ILE C 250 15.29 12.10 16.19
CA ILE C 250 15.14 12.82 14.89
C ILE C 250 13.86 13.65 14.93
N LEU C 251 12.77 13.04 15.40
CA LEU C 251 11.41 13.66 15.41
C LEU C 251 11.39 14.82 16.42
N THR C 252 11.93 14.60 17.61
CA THR C 252 12.03 15.65 18.67
C THR C 252 12.90 16.79 18.14
N LYS C 253 14.04 16.47 17.52
CA LYS C 253 15.03 17.46 17.02
C LYS C 253 14.37 18.33 15.94
N VAL C 254 13.85 17.69 14.88
CA VAL C 254 13.21 18.36 13.71
C VAL C 254 12.02 19.21 14.18
N SER C 255 11.04 18.58 14.83
CA SER C 255 9.80 19.23 15.33
C SER C 255 10.11 20.51 16.13
N GLY C 256 11.28 20.55 16.76
CA GLY C 256 11.69 21.67 17.64
C GLY C 256 11.15 21.50 19.04
N TYR C 257 10.59 20.31 19.34
CA TYR C 257 10.13 19.90 20.69
C TYR C 257 11.32 20.05 21.65
N PRO C 258 11.12 20.63 22.85
CA PRO C 258 12.20 20.72 23.83
C PRO C 258 12.90 19.38 24.03
N MET C 259 14.24 19.37 24.01
CA MET C 259 15.06 18.16 24.29
C MET C 259 16.44 18.60 24.81
N LYS C 260 17.10 17.71 25.58
CA LYS C 260 18.33 18.00 26.35
C LYS C 260 19.50 18.06 25.38
N GLU C 261 20.18 19.21 25.30
CA GLU C 261 21.29 19.47 24.34
C GLU C 261 22.50 18.60 24.71
N ASN C 262 22.78 17.57 23.90
CA ASN C 262 23.87 16.58 24.13
C ASN C 262 25.17 17.32 24.43
N GLU C 263 25.90 16.88 25.46
CA GLU C 263 27.14 17.52 25.98
C GLU C 263 28.33 17.14 25.10
N VAL C 264 29.32 18.02 24.98
CA VAL C 264 30.63 17.74 24.34
C VAL C 264 31.73 18.13 25.35
N LYS C 265 32.63 17.19 25.64
CA LYS C 265 33.80 17.44 26.53
C LYS C 265 35.05 16.86 25.85
N ASN C 266 35.99 17.74 25.52
CA ASN C 266 37.38 17.44 25.08
C ASN C 266 38.37 18.07 26.08
N ARG C 267 38.00 19.15 26.79
CA ARG C 267 38.84 19.86 27.79
C ARG C 267 40.09 20.40 27.08
N LEU C 268 39.89 21.32 26.13
CA LEU C 268 40.94 21.83 25.21
C LEU C 268 41.90 22.78 25.93
N LYS C 269 41.47 23.47 26.99
CA LYS C 269 42.32 24.44 27.74
C LYS C 269 43.28 23.67 28.65
N PHE C 270 43.00 22.39 28.88
CA PHE C 270 43.88 21.43 29.60
C PHE C 270 44.92 20.88 28.62
N TYR C 271 44.54 20.66 27.36
CA TYR C 271 45.44 20.19 26.27
C TYR C 271 46.57 21.19 26.05
N ASP C 272 46.25 22.50 26.07
CA ASP C 272 47.24 23.60 25.86
C ASP C 272 48.25 23.57 27.00
N SER C 273 47.78 23.42 28.25
CA SER C 273 48.63 23.31 29.46
C SER C 273 49.66 22.19 29.27
N ILE C 274 49.27 21.07 28.64
CA ILE C 274 50.16 19.90 28.35
C ILE C 274 51.11 20.26 27.19
N LEU C 275 50.57 20.83 26.11
CA LEU C 275 51.38 21.23 24.93
C LEU C 275 52.48 22.21 25.38
N GLU C 276 52.13 23.19 26.22
CA GLU C 276 53.05 24.29 26.63
C GLU C 276 54.03 23.79 27.71
N THR C 277 54.03 22.47 28.02
CA THR C 277 55.08 21.78 28.81
C THR C 277 55.96 20.94 27.88
N PHE C 278 55.37 20.37 26.81
CA PHE C 278 56.08 19.63 25.74
C PHE C 278 56.89 20.63 24.89
N GLN C 279 56.29 21.76 24.52
CA GLN C 279 56.94 22.83 23.72
C GLN C 279 58.10 23.42 24.53
N LYS C 280 57.97 23.46 25.86
CA LYS C 280 59.05 23.93 26.77
C LYS C 280 60.22 22.93 26.72
N GLN C 281 59.93 21.63 26.60
CA GLN C 281 60.95 20.56 26.47
C GLN C 281 61.70 20.72 25.14
N MET C 282 60.99 21.11 24.08
CA MET C 282 61.56 21.29 22.72
C MET C 282 62.46 22.54 22.67
N ALA C 283 62.35 23.42 23.67
CA ALA C 283 63.23 24.60 23.87
C ALA C 283 64.50 24.18 24.62
N ARG C 284 64.40 23.15 25.47
CA ARG C 284 65.55 22.62 26.26
C ARG C 284 66.47 21.78 25.36
N LEU C 285 65.90 21.04 24.41
CA LEU C 285 66.64 20.09 23.52
C LEU C 285 67.31 20.83 22.36
N ASN C 286 67.03 22.12 22.17
CA ASN C 286 67.54 22.97 21.05
C ASN C 286 67.24 22.27 19.71
N GLU C 287 66.11 21.55 19.64
CA GLU C 287 65.68 20.77 18.44
C GLU C 287 64.92 21.69 17.48
N ASN C 288 64.65 21.19 16.27
CA ASN C 288 63.98 21.92 15.16
C ASN C 288 62.62 22.43 15.63
N LYS C 289 62.24 23.65 15.21
CA LYS C 289 60.97 24.33 15.57
C LYS C 289 59.91 24.13 14.47
N GLU C 290 60.20 23.23 13.50
CA GLU C 290 59.23 22.70 12.50
C GLU C 290 58.96 21.21 12.77
N ARG C 291 59.17 20.77 14.02
CA ARG C 291 58.78 19.43 14.54
C ARG C 291 57.84 19.58 15.74
N SER C 292 58.00 20.66 16.53
CA SER C 292 57.19 20.96 17.75
C SER C 292 55.81 21.48 17.37
N SER C 293 55.72 22.26 16.29
CA SER C 293 54.50 22.99 15.84
C SER C 293 53.63 22.12 14.92
N LEU C 294 54.02 20.86 14.68
CA LEU C 294 53.19 19.86 13.94
C LEU C 294 52.28 19.12 14.94
N LEU C 295 52.70 19.00 16.21
CA LEU C 295 51.88 18.47 17.32
C LEU C 295 50.96 19.59 17.84
N GLY C 296 49.87 19.87 17.10
CA GLY C 296 48.84 20.85 17.47
C GLY C 296 47.99 20.38 18.64
N LEU C 297 47.20 21.28 19.23
CA LEU C 297 46.37 21.00 20.43
C LEU C 297 45.56 19.73 20.20
N GLU C 298 44.85 19.67 19.06
CA GLU C 298 43.99 18.52 18.65
C GLU C 298 44.81 17.23 18.70
N GLU C 299 46.02 17.26 18.16
CA GLU C 299 46.93 16.08 18.08
C GLU C 299 47.39 15.71 19.50
N VAL C 300 47.62 16.70 20.38
CA VAL C 300 47.91 16.45 21.83
C VAL C 300 46.69 15.75 22.44
N GLY C 301 45.53 16.38 22.31
CA GLY C 301 44.25 15.86 22.80
C GLY C 301 44.09 14.38 22.49
N TYR C 302 44.15 14.02 21.21
CA TYR C 302 44.10 12.61 20.73
C TYR C 302 45.06 11.77 21.58
N ILE C 303 46.35 12.11 21.57
CA ILE C 303 47.42 11.42 22.35
C ILE C 303 46.95 11.27 23.80
N VAL C 304 46.41 12.36 24.37
CA VAL C 304 45.96 12.43 25.79
C VAL C 304 44.74 11.52 25.96
N GLU C 305 43.58 11.95 25.47
CA GLU C 305 42.24 11.38 25.84
C GLU C 305 42.03 10.00 25.19
N GLU C 306 42.78 9.67 24.13
CA GLU C 306 42.50 8.45 23.30
C GLU C 306 43.55 7.36 23.50
N MET C 307 44.83 7.71 23.65
CA MET C 307 45.94 6.73 23.83
C MET C 307 46.09 6.36 25.31
N PHE C 308 46.46 7.33 26.16
CA PHE C 308 46.81 7.15 27.60
C PHE C 308 45.58 7.38 28.48
N ARG C 309 44.58 8.09 27.95
CA ARG C 309 43.22 8.25 28.54
C ARG C 309 43.31 9.11 29.81
N GLY C 310 44.30 10.00 29.87
CA GLY C 310 44.49 10.97 30.98
C GLY C 310 45.28 10.38 32.13
N LYS C 311 45.82 9.17 31.96
CA LYS C 311 46.52 8.39 33.02
C LYS C 311 47.94 8.07 32.55
N SER C 312 48.94 8.49 33.33
CA SER C 312 50.35 8.08 33.14
C SER C 312 50.40 6.56 33.18
N PRO C 313 51.00 5.89 32.17
CA PRO C 313 51.06 4.43 32.16
C PRO C 313 52.02 3.86 33.21
N ILE C 314 52.88 4.71 33.80
CA ILE C 314 53.86 4.32 34.85
C ILE C 314 53.10 4.07 36.17
N SER C 315 52.42 5.10 36.67
CA SER C 315 51.73 5.11 38.00
C SER C 315 50.20 5.05 37.80
N GLY C 316 49.65 6.06 37.12
CA GLY C 316 48.20 6.26 36.92
C GLY C 316 47.79 7.69 37.24
N TYR C 317 48.34 8.25 38.32
CA TYR C 317 48.01 9.58 38.89
C TYR C 317 47.29 10.44 37.85
N SER C 318 46.01 10.72 38.08
CA SER C 318 45.12 11.55 37.22
C SER C 318 45.12 13.00 37.71
N THR C 319 46.30 13.62 37.78
CA THR C 319 46.53 14.98 38.36
C THR C 319 47.12 15.88 37.27
N LYS C 320 47.74 16.99 37.66
CA LYS C 320 48.49 17.89 36.73
C LYS C 320 49.81 17.20 36.35
N LEU C 321 50.05 17.06 35.05
CA LEU C 321 51.12 16.22 34.43
C LEU C 321 51.52 16.84 33.09
N ALA C 322 52.41 16.19 32.33
CA ALA C 322 52.95 16.69 31.04
C ALA C 322 53.25 15.55 30.06
N LEU C 323 53.60 15.91 28.82
CA LEU C 323 54.00 14.99 27.72
C LEU C 323 55.50 15.13 27.51
N THR C 324 56.18 14.04 27.13
CA THR C 324 57.63 14.03 26.81
C THR C 324 57.94 13.06 25.67
N LYS C 325 58.95 13.41 24.87
CA LYS C 325 59.62 12.51 23.90
C LYS C 325 59.95 11.20 24.62
N TRP C 326 59.74 10.07 23.94
CA TRP C 326 59.94 8.71 24.50
C TRP C 326 61.43 8.34 24.39
N GLU C 327 61.87 7.79 23.25
CA GLU C 327 63.29 7.43 22.97
C GLU C 327 64.02 8.68 22.44
N ALA C 328 65.35 8.73 22.63
CA ALA C 328 66.19 9.92 22.30
C ALA C 328 66.53 9.93 20.80
N ASN C 329 66.93 8.78 20.26
CA ASN C 329 67.51 8.64 18.89
C ASN C 329 66.44 8.89 17.82
N LYS C 330 65.23 8.30 17.97
CA LYS C 330 64.13 8.39 16.97
C LYS C 330 63.52 9.80 16.96
N GLU C 331 62.97 10.21 15.82
CA GLU C 331 62.35 11.55 15.58
C GLU C 331 60.99 11.60 16.27
N ILE C 332 60.51 12.81 16.58
CA ILE C 332 59.24 13.06 17.32
C ILE C 332 58.06 12.54 16.48
N SER C 333 57.41 11.47 16.96
CA SER C 333 56.23 10.82 16.32
C SER C 333 55.19 10.49 17.39
N LEU C 334 54.03 10.00 16.94
CA LEU C 334 52.93 9.52 17.83
C LEU C 334 53.35 8.17 18.43
N THR C 335 54.25 7.45 17.75
CA THR C 335 54.80 6.14 18.16
C THR C 335 56.04 6.35 19.05
N ASN C 336 56.36 7.59 19.42
CA ASN C 336 57.63 7.96 20.12
C ASN C 336 57.41 9.18 21.01
N VAL C 337 56.33 9.19 21.79
CA VAL C 337 56.02 10.23 22.81
C VAL C 337 55.05 9.61 23.83
N VAL C 338 55.18 9.94 25.11
CA VAL C 338 54.34 9.34 26.19
C VAL C 338 53.94 10.43 27.20
N LEU C 339 52.66 10.42 27.59
CA LEU C 339 52.12 11.26 28.68
C LEU C 339 52.58 10.63 30.00
N MET C 340 52.92 11.44 31.00
CA MET C 340 53.25 10.96 32.37
C MET C 340 53.26 12.14 33.33
N THR C 341 53.30 11.90 34.64
CA THR C 341 53.32 12.98 35.67
C THR C 341 54.62 13.78 35.49
N LYS C 342 54.59 15.08 35.80
CA LYS C 342 55.71 16.03 35.56
C LYS C 342 56.99 15.47 36.17
N GLU C 343 56.91 14.91 37.39
CA GLU C 343 58.01 14.16 38.06
C GLU C 343 58.63 13.17 37.05
N GLU C 344 57.77 12.41 36.35
CA GLU C 344 58.16 11.24 35.52
C GLU C 344 58.82 11.72 34.21
N GLN C 345 58.52 12.95 33.75
CA GLN C 345 59.21 13.58 32.59
C GLN C 345 60.52 14.23 33.08
N GLU C 346 60.48 15.01 34.17
CA GLU C 346 61.65 15.71 34.75
C GLU C 346 62.81 14.72 34.91
N ILE C 347 62.50 13.46 35.22
CA ILE C 347 63.47 12.33 35.27
C ILE C 347 63.78 11.88 33.85
N HIS C 348 62.73 11.55 33.09
CA HIS C 348 62.83 10.98 31.71
C HIS C 348 63.74 11.86 30.84
N GLU C 349 63.55 13.18 30.89
CA GLU C 349 64.46 14.17 30.25
C GLU C 349 65.88 13.92 30.74
N LYS C 350 66.06 13.97 32.07
CA LYS C 350 67.38 13.87 32.76
C LYS C 350 68.00 12.50 32.48
N ARG C 351 67.25 11.43 32.78
CA ARG C 351 67.77 10.05 32.89
C ARG C 351 67.97 9.44 31.49
N ILE C 352 66.95 9.52 30.61
CA ILE C 352 66.91 8.75 29.33
C ILE C 352 67.42 9.63 28.17
N LEU C 353 66.94 10.87 28.07
CA LEU C 353 67.16 11.74 26.87
C LEU C 353 68.52 12.44 26.95
N LEU C 354 68.82 13.11 28.06
CA LEU C 354 70.03 13.96 28.21
C LEU C 354 71.26 13.11 28.52
N ASP C 355 71.24 12.35 29.62
CA ASP C 355 72.31 11.41 30.01
C ASP C 355 72.47 10.36 28.91
N GLY C 356 71.41 9.56 28.68
CA GLY C 356 71.35 8.52 27.64
C GLY C 356 71.26 7.12 28.23
N GLU C 357 70.64 6.96 29.40
CA GLU C 357 70.50 5.66 30.10
C GLU C 357 69.41 4.83 29.39
N LYS C 358 69.65 3.52 29.26
CA LYS C 358 68.69 2.53 28.68
C LYS C 358 67.43 2.48 29.55
N LEU C 359 66.29 2.16 28.94
CA LEU C 359 64.95 2.19 29.59
C LEU C 359 64.84 1.06 30.62
N THR C 360 65.60 -0.03 30.42
CA THR C 360 65.51 -1.29 31.20
C THR C 360 65.71 -1.03 32.70
N ALA C 361 66.59 -0.10 33.06
CA ALA C 361 67.00 0.21 34.45
C ALA C 361 66.12 1.32 35.05
N VAL C 362 65.35 2.03 34.21
CA VAL C 362 64.51 3.20 34.60
C VAL C 362 63.13 2.72 35.07
N TYR C 363 62.62 1.64 34.45
CA TYR C 363 61.24 1.13 34.66
C TYR C 363 61.28 -0.39 34.85
N SER C 364 60.12 -0.98 35.18
CA SER C 364 59.91 -2.44 35.37
C SER C 364 59.52 -3.08 34.03
N GLU C 365 59.48 -4.41 33.99
CA GLU C 365 59.13 -5.22 32.79
C GLU C 365 57.69 -4.92 32.38
N GLU C 366 56.76 -4.87 33.34
CA GLU C 366 55.30 -4.68 33.11
C GLU C 366 55.05 -3.45 32.24
N VAL C 367 55.56 -2.29 32.65
CA VAL C 367 55.23 -0.96 32.04
C VAL C 367 55.93 -0.82 30.70
N LEU C 368 57.19 -1.27 30.58
CA LEU C 368 57.99 -1.20 29.32
C LEU C 368 57.26 -1.93 28.18
N ASP C 369 56.45 -2.95 28.51
CA ASP C 369 55.54 -3.67 27.58
C ASP C 369 54.26 -2.85 27.40
N PHE C 370 53.58 -2.53 28.51
CA PHE C 370 52.31 -1.76 28.57
C PHE C 370 52.40 -0.56 27.60
N ILE C 371 53.52 0.17 27.61
CA ILE C 371 53.75 1.36 26.73
C ILE C 371 53.94 0.88 25.29
N GLU C 372 54.72 -0.19 25.07
CA GLU C 372 54.96 -0.75 23.71
C GLU C 372 53.61 -1.23 23.14
N ARG C 373 52.76 -1.85 23.97
CA ARG C 373 51.39 -2.27 23.59
C ARG C 373 50.58 -1.02 23.19
N LEU C 374 50.72 0.08 23.93
CA LEU C 374 49.95 1.34 23.71
C LEU C 374 50.34 1.98 22.37
N PHE C 375 51.55 1.71 21.88
CA PHE C 375 52.01 2.14 20.53
C PHE C 375 51.53 1.12 19.50
N LYS C 376 51.71 -0.18 19.78
CA LYS C 376 51.21 -1.31 18.94
C LYS C 376 49.71 -1.13 18.67
N GLU C 377 49.00 -0.48 19.59
CA GLU C 377 47.61 0.01 19.37
C GLU C 377 47.64 1.04 18.23
N GLU C 378 48.33 2.16 18.45
CA GLU C 378 48.31 3.37 17.59
C GLU C 378 48.73 3.03 16.15
N GLU C 379 49.69 2.11 15.96
CA GLU C 379 50.16 1.67 14.63
C GLU C 379 48.95 1.33 13.75
N TYR C 380 47.95 0.62 14.32
CA TYR C 380 46.75 0.10 13.62
C TYR C 380 45.91 1.24 13.05
N TYR C 381 45.78 2.36 13.79
CA TYR C 381 44.87 3.49 13.48
C TYR C 381 45.59 4.52 12.58
N SER C 382 46.37 4.07 11.61
CA SER C 382 47.17 4.95 10.70
C SER C 382 47.73 4.15 9.51
N GLY D 1 12.53 -32.88 9.97
CA GLY D 1 13.58 -31.95 10.45
C GLY D 1 13.19 -30.49 10.28
N SER D 2 12.65 -29.87 11.35
CA SER D 2 12.32 -28.43 11.45
C SER D 2 12.78 -27.87 12.81
N ASP D 3 13.85 -28.43 13.37
CA ASP D 3 14.47 -28.02 14.66
C ASP D 3 15.87 -27.41 14.39
N HIS D 4 16.56 -27.83 13.32
CA HIS D 4 17.91 -27.36 12.92
C HIS D 4 17.81 -26.23 11.88
N LEU D 5 16.65 -26.06 11.24
CA LEU D 5 16.34 -24.92 10.32
C LEU D 5 15.59 -23.83 11.11
N PHE D 6 15.27 -24.08 12.38
CA PHE D 6 14.69 -23.12 13.36
C PHE D 6 15.83 -22.29 13.96
N ARG D 7 16.92 -22.96 14.39
CA ARG D 7 18.13 -22.32 14.98
C ARG D 7 18.67 -21.27 14.02
N GLU D 8 18.92 -21.67 12.75
CA GLU D 8 19.48 -20.81 11.68
C GLU D 8 18.76 -19.45 11.68
N GLN D 9 17.45 -19.43 12.00
CA GLN D 9 16.61 -18.20 12.07
C GLN D 9 17.13 -17.27 13.16
N LEU D 10 17.29 -17.78 14.39
CA LEU D 10 17.62 -16.97 15.59
C LEU D 10 18.93 -17.47 16.20
N ALA D 11 19.89 -17.84 15.33
CA ALA D 11 21.20 -18.43 15.69
C ALA D 11 21.94 -17.50 16.65
N ARG D 12 21.94 -16.20 16.37
CA ARG D 12 22.70 -15.16 17.13
C ARG D 12 22.22 -15.15 18.60
N ASN D 13 20.90 -15.14 18.83
CA ASN D 13 20.29 -15.19 20.19
C ASN D 13 20.65 -16.54 20.84
N TYR D 14 20.64 -17.62 20.06
CA TYR D 14 20.93 -19.01 20.52
C TYR D 14 22.39 -19.10 20.99
N ALA D 15 23.27 -18.29 20.39
CA ALA D 15 24.72 -18.22 20.74
C ALA D 15 24.92 -17.20 21.87
N PHE D 16 24.10 -16.15 21.92
CA PHE D 16 24.17 -15.06 22.93
C PHE D 16 23.89 -15.63 24.33
N LEU D 17 22.69 -16.22 24.52
CA LEU D 17 22.20 -16.72 25.84
C LEU D 17 22.84 -18.08 26.16
N GLY D 18 22.92 -18.98 25.17
CA GLY D 18 23.35 -20.38 25.32
C GLY D 18 22.16 -21.31 25.42
N GLU D 19 22.26 -22.54 24.89
CA GLU D 19 21.14 -23.53 24.83
C GLU D 19 20.56 -23.75 26.23
N GLU D 20 21.42 -23.89 27.25
CA GLU D 20 21.05 -24.02 28.69
C GLU D 20 20.09 -22.88 29.06
N GLY D 21 20.43 -21.64 28.66
CA GLY D 21 19.60 -20.45 28.88
C GLY D 21 18.43 -20.38 27.90
N MET D 22 18.59 -20.97 26.70
CA MET D 22 17.65 -20.81 25.57
C MET D 22 16.45 -21.76 25.71
N ARG D 23 16.67 -22.99 26.18
CA ARG D 23 15.59 -23.96 26.49
C ARG D 23 14.51 -23.24 27.30
N LYS D 24 14.91 -22.61 28.42
CA LYS D 24 14.03 -21.87 29.37
C LYS D 24 13.10 -20.93 28.58
N ILE D 25 13.65 -20.13 27.66
CA ILE D 25 12.90 -19.14 26.84
C ILE D 25 11.84 -19.86 26.01
N LYS D 26 12.15 -21.05 25.50
CA LYS D 26 11.28 -21.82 24.56
C LYS D 26 10.04 -22.32 25.33
N GLU D 27 10.24 -22.96 26.49
CA GLU D 27 9.15 -23.61 27.28
C GLU D 27 8.27 -22.55 27.97
N GLN D 28 8.63 -21.27 27.88
CA GLN D 28 7.86 -20.13 28.43
C GLN D 28 6.42 -20.13 27.90
N TYR D 29 5.50 -19.59 28.68
CA TYR D 29 4.10 -19.28 28.31
C TYR D 29 3.73 -17.93 28.92
N ILE D 30 3.86 -16.87 28.11
CA ILE D 30 3.60 -15.46 28.50
C ILE D 30 2.14 -15.14 28.16
N VAL D 31 1.40 -14.57 29.11
CA VAL D 31 0.09 -13.93 28.87
C VAL D 31 0.35 -12.44 28.67
N ILE D 32 0.13 -11.94 27.47
CA ILE D 32 0.19 -10.48 27.16
C ILE D 32 -1.23 -9.94 27.25
N VAL D 33 -1.58 -9.31 28.37
CA VAL D 33 -2.92 -8.71 28.58
C VAL D 33 -2.88 -7.30 27.97
N GLY D 34 -3.79 -7.01 27.04
CA GLY D 34 -3.75 -5.78 26.23
C GLY D 34 -2.76 -5.91 25.08
N ALA D 35 -3.23 -5.69 23.84
CA ALA D 35 -2.47 -5.89 22.58
C ALA D 35 -2.32 -4.56 21.85
N GLY D 36 -2.50 -3.45 22.58
CA GLY D 36 -2.29 -2.08 22.08
C GLY D 36 -0.81 -1.81 21.81
N GLU D 37 -0.49 -0.63 21.26
CA GLU D 37 0.89 -0.23 20.91
C GLU D 37 1.89 -0.95 21.82
N VAL D 38 1.94 -0.62 23.11
CA VAL D 38 2.99 -1.11 24.06
C VAL D 38 2.96 -2.65 24.04
N GLY D 39 1.77 -3.25 24.01
CA GLY D 39 1.57 -4.71 24.07
C GLY D 39 1.99 -5.39 22.79
N SER D 40 1.43 -4.96 21.66
CA SER D 40 1.72 -5.50 20.30
C SER D 40 3.23 -5.72 20.14
N TRP D 41 4.03 -4.72 20.51
CA TRP D 41 5.52 -4.76 20.46
C TRP D 41 6.04 -5.98 21.23
N VAL D 42 5.66 -6.11 22.50
CA VAL D 42 6.03 -7.26 23.38
C VAL D 42 5.82 -8.56 22.58
N CYS D 43 4.58 -8.74 22.12
CA CYS D 43 4.08 -9.95 21.43
C CYS D 43 5.06 -10.37 20.34
N THR D 44 5.27 -9.51 19.34
CA THR D 44 6.14 -9.75 18.15
C THR D 44 7.54 -10.20 18.61
N MET D 45 8.21 -9.36 19.40
CA MET D 45 9.64 -9.54 19.76
C MET D 45 9.85 -10.83 20.55
N LEU D 46 9.01 -11.07 21.57
CA LEU D 46 9.06 -12.30 22.41
C LEU D 46 9.01 -13.53 21.50
N ILE D 47 8.01 -13.58 20.60
CA ILE D 47 7.82 -14.67 19.60
C ILE D 47 9.05 -14.74 18.69
N ARG D 48 9.36 -13.64 18.02
CA ARG D 48 10.46 -13.54 17.02
C ARG D 48 11.79 -14.02 17.62
N SER D 49 12.09 -13.56 18.85
CA SER D 49 13.37 -13.80 19.56
C SER D 49 13.48 -15.27 19.99
N GLY D 50 12.42 -15.89 20.50
CA GLY D 50 12.47 -17.28 21.01
C GLY D 50 11.10 -17.88 21.32
N CYS D 51 10.33 -17.25 22.21
CA CYS D 51 9.10 -17.78 22.86
C CYS D 51 8.26 -18.60 21.86
N GLN D 52 7.85 -19.80 22.26
CA GLN D 52 7.07 -20.75 21.42
C GLN D 52 5.56 -20.52 21.64
N LYS D 53 5.12 -20.38 22.90
CA LYS D 53 3.69 -20.28 23.29
C LYS D 53 3.47 -18.99 24.10
N ILE D 54 2.54 -18.14 23.66
CA ILE D 54 2.05 -16.95 24.44
C ILE D 54 0.56 -16.73 24.14
N MET D 55 -0.12 -15.93 24.97
CA MET D 55 -1.55 -15.59 24.86
C MET D 55 -1.72 -14.07 24.80
N ILE D 56 -2.65 -13.59 23.96
CA ILE D 56 -3.04 -12.15 23.84
C ILE D 56 -4.52 -12.00 24.21
N ILE D 57 -4.86 -10.99 25.01
CA ILE D 57 -6.24 -10.74 25.51
C ILE D 57 -6.54 -9.24 25.37
N ASP D 58 -7.16 -8.86 24.26
CA ASP D 58 -7.60 -7.47 23.98
C ASP D 58 -8.84 -7.53 23.10
N PRO D 59 -9.92 -6.78 23.44
CA PRO D 59 -11.11 -6.72 22.60
C PRO D 59 -10.97 -5.79 21.38
N GLU D 60 -10.82 -4.49 21.60
CA GLU D 60 -11.02 -3.42 20.58
C GLU D 60 -10.19 -3.73 19.33
N ASN D 61 -10.71 -3.40 18.14
CA ASN D 61 -10.06 -3.61 16.83
C ASN D 61 -9.02 -2.49 16.63
N ILE D 62 -8.17 -2.59 15.61
CA ILE D 62 -7.15 -1.53 15.28
C ILE D 62 -7.82 -0.48 14.40
N SER D 63 -7.41 0.78 14.56
CA SER D 63 -7.89 1.95 13.80
C SER D 63 -6.71 2.58 13.04
N ILE D 64 -7.01 3.50 12.12
CA ILE D 64 -6.01 4.18 11.23
C ILE D 64 -4.98 4.91 12.11
N ASP D 65 -5.40 5.39 13.28
CA ASP D 65 -4.55 6.16 14.24
C ASP D 65 -3.67 5.20 15.06
N SER D 66 -3.70 3.90 14.77
CA SER D 66 -2.85 2.86 15.44
C SER D 66 -1.59 2.60 14.61
N LEU D 67 -1.58 3.02 13.35
CA LEU D 67 -0.50 2.70 12.37
C LEU D 67 0.83 3.31 12.83
N ASN D 68 0.81 4.49 13.44
CA ASN D 68 2.03 5.28 13.79
C ASN D 68 2.56 4.86 15.16
N THR D 69 2.06 3.75 15.73
CA THR D 69 2.51 3.21 17.03
C THR D 69 2.69 1.69 16.94
N HIS D 70 1.63 0.98 16.55
CA HIS D 70 1.59 -0.50 16.39
C HIS D 70 2.84 -0.97 15.63
N CYS D 71 3.42 -2.10 16.02
CA CYS D 71 4.77 -2.58 15.59
C CYS D 71 4.73 -3.16 14.17
N CYS D 72 3.64 -3.83 13.80
CA CYS D 72 3.50 -4.59 12.53
C CYS D 72 2.03 -4.68 12.09
N ALA D 73 1.29 -3.58 12.16
CA ALA D 73 -0.12 -3.49 11.73
C ALA D 73 -0.22 -2.59 10.49
N VAL D 74 -0.16 -3.19 9.31
CA VAL D 74 -0.40 -2.53 8.00
C VAL D 74 -1.81 -1.93 8.01
N LEU D 75 -2.09 -0.97 7.12
CA LEU D 75 -3.45 -0.41 6.96
C LEU D 75 -4.33 -1.45 6.28
N SER D 76 -3.74 -2.52 5.73
CA SER D 76 -4.47 -3.68 5.15
C SER D 76 -5.47 -4.22 6.17
N ASP D 77 -5.04 -4.42 7.42
CA ASP D 77 -5.84 -5.11 8.47
C ASP D 77 -6.42 -4.07 9.43
N ILE D 78 -6.98 -2.97 8.88
CA ILE D 78 -7.83 -2.00 9.63
C ILE D 78 -9.18 -2.66 9.92
N GLY D 79 -9.75 -2.40 11.10
CA GLY D 79 -11.13 -2.79 11.47
C GLY D 79 -11.27 -4.29 11.73
N LYS D 80 -10.22 -4.94 12.25
CA LYS D 80 -10.25 -6.33 12.76
C LYS D 80 -9.52 -6.39 14.10
N PRO D 81 -9.86 -7.36 14.99
CA PRO D 81 -9.31 -7.38 16.34
C PRO D 81 -7.78 -7.33 16.38
N LYS D 82 -7.22 -6.40 17.18
CA LYS D 82 -5.75 -6.28 17.39
C LYS D 82 -5.20 -7.68 17.68
N VAL D 83 -5.92 -8.43 18.53
CA VAL D 83 -5.50 -9.76 19.03
C VAL D 83 -5.31 -10.71 17.84
N GLN D 84 -6.17 -10.61 16.83
CA GLN D 84 -6.09 -11.45 15.60
C GLN D 84 -5.00 -10.89 14.70
N CYS D 85 -5.09 -9.60 14.35
CA CYS D 85 -4.07 -8.86 13.56
C CYS D 85 -2.69 -9.45 13.85
N LEU D 86 -2.35 -9.59 15.14
CA LEU D 86 -1.04 -10.13 15.60
C LEU D 86 -0.90 -11.61 15.18
N LYS D 87 -1.77 -12.49 15.67
CA LYS D 87 -1.75 -13.93 15.32
C LYS D 87 -1.41 -14.07 13.83
N GLU D 88 -2.22 -13.47 12.95
CA GLU D 88 -2.12 -13.59 11.47
C GLU D 88 -0.71 -13.22 11.01
N HIS D 89 -0.15 -12.10 11.50
CA HIS D 89 1.20 -11.59 11.15
C HIS D 89 2.26 -12.56 11.69
N LEU D 90 2.24 -12.84 12.99
CA LEU D 90 3.28 -13.64 13.70
C LEU D 90 3.31 -15.07 13.14
N SER D 91 2.18 -15.61 12.67
CA SER D 91 2.07 -16.97 12.08
C SER D 91 2.93 -17.06 10.80
N LYS D 92 3.11 -15.95 10.07
CA LYS D 92 3.92 -15.92 8.81
C LYS D 92 5.41 -15.86 9.15
N ILE D 93 5.77 -15.32 10.32
CA ILE D 93 7.18 -15.11 10.77
C ILE D 93 7.65 -16.32 11.59
N ALA D 94 6.71 -17.02 12.24
CA ALA D 94 6.98 -18.19 13.11
C ALA D 94 5.76 -19.10 13.10
N PRO D 95 5.66 -20.07 12.15
CA PRO D 95 4.52 -20.99 12.11
C PRO D 95 4.57 -22.03 13.24
N TRP D 96 5.79 -22.31 13.72
CA TRP D 96 6.11 -23.18 14.89
C TRP D 96 5.54 -22.61 16.19
N SER D 97 5.18 -21.32 16.22
CA SER D 97 4.67 -20.60 17.41
C SER D 97 3.16 -20.82 17.58
N GLU D 98 2.75 -21.25 18.78
CA GLU D 98 1.34 -21.24 19.25
C GLU D 98 1.05 -19.86 19.85
N ILE D 99 -0.03 -19.22 19.41
CA ILE D 99 -0.45 -17.83 19.79
C ILE D 99 -1.97 -17.84 20.00
N LYS D 100 -2.42 -18.29 21.17
CA LYS D 100 -3.86 -18.37 21.51
C LYS D 100 -4.39 -16.95 21.66
N ALA D 101 -4.93 -16.40 20.56
CA ALA D 101 -5.52 -15.05 20.51
C ALA D 101 -6.95 -15.12 21.06
N ARG D 102 -7.24 -14.28 22.05
CA ARG D 102 -8.58 -14.15 22.68
C ARG D 102 -9.04 -12.69 22.55
N ALA D 103 -10.05 -12.44 21.71
CA ALA D 103 -10.75 -11.13 21.59
C ALA D 103 -11.29 -10.74 22.97
N LYS D 104 -12.13 -11.61 23.54
CA LYS D 104 -12.75 -11.48 24.89
C LYS D 104 -11.90 -10.58 25.79
N ALA D 105 -12.51 -9.54 26.38
CA ALA D 105 -11.86 -8.53 27.25
C ALA D 105 -11.52 -9.17 28.60
N TRP D 106 -10.33 -8.86 29.14
CA TRP D 106 -9.86 -9.39 30.43
C TRP D 106 -10.69 -8.78 31.57
N THR D 107 -11.03 -9.61 32.56
CA THR D 107 -11.75 -9.21 33.80
C THR D 107 -11.15 -9.97 34.99
N LYS D 108 -11.37 -9.48 36.21
CA LYS D 108 -10.98 -10.19 37.47
C LYS D 108 -11.76 -11.50 37.56
N GLU D 109 -13.00 -11.49 37.07
CA GLU D 109 -13.93 -12.66 37.10
C GLU D 109 -13.39 -13.77 36.18
N ASN D 110 -13.47 -13.59 34.86
CA ASN D 110 -13.25 -14.65 33.84
C ASN D 110 -11.79 -15.12 33.88
N SER D 111 -10.84 -14.19 34.00
CA SER D 111 -9.39 -14.40 33.77
C SER D 111 -9.04 -15.89 33.90
N HIS D 112 -8.98 -16.39 35.13
CA HIS D 112 -8.42 -17.73 35.49
C HIS D 112 -8.79 -18.80 34.45
N ASP D 113 -10.08 -19.10 34.31
CA ASP D 113 -10.59 -20.24 33.47
C ASP D 113 -10.58 -19.84 31.99
N LEU D 114 -9.92 -18.73 31.66
CA LEU D 114 -9.57 -18.32 30.28
C LEU D 114 -8.07 -18.53 30.05
N ILE D 115 -7.24 -18.12 31.03
CA ILE D 115 -5.75 -18.09 30.92
C ILE D 115 -5.25 -19.51 30.68
N PHE D 116 -5.49 -20.41 31.64
CA PHE D 116 -4.99 -21.81 31.61
C PHE D 116 -6.17 -22.77 31.59
N ALA D 117 -6.95 -22.69 30.51
CA ALA D 117 -7.94 -23.71 30.08
C ALA D 117 -7.19 -24.87 29.41
N ASP D 118 -6.07 -24.57 28.74
CA ASP D 118 -5.18 -25.56 28.08
C ASP D 118 -4.70 -26.57 29.13
N GLY D 119 -4.31 -26.09 30.30
CA GLY D 119 -3.90 -26.93 31.45
C GLY D 119 -2.53 -26.56 31.98
N GLU D 120 -1.64 -26.10 31.09
CA GLU D 120 -0.27 -25.62 31.45
C GLU D 120 -0.43 -24.26 32.16
N SER D 121 0.37 -24.02 33.21
CA SER D 121 0.36 -22.79 34.04
C SER D 121 1.22 -21.71 33.38
N PRO D 122 0.81 -20.41 33.43
CA PRO D 122 1.54 -19.34 32.76
C PRO D 122 2.80 -18.89 33.51
N THR D 123 3.87 -18.58 32.77
CA THR D 123 5.20 -18.21 33.32
C THR D 123 5.23 -16.70 33.66
N PHE D 124 4.78 -15.87 32.73
CA PHE D 124 4.76 -14.38 32.85
C PHE D 124 3.40 -13.83 32.45
N ILE D 125 2.97 -12.73 33.09
CA ILE D 125 1.83 -11.88 32.65
C ILE D 125 2.41 -10.49 32.33
N VAL D 126 2.16 -10.00 31.11
CA VAL D 126 2.56 -8.64 30.67
C VAL D 126 1.32 -7.76 30.63
N ASP D 127 1.18 -6.87 31.63
CA ASP D 127 0.05 -5.91 31.71
C ASP D 127 0.31 -4.74 30.76
N CYS D 128 -0.63 -4.48 29.85
CA CYS D 128 -0.57 -3.42 28.82
C CYS D 128 -1.96 -2.78 28.64
N LEU D 129 -2.51 -2.28 29.74
CA LEU D 129 -3.92 -1.80 29.84
C LEU D 129 -3.92 -0.29 30.11
N ASP D 130 -5.09 0.36 29.93
CA ASP D 130 -5.31 1.80 30.24
C ASP D 130 -6.47 1.96 31.24
N ASN D 131 -7.54 1.16 31.11
CA ASN D 131 -8.68 1.10 32.08
C ASN D 131 -8.12 0.67 33.44
N LEU D 132 -7.55 1.63 34.18
CA LEU D 132 -6.74 1.41 35.42
C LEU D 132 -7.52 0.56 36.43
N GLU D 133 -8.84 0.74 36.53
CA GLU D 133 -9.70 -0.01 37.48
C GLU D 133 -9.59 -1.51 37.17
N SER D 134 -9.35 -1.89 35.91
CA SER D 134 -9.13 -3.29 35.47
C SER D 134 -7.63 -3.61 35.49
N LYS D 135 -6.77 -2.62 35.23
CA LYS D 135 -5.29 -2.78 35.28
C LYS D 135 -4.87 -3.22 36.68
N VAL D 136 -5.30 -2.48 37.70
CA VAL D 136 -5.06 -2.82 39.13
C VAL D 136 -5.55 -4.25 39.35
N ASP D 137 -6.84 -4.50 39.11
CA ASP D 137 -7.49 -5.83 39.19
C ASP D 137 -6.50 -6.90 38.68
N LEU D 138 -5.80 -6.60 37.57
CA LEU D 138 -4.82 -7.52 36.92
C LEU D 138 -3.58 -7.65 37.79
N LEU D 139 -2.97 -6.53 38.19
CA LEU D 139 -1.73 -6.52 39.03
C LEU D 139 -2.04 -7.21 40.35
N GLU D 140 -3.20 -6.94 40.95
CA GLU D 140 -3.72 -7.69 42.14
C GLU D 140 -3.62 -9.18 41.80
N TYR D 141 -4.40 -9.64 40.81
CA TYR D 141 -4.48 -11.06 40.37
C TYR D 141 -3.08 -11.65 40.21
N ALA D 142 -2.17 -10.89 39.59
CA ALA D 142 -0.78 -11.30 39.32
C ALA D 142 -0.07 -11.66 40.63
N HIS D 143 -0.22 -10.82 41.67
CA HIS D 143 0.48 -10.98 42.97
C HIS D 143 -0.11 -12.17 43.75
N HIS D 144 -1.44 -12.27 43.83
CA HIS D 144 -2.15 -13.31 44.61
C HIS D 144 -1.78 -14.71 44.10
N ASN D 145 -1.57 -14.85 42.78
CA ASN D 145 -1.26 -16.15 42.11
C ASN D 145 0.26 -16.28 41.91
N LYS D 146 1.05 -15.45 42.59
CA LYS D 146 2.54 -15.39 42.50
C LYS D 146 2.96 -15.70 41.06
N ILE D 147 2.79 -14.72 40.16
CA ILE D 147 3.23 -14.78 38.74
C ILE D 147 4.16 -13.59 38.49
N ASP D 148 5.43 -13.88 38.16
CA ASP D 148 6.42 -12.87 37.68
C ASP D 148 5.72 -11.96 36.67
N VAL D 149 5.39 -10.74 37.08
CA VAL D 149 4.57 -9.78 36.28
C VAL D 149 5.40 -8.52 36.01
N ILE D 150 5.43 -8.09 34.76
CA ILE D 150 5.87 -6.73 34.32
C ILE D 150 4.60 -5.96 33.95
N SER D 151 4.61 -4.64 34.07
CA SER D 151 3.44 -3.78 33.76
C SER D 151 3.90 -2.45 33.17
N SER D 152 3.48 -2.16 31.94
CA SER D 152 3.59 -0.82 31.30
C SER D 152 2.87 0.20 32.20
N MET D 153 3.39 1.41 32.25
CA MET D 153 2.66 2.60 32.73
C MET D 153 2.11 3.31 31.48
N GLY D 154 1.69 4.57 31.60
CA GLY D 154 1.44 5.45 30.45
C GLY D 154 2.75 5.82 29.76
N VAL D 155 2.66 6.25 28.50
CA VAL D 155 3.81 6.73 27.68
C VAL D 155 3.62 8.23 27.44
N ALA D 156 2.62 8.82 28.09
CA ALA D 156 2.21 10.23 27.91
C ALA D 156 3.40 11.16 28.20
N THR D 157 3.59 12.16 27.34
CA THR D 157 4.48 13.32 27.56
C THR D 157 5.94 12.89 27.51
N LYS D 158 6.20 11.63 27.15
CA LYS D 158 7.57 11.06 27.09
C LYS D 158 8.14 11.34 25.70
N SER D 159 9.36 11.90 25.65
CA SER D 159 10.05 12.39 24.43
C SER D 159 11.48 11.85 24.35
N ASP D 160 11.97 11.21 25.41
CA ASP D 160 13.42 10.94 25.62
C ASP D 160 13.62 9.46 25.89
N PRO D 161 14.09 8.68 24.89
CA PRO D 161 14.17 7.22 25.03
C PRO D 161 15.32 6.73 25.92
N THR D 162 16.15 7.66 26.44
CA THR D 162 17.27 7.36 27.36
C THR D 162 16.70 7.08 28.75
N ARG D 163 15.88 8.01 29.26
CA ARG D 163 15.14 7.93 30.55
C ARG D 163 13.94 6.99 30.39
N VAL D 164 14.14 5.68 30.59
CA VAL D 164 13.07 4.65 30.49
C VAL D 164 13.43 3.49 31.42
N SER D 165 13.40 3.73 32.73
CA SER D 165 13.75 2.74 33.78
C SER D 165 12.78 1.54 33.75
N ILE D 166 13.23 0.39 34.25
CA ILE D 166 12.38 -0.75 34.70
C ILE D 166 12.74 -1.04 36.16
N ASN D 167 11.73 -1.11 37.02
CA ASN D 167 11.88 -1.18 38.49
C ASN D 167 10.54 -1.57 39.12
N ASP D 168 10.51 -1.72 40.44
CA ASP D 168 9.28 -2.03 41.22
C ASP D 168 8.46 -0.76 41.38
N ILE D 169 7.13 -0.87 41.33
CA ILE D 169 6.18 0.29 41.28
C ILE D 169 6.56 1.31 42.35
N SER D 170 7.11 0.87 43.50
CA SER D 170 7.38 1.72 44.69
C SER D 170 8.46 2.76 44.39
N MET D 171 9.38 2.46 43.47
CA MET D 171 10.52 3.36 43.12
C MET D 171 10.08 4.39 42.07
N THR D 172 8.77 4.54 41.82
CA THR D 172 8.22 5.34 40.70
C THR D 172 7.48 6.57 41.24
N GLU D 173 7.97 7.15 42.35
CA GLU D 173 7.42 8.40 42.92
C GLU D 173 7.44 9.50 41.86
N PHE D 174 8.56 9.59 41.12
CA PHE D 174 8.97 10.75 40.30
C PHE D 174 8.34 10.68 38.89
N ASP D 175 7.56 9.62 38.60
CA ASP D 175 6.68 9.56 37.40
C ASP D 175 5.26 9.93 37.82
N PRO D 176 4.73 11.10 37.42
CA PRO D 176 3.37 11.50 37.77
C PRO D 176 2.31 10.56 37.19
N ILE D 177 2.64 9.87 36.11
CA ILE D 177 1.73 8.92 35.41
C ILE D 177 1.56 7.67 36.26
N SER D 178 2.66 7.19 36.86
CA SER D 178 2.69 6.01 37.76
C SER D 178 1.84 6.28 39.01
N ARG D 179 2.00 7.45 39.62
CA ARG D 179 1.37 7.86 40.91
C ARG D 179 -0.02 7.23 41.02
N CYS D 180 -0.89 7.49 40.04
CA CYS D 180 -2.32 7.08 40.02
C CYS D 180 -2.48 5.56 40.18
N VAL D 181 -1.75 4.77 39.39
CA VAL D 181 -1.80 3.28 39.42
C VAL D 181 -1.33 2.81 40.81
N ARG D 182 -0.08 3.07 41.14
CA ARG D 182 0.58 2.64 42.40
C ARG D 182 -0.36 2.85 43.59
N ARG D 183 -0.84 4.09 43.78
CA ARG D 183 -1.66 4.51 44.96
C ARG D 183 -2.85 3.57 45.09
N LYS D 184 -3.67 3.46 44.04
CA LYS D 184 -4.88 2.61 44.00
C LYS D 184 -4.48 1.14 44.20
N LEU D 185 -3.27 0.75 43.74
CA LEU D 185 -2.72 -0.62 43.91
C LEU D 185 -2.27 -0.81 45.35
N ARG D 186 -1.77 0.24 46.00
CA ARG D 186 -1.35 0.19 47.43
C ARG D 186 -2.59 0.23 48.33
N LYS D 187 -3.70 0.79 47.84
CA LYS D 187 -4.99 0.82 48.58
C LYS D 187 -5.50 -0.61 48.79
N ARG D 188 -5.21 -1.52 47.85
CA ARG D 188 -5.61 -2.95 47.93
C ARG D 188 -4.67 -3.68 48.91
N GLY D 189 -3.46 -3.13 49.11
CA GLY D 189 -2.48 -3.60 50.11
C GLY D 189 -1.22 -4.20 49.47
N ILE D 190 -0.84 -3.72 48.29
CA ILE D 190 0.36 -4.19 47.52
C ILE D 190 1.19 -2.97 47.13
N ALA D 191 2.40 -2.86 47.70
CA ALA D 191 3.38 -1.77 47.44
C ALA D 191 4.69 -2.32 46.86
N THR D 192 4.84 -3.65 46.78
CA THR D 192 6.10 -4.33 46.37
C THR D 192 5.78 -5.60 45.58
N GLY D 193 6.68 -6.01 44.69
CA GLY D 193 6.65 -7.31 43.97
C GLY D 193 6.07 -7.21 42.56
N ILE D 194 5.85 -5.98 42.07
CA ILE D 194 5.25 -5.70 40.73
C ILE D 194 6.23 -4.88 39.91
N SER D 195 6.98 -5.55 39.03
CA SER D 195 7.96 -4.94 38.09
C SER D 195 7.21 -4.10 37.06
N VAL D 196 7.70 -2.89 36.76
CA VAL D 196 7.02 -1.95 35.82
C VAL D 196 8.06 -1.15 35.04
N VAL D 197 7.86 -1.05 33.72
CA VAL D 197 8.56 -0.07 32.85
C VAL D 197 7.84 1.28 33.00
N PHE D 198 8.60 2.37 32.91
CA PHE D 198 8.10 3.77 33.09
C PHE D 198 9.21 4.75 32.71
N SER D 199 8.94 6.05 32.84
CA SER D 199 9.95 7.13 32.66
C SER D 199 9.71 8.25 33.68
N ASN D 200 10.71 8.50 34.53
CA ASN D 200 10.70 9.57 35.58
C ASN D 200 10.83 10.94 34.90
N GLU D 201 10.85 10.98 33.57
CA GLU D 201 10.90 12.23 32.75
C GLU D 201 9.74 13.14 33.17
N MET D 202 10.04 14.14 34.01
CA MET D 202 9.08 15.22 34.37
C MET D 202 8.61 15.88 33.07
N LEU D 203 7.31 15.77 32.76
CA LEU D 203 6.65 16.47 31.63
C LEU D 203 7.08 17.94 31.66
N ASP D 204 7.69 18.44 30.58
CA ASP D 204 8.19 19.84 30.46
C ASP D 204 6.97 20.76 30.35
N PRO D 205 6.69 21.64 31.34
CA PRO D 205 5.49 22.49 31.31
C PRO D 205 5.19 23.17 29.96
N ARG D 206 6.21 23.41 29.12
CA ARG D 206 6.09 24.00 27.76
C ARG D 206 5.44 22.96 26.83
N VAL D 224 1.46 24.73 45.06
CA VAL D 224 1.53 23.65 44.03
C VAL D 224 0.08 23.35 43.58
N ARG D 225 -0.15 22.24 42.85
CA ARG D 225 -1.51 21.82 42.38
C ARG D 225 -1.64 20.28 42.48
N ASP D 226 -2.78 19.80 43.00
CA ASP D 226 -3.14 18.37 43.12
C ASP D 226 -4.57 18.15 42.58
N GLU D 227 -4.74 17.25 41.61
CA GLU D 227 -5.98 17.13 40.79
C GLU D 227 -6.32 15.64 40.57
N ALA D 228 -7.32 15.39 39.71
CA ALA D 228 -7.61 14.08 39.08
C ALA D 228 -6.79 13.96 37.79
N LEU D 229 -5.45 13.97 37.92
CA LEU D 229 -4.45 14.01 36.82
C LEU D 229 -4.53 12.71 36.00
N ARG D 230 -4.51 12.83 34.66
CA ARG D 230 -4.83 11.74 33.69
C ARG D 230 -3.76 11.65 32.59
N HIS D 231 -3.92 10.66 31.70
CA HIS D 231 -3.07 10.38 30.49
C HIS D 231 -3.61 11.15 29.28
N LEU D 232 -2.79 11.99 28.65
CA LEU D 232 -3.14 12.81 27.45
C LEU D 232 -2.28 12.38 26.27
N PRO D 233 -1.50 13.25 25.56
CA PRO D 233 -0.90 12.86 24.28
C PRO D 233 0.39 12.04 24.43
N GLU D 234 0.72 11.21 23.44
CA GLU D 234 1.91 10.31 23.44
C GLU D 234 2.59 10.32 22.06
N LEU D 235 3.93 10.32 22.06
CA LEU D 235 4.79 10.32 20.84
C LEU D 235 4.88 8.87 20.32
N GLY D 236 4.68 8.69 19.01
CA GLY D 236 4.44 7.38 18.35
C GLY D 236 5.52 6.33 18.61
N THR D 237 6.78 6.72 18.71
CA THR D 237 7.94 5.82 18.84
C THR D 237 7.98 5.20 20.23
N MET D 238 7.83 6.04 21.27
CA MET D 238 8.08 5.71 22.71
C MET D 238 7.42 4.41 23.13
N PRO D 239 6.13 4.15 22.80
CA PRO D 239 5.50 2.87 23.10
C PRO D 239 6.41 1.69 22.72
N GLY D 240 6.94 1.72 21.50
CA GLY D 240 7.91 0.73 20.99
C GLY D 240 9.00 0.47 22.01
N ILE D 241 9.68 1.53 22.45
CA ILE D 241 10.79 1.48 23.45
C ILE D 241 10.32 0.62 24.62
N PHE D 242 9.17 0.96 25.20
CA PHE D 242 8.57 0.27 26.38
C PHE D 242 8.35 -1.20 26.00
N GLY D 243 7.63 -1.43 24.91
CA GLY D 243 7.47 -2.76 24.31
C GLY D 243 8.77 -3.54 24.37
N LEU D 244 9.76 -3.09 23.59
CA LEU D 244 11.12 -3.71 23.53
C LEU D 244 11.65 -3.86 24.96
N SER D 245 11.79 -2.74 25.65
CA SER D 245 12.30 -2.69 27.05
C SER D 245 11.74 -3.90 27.81
N ILE D 246 10.42 -4.04 27.91
CA ILE D 246 9.79 -5.10 28.76
C ILE D 246 10.02 -6.46 28.08
N ALA D 247 10.05 -6.51 26.75
CA ALA D 247 10.34 -7.75 25.99
C ALA D 247 11.77 -8.19 26.30
N THR D 248 12.72 -7.26 26.19
CA THR D 248 14.14 -7.46 26.60
C THR D 248 14.14 -8.00 28.04
N TRP D 249 13.62 -7.20 28.97
CA TRP D 249 13.65 -7.45 30.43
C TRP D 249 13.10 -8.85 30.76
N ILE D 250 12.17 -9.38 29.96
CA ILE D 250 11.69 -10.79 30.09
C ILE D 250 12.85 -11.70 29.67
N LEU D 251 13.28 -11.59 28.41
CA LEU D 251 14.27 -12.50 27.79
C LEU D 251 15.50 -12.59 28.69
N THR D 252 15.98 -11.46 29.18
CA THR D 252 17.20 -11.35 30.03
C THR D 252 16.97 -12.12 31.34
N LYS D 253 15.86 -11.88 32.03
CA LYS D 253 15.56 -12.49 33.35
C LYS D 253 15.25 -13.99 33.16
N VAL D 254 14.30 -14.33 32.28
CA VAL D 254 13.75 -15.72 32.14
C VAL D 254 14.90 -16.69 31.88
N SER D 255 15.87 -16.30 31.06
CA SER D 255 17.12 -17.06 30.77
C SER D 255 18.14 -16.77 31.86
N GLY D 256 19.14 -17.64 32.01
CA GLY D 256 20.15 -17.60 33.08
C GLY D 256 20.96 -16.30 33.10
N TYR D 257 20.72 -15.40 32.15
CA TYR D 257 21.52 -14.14 31.94
C TYR D 257 21.38 -13.25 33.17
N PRO D 258 22.46 -12.54 33.58
CA PRO D 258 22.42 -11.70 34.78
C PRO D 258 21.49 -10.49 34.65
N MET D 259 20.66 -10.28 35.68
CA MET D 259 19.71 -9.15 35.82
C MET D 259 19.96 -8.45 37.15
N LYS D 260 19.90 -7.11 37.17
CA LYS D 260 20.09 -6.28 38.40
C LYS D 260 18.76 -6.28 39.17
N GLU D 261 18.62 -7.19 40.14
CA GLU D 261 17.38 -7.37 40.96
C GLU D 261 16.86 -5.99 41.39
N ASN D 262 15.61 -5.66 41.05
CA ASN D 262 14.92 -4.42 41.50
C ASN D 262 15.04 -4.34 43.02
N GLU D 263 15.39 -3.18 43.56
CA GLU D 263 15.33 -2.89 45.03
C GLU D 263 14.26 -1.83 45.24
N VAL D 264 13.55 -1.88 46.37
CA VAL D 264 12.20 -1.27 46.53
C VAL D 264 12.11 -0.43 47.81
N LYS D 265 11.30 0.64 47.76
CA LYS D 265 11.11 1.62 48.85
C LYS D 265 9.83 1.29 49.62
N ASN D 266 9.87 0.22 50.42
CA ASN D 266 8.84 -0.12 51.44
C ASN D 266 9.55 -0.12 52.80
N ARG D 267 9.88 1.06 53.32
CA ARG D 267 10.58 1.24 54.62
C ARG D 267 9.54 1.06 55.74
N LEU D 268 9.26 -0.20 56.10
CA LEU D 268 8.24 -0.59 57.11
C LEU D 268 8.78 -0.31 58.52
N LYS D 269 10.10 -0.49 58.69
CA LYS D 269 10.87 -0.12 59.91
C LYS D 269 10.48 1.30 60.36
N PHE D 270 10.38 2.23 59.41
CA PHE D 270 10.02 3.66 59.63
C PHE D 270 8.53 3.76 60.01
N TYR D 271 7.66 3.09 59.23
CA TYR D 271 6.18 3.14 59.39
C TYR D 271 5.80 2.65 60.80
N ASP D 272 6.50 1.64 61.33
CA ASP D 272 6.27 1.11 62.70
C ASP D 272 6.55 2.23 63.71
N SER D 273 7.74 2.84 63.63
CA SER D 273 8.19 3.92 64.55
C SER D 273 7.21 5.11 64.50
N ILE D 274 6.67 5.43 63.31
CA ILE D 274 5.74 6.58 63.13
C ILE D 274 4.29 6.14 63.43
N LEU D 275 4.05 4.83 63.49
CA LEU D 275 2.79 4.26 64.06
C LEU D 275 2.89 4.30 65.60
N GLU D 276 4.02 3.81 66.14
CA GLU D 276 4.32 3.75 67.59
C GLU D 276 4.04 5.12 68.24
N THR D 277 4.35 6.21 67.55
CA THR D 277 4.10 7.61 68.01
C THR D 277 2.60 7.90 68.00
N PHE D 278 1.85 7.32 67.06
CA PHE D 278 0.38 7.47 66.96
C PHE D 278 -0.29 6.67 68.09
N GLN D 279 0.11 5.42 68.27
CA GLN D 279 -0.36 4.51 69.35
C GLN D 279 -0.37 5.29 70.68
N LYS D 280 0.77 5.89 71.03
CA LYS D 280 1.01 6.57 72.33
C LYS D 280 0.11 7.81 72.46
N GLN D 281 0.05 8.67 71.43
CA GLN D 281 -0.84 9.86 71.42
C GLN D 281 -2.27 9.40 71.69
N MET D 282 -2.70 8.33 71.02
CA MET D 282 -4.09 7.78 71.11
C MET D 282 -4.34 7.20 72.51
N ALA D 283 -3.27 6.88 73.26
CA ALA D 283 -3.31 6.37 74.64
C ALA D 283 -3.21 7.52 75.65
N ARG D 284 -2.54 8.63 75.28
CA ARG D 284 -2.37 9.83 76.13
C ARG D 284 -3.72 10.55 76.30
N LEU D 285 -4.54 10.60 75.25
CA LEU D 285 -5.86 11.29 75.23
C LEU D 285 -6.94 10.35 75.79
N ASN D 286 -7.17 9.22 75.11
CA ASN D 286 -8.16 8.17 75.49
C ASN D 286 -7.40 7.05 76.23
N GLU D 287 -7.64 6.92 77.55
CA GLU D 287 -6.83 6.03 78.44
C GLU D 287 -7.17 4.56 78.13
N ASN D 288 -6.27 3.87 77.41
CA ASN D 288 -6.36 2.44 76.99
C ASN D 288 -7.62 2.22 76.15
N LYS D 289 -7.54 2.54 74.85
CA LYS D 289 -8.67 2.48 73.87
C LYS D 289 -8.50 1.25 72.98
N GLU D 290 -9.61 0.71 72.46
CA GLU D 290 -9.68 -0.50 71.60
C GLU D 290 -9.92 -0.11 70.13
N ARG D 291 -9.85 1.20 69.81
CA ARG D 291 -9.90 1.77 68.43
C ARG D 291 -8.49 2.15 67.96
N SER D 292 -7.45 1.78 68.73
CA SER D 292 -6.02 2.06 68.43
C SER D 292 -5.56 1.18 67.27
N SER D 293 -6.08 -0.05 67.17
CA SER D 293 -5.75 -1.06 66.13
C SER D 293 -6.56 -0.82 64.84
N LEU D 294 -7.13 0.37 64.68
CA LEU D 294 -7.88 0.78 63.45
C LEU D 294 -6.86 1.04 62.33
N LEU D 295 -5.86 1.88 62.58
CA LEU D 295 -4.77 2.22 61.63
C LEU D 295 -3.79 1.06 61.54
N GLY D 296 -3.91 0.23 60.48
CA GLY D 296 -3.00 -0.89 60.18
C GLY D 296 -1.59 -0.41 59.88
N LEU D 297 -0.61 -1.31 59.91
CA LEU D 297 0.84 -0.99 59.72
C LEU D 297 1.05 -0.44 58.31
N GLU D 298 0.60 -1.16 57.28
CA GLU D 298 0.74 -0.78 55.85
C GLU D 298 -0.11 0.47 55.58
N GLU D 299 -1.21 0.64 56.32
CA GLU D 299 -2.18 1.75 56.14
C GLU D 299 -1.54 3.07 56.61
N VAL D 300 -0.51 3.03 57.47
CA VAL D 300 0.31 4.20 57.86
C VAL D 300 1.25 4.53 56.70
N GLY D 301 2.07 3.56 56.31
CA GLY D 301 2.94 3.62 55.12
C GLY D 301 2.30 4.41 54.01
N TYR D 302 1.07 4.04 53.62
CA TYR D 302 0.24 4.77 52.63
C TYR D 302 0.21 6.26 53.00
N ILE D 303 -0.32 6.56 54.18
CA ILE D 303 -0.48 7.95 54.70
C ILE D 303 0.88 8.66 54.62
N VAL D 304 1.94 7.97 55.06
CA VAL D 304 3.33 8.50 55.11
C VAL D 304 3.81 8.73 53.68
N GLU D 305 3.93 7.65 52.91
CA GLU D 305 4.70 7.60 51.64
C GLU D 305 3.90 8.23 50.50
N GLU D 306 2.58 8.01 50.46
CA GLU D 306 1.73 8.32 49.29
C GLU D 306 0.98 9.65 49.47
N MET D 307 0.47 9.93 50.68
CA MET D 307 -0.36 11.12 50.97
C MET D 307 0.53 12.33 51.26
N PHE D 308 1.55 12.16 52.11
CA PHE D 308 2.43 13.25 52.62
C PHE D 308 3.84 13.16 52.01
N ARG D 309 4.12 12.12 51.23
CA ARG D 309 5.40 11.89 50.50
C ARG D 309 6.57 11.86 51.49
N GLY D 310 6.31 11.44 52.73
CA GLY D 310 7.33 11.30 53.79
C GLY D 310 7.86 12.65 54.26
N LYS D 311 7.05 13.70 54.15
CA LYS D 311 7.39 15.09 54.55
C LYS D 311 6.24 15.68 55.37
N SER D 312 6.58 16.40 56.43
CA SER D 312 5.62 17.18 57.25
C SER D 312 5.07 18.33 56.41
N PRO D 313 3.74 18.43 56.22
CA PRO D 313 3.16 19.52 55.44
C PRO D 313 3.24 20.85 56.18
N ILE D 314 3.44 20.83 57.50
CA ILE D 314 3.59 22.05 58.36
C ILE D 314 4.92 22.72 58.03
N SER D 315 6.03 22.00 58.24
CA SER D 315 7.42 22.52 58.10
C SER D 315 8.01 22.12 56.76
N GLY D 316 8.11 20.80 56.51
CA GLY D 316 8.78 20.23 55.32
C GLY D 316 10.07 19.53 55.70
N TYR D 317 10.03 18.71 56.75
CA TYR D 317 11.15 17.84 57.20
C TYR D 317 10.74 16.37 57.02
N SER D 318 11.72 15.47 57.04
CA SER D 318 11.54 13.99 56.93
C SER D 318 12.21 13.27 58.10
N THR D 319 12.45 14.00 59.20
CA THR D 319 13.35 13.60 60.32
C THR D 319 12.58 13.65 61.65
N LYS D 320 12.43 12.49 62.30
CA LYS D 320 11.72 12.32 63.60
C LYS D 320 10.30 12.89 63.45
N LEU D 321 9.44 12.15 62.74
CA LEU D 321 8.04 12.52 62.43
C LEU D 321 7.10 11.71 63.31
N ALA D 322 5.79 12.02 63.23
CA ALA D 322 4.71 11.35 63.99
C ALA D 322 3.37 11.64 63.32
N LEU D 323 2.36 10.81 63.61
CA LEU D 323 0.96 11.01 63.16
C LEU D 323 0.18 11.69 64.30
N THR D 324 -0.98 12.26 63.97
CA THR D 324 -1.92 12.88 64.93
C THR D 324 -3.32 13.02 64.33
N LYS D 325 -4.34 13.01 65.18
CA LYS D 325 -5.72 13.40 64.81
C LYS D 325 -5.71 14.88 64.44
N TRP D 326 -6.22 15.21 63.25
CA TRP D 326 -6.30 16.59 62.71
C TRP D 326 -7.33 17.39 63.53
N GLU D 327 -8.63 17.21 63.27
CA GLU D 327 -9.75 17.90 63.98
C GLU D 327 -10.12 17.09 65.24
N ALA D 328 -10.49 17.78 66.32
CA ALA D 328 -10.72 17.20 67.67
C ALA D 328 -12.10 16.56 67.76
N ASN D 329 -13.13 17.25 67.25
CA ASN D 329 -14.56 16.83 67.30
C ASN D 329 -14.77 15.65 66.35
N LYS D 330 -14.26 15.73 65.12
CA LYS D 330 -14.52 14.75 64.03
C LYS D 330 -13.79 13.44 64.32
N GLU D 331 -14.19 12.37 63.61
CA GLU D 331 -13.76 10.98 63.87
C GLU D 331 -12.37 10.75 63.24
N ILE D 332 -11.59 9.84 63.85
CA ILE D 332 -10.30 9.31 63.31
C ILE D 332 -10.58 8.56 61.99
N SER D 333 -9.84 8.89 60.93
CA SER D 333 -9.90 8.26 59.59
C SER D 333 -8.68 8.70 58.77
N LEU D 334 -8.68 8.43 57.46
CA LEU D 334 -7.58 8.82 56.55
C LEU D 334 -7.69 10.32 56.21
N THR D 335 -8.93 10.83 56.15
CA THR D 335 -9.23 12.24 55.78
C THR D 335 -9.18 13.15 57.02
N ASN D 336 -8.66 12.66 58.16
CA ASN D 336 -8.55 13.45 59.42
C ASN D 336 -7.34 13.00 60.25
N VAL D 337 -6.27 12.54 59.61
CA VAL D 337 -4.98 12.20 60.28
C VAL D 337 -3.86 12.85 59.48
N VAL D 338 -3.12 13.77 60.11
CA VAL D 338 -2.00 14.52 59.47
C VAL D 338 -0.69 14.05 60.07
N LEU D 339 0.36 14.06 59.24
CA LEU D 339 1.75 13.68 59.60
C LEU D 339 2.50 14.96 59.93
N MET D 340 3.51 14.90 60.82
CA MET D 340 4.35 16.07 61.17
C MET D 340 5.53 15.63 62.05
N THR D 341 6.42 16.56 62.39
CA THR D 341 7.51 16.37 63.39
C THR D 341 6.86 16.25 64.78
N LYS D 342 7.41 15.40 65.66
CA LYS D 342 6.92 15.22 67.05
C LYS D 342 6.86 16.60 67.73
N GLU D 343 7.89 17.43 67.48
CA GLU D 343 7.95 18.89 67.78
C GLU D 343 6.57 19.51 67.47
N GLU D 344 6.05 19.26 66.27
CA GLU D 344 4.75 19.80 65.77
C GLU D 344 3.59 18.99 66.35
N GLN D 345 3.76 17.68 66.51
CA GLN D 345 2.75 16.80 67.17
C GLN D 345 2.42 17.41 68.54
N GLU D 346 3.40 17.44 69.45
CA GLU D 346 3.24 17.96 70.84
C GLU D 346 2.42 19.25 70.82
N ILE D 347 2.80 20.21 69.97
CA ILE D 347 2.16 21.56 69.89
C ILE D 347 0.70 21.38 69.48
N HIS D 348 0.45 20.63 68.40
CA HIS D 348 -0.91 20.33 67.88
C HIS D 348 -1.76 19.75 69.02
N GLU D 349 -1.23 18.74 69.73
CA GLU D 349 -1.93 17.99 70.80
C GLU D 349 -2.38 18.96 71.90
N LYS D 350 -1.52 19.93 72.27
CA LYS D 350 -1.70 20.81 73.46
C LYS D 350 -2.22 22.19 73.03
N ARG D 351 -2.98 22.27 71.93
CA ARG D 351 -3.56 23.54 71.41
C ARG D 351 -4.96 23.30 70.83
N ILE D 352 -5.13 22.34 69.91
CA ILE D 352 -6.41 22.07 69.19
C ILE D 352 -7.05 20.78 69.73
N LEU D 353 -6.24 19.77 70.10
CA LEU D 353 -6.76 18.48 70.66
C LEU D 353 -7.25 18.71 72.10
N LEU D 354 -6.34 19.03 73.03
CA LEU D 354 -6.65 19.16 74.48
C LEU D 354 -7.37 20.49 74.74
N ASP D 355 -6.63 21.61 74.74
CA ASP D 355 -7.14 22.97 75.09
C ASP D 355 -8.44 23.23 74.30
N GLY D 356 -8.38 23.12 72.96
CA GLY D 356 -9.54 23.12 72.07
C GLY D 356 -9.65 24.37 71.19
N GLU D 357 -8.52 24.97 70.82
CA GLU D 357 -8.46 26.19 69.95
C GLU D 357 -8.98 25.85 68.55
N LYS D 358 -9.11 26.86 67.67
CA LYS D 358 -9.47 26.67 66.24
C LYS D 358 -8.19 26.52 65.43
N LEU D 359 -8.32 26.21 64.14
CA LEU D 359 -7.21 25.77 63.24
C LEU D 359 -6.49 26.99 62.62
N THR D 360 -7.12 28.17 62.67
CA THR D 360 -6.65 29.41 62.01
C THR D 360 -5.70 30.20 62.94
N ALA D 361 -5.58 29.79 64.22
CA ALA D 361 -4.75 30.45 65.25
C ALA D 361 -3.60 29.52 65.69
N VAL D 362 -3.22 28.58 64.81
CA VAL D 362 -2.10 27.62 65.04
C VAL D 362 -1.23 27.53 63.77
N TYR D 363 -1.86 27.57 62.59
CA TYR D 363 -1.22 27.39 61.27
C TYR D 363 -1.64 28.51 60.32
N SER D 364 -0.83 28.76 59.30
CA SER D 364 -1.03 29.81 58.25
C SER D 364 -2.13 29.37 57.27
N GLU D 365 -2.68 30.31 56.51
CA GLU D 365 -3.63 30.04 55.39
C GLU D 365 -2.97 29.07 54.41
N GLU D 366 -1.70 29.31 54.06
CA GLU D 366 -0.91 28.50 53.09
C GLU D 366 -1.08 27.02 53.41
N VAL D 367 -0.77 26.63 54.65
CA VAL D 367 -0.75 25.22 55.12
C VAL D 367 -2.17 24.66 55.09
N LEU D 368 -3.15 25.41 55.59
CA LEU D 368 -4.57 24.95 55.72
C LEU D 368 -5.11 24.53 54.36
N ASP D 369 -4.87 25.32 53.31
CA ASP D 369 -5.29 24.97 51.92
C ASP D 369 -4.51 23.73 51.47
N PHE D 370 -3.17 23.78 51.58
CA PHE D 370 -2.24 22.68 51.23
C PHE D 370 -2.72 21.37 51.87
N ILE D 371 -3.07 21.41 53.16
CA ILE D 371 -3.61 20.24 53.93
C ILE D 371 -4.89 19.76 53.24
N GLU D 372 -5.86 20.67 53.07
CA GLU D 372 -7.17 20.36 52.45
C GLU D 372 -6.94 19.64 51.13
N ARG D 373 -6.16 20.23 50.22
CA ARG D 373 -5.96 19.73 48.84
C ARG D 373 -5.39 18.30 48.86
N LEU D 374 -4.63 17.94 49.91
CA LEU D 374 -4.06 16.58 50.10
C LEU D 374 -5.17 15.61 50.52
N PHE D 375 -6.12 16.07 51.34
CA PHE D 375 -7.33 15.31 51.72
C PHE D 375 -8.24 15.19 50.50
N LYS D 376 -8.49 16.31 49.81
CA LYS D 376 -9.39 16.39 48.63
C LYS D 376 -8.99 15.33 47.59
N GLU D 377 -7.68 15.11 47.39
CA GLU D 377 -7.19 14.08 46.44
C GLU D 377 -7.44 12.69 47.04
N GLU D 378 -7.04 12.46 48.30
CA GLU D 378 -7.15 11.13 48.96
C GLU D 378 -8.59 10.61 48.83
N GLU D 379 -9.59 11.48 48.95
CA GLU D 379 -11.03 11.10 48.92
C GLU D 379 -11.40 10.60 47.50
N TYR D 380 -10.62 10.99 46.48
CA TYR D 380 -10.80 10.51 45.08
C TYR D 380 -10.51 9.00 45.01
N TYR D 381 -9.54 8.52 45.79
CA TYR D 381 -9.05 7.11 45.77
C TYR D 381 -9.94 6.20 46.63
N SER D 382 -10.78 6.78 47.51
CA SER D 382 -11.69 6.05 48.44
C SER D 382 -12.81 5.34 47.67
#